data_9JXX
#
_entry.id   9JXX
#
_cell.length_a   79.468
_cell.length_b   81.839
_cell.length_c   86.217
_cell.angle_alpha   75.47
_cell.angle_beta   87.09
_cell.angle_gamma   61.09
#
_symmetry.space_group_name_H-M   'P 1'
#
loop_
_entity.id
_entity.type
_entity.pdbx_description
1 polymer 'PIN domain-containing protein'
2 polymer "RNA (5'-R(P*AP*AP*AP*A)-3')"
3 water water
#
loop_
_entity_poly.entity_id
_entity_poly.type
_entity_poly.pdbx_seq_one_letter_code
_entity_poly.pdbx_strand_id
1 'polypeptide(L)'
;MLILATLGSDKSVTTINAILTEIFTGLNPNKIIIFREDPQKKDIKGMEKALEYLGVNTLIEEKVIGEGIKLWREKIRNEE
IDIFDITPGRKYMALSATYYSRAEEIRYVYLKDEREGYNIFGYVPFEQLKVINVRIGDEIPYDPPLTQNVNEAESLLDVD
SLRAFINILGLHGKVEINGIDLENPDQVEEICLFRSGKYKYEEEKDIIKEAERGSLFLADTNVYIRLGNRLRSLVYNRKY
GFRLLSSKNTFNELYNHTAQDTQKIDENKVKFILGMLSYRSLHVPPITSQVRSSGDMGLINEALEIKKNVEDNVVLITAD
KALGLTAQSKGLRTIILSKVRKEIGEWDIGELLFCLSFYNDYRNGIRRMIEISLNGSKIAELHSYYHLQERRVKVRVVDK
RYNYPKILEILSEILATADQAAAHHHHHH
;
B,D,A,C
2 'polyribonucleotide' AAAA Y,X
#
# COMPACT_ATOMS: atom_id res chain seq x y z
N LEU A 2 -13.91 35.03 44.82
CA LEU A 2 -12.49 34.88 44.55
C LEU A 2 -12.11 33.40 44.61
N ILE A 3 -12.92 32.56 43.96
CA ILE A 3 -12.78 31.11 44.00
C ILE A 3 -12.70 30.61 42.56
N LEU A 4 -11.63 29.88 42.25
CA LEU A 4 -11.46 29.27 40.94
C LEU A 4 -11.69 27.77 41.05
N ALA A 5 -12.48 27.22 40.12
CA ALA A 5 -12.78 25.80 40.11
C ALA A 5 -12.31 25.17 38.80
N THR A 6 -12.00 23.88 38.87
CA THR A 6 -11.62 23.12 37.68
C THR A 6 -11.87 21.65 37.96
N LEU A 7 -11.83 20.86 36.90
CA LEU A 7 -12.14 19.44 36.96
C LEU A 7 -10.85 18.63 37.09
N GLY A 8 -10.91 17.55 37.87
CA GLY A 8 -9.75 16.71 38.07
C GLY A 8 -9.76 15.45 37.22
N SER A 9 -8.97 15.46 36.15
CA SER A 9 -8.88 14.30 35.29
C SER A 9 -7.89 13.28 35.86
N ASP A 10 -7.84 12.11 35.22
CA ASP A 10 -6.82 11.14 35.59
C ASP A 10 -5.42 11.65 35.25
N LYS A 11 -5.29 12.42 34.17
CA LYS A 11 -4.05 13.09 33.84
C LYS A 11 -3.90 14.33 34.72
N SER A 12 -2.72 14.49 35.32
CA SER A 12 -2.44 15.69 36.11
C SER A 12 -2.19 16.90 35.24
N VAL A 13 -1.67 16.70 34.03
CA VAL A 13 -1.19 17.82 33.22
C VAL A 13 -2.35 18.71 32.77
N THR A 14 -3.51 18.11 32.46
CA THR A 14 -4.63 18.91 31.98
C THR A 14 -5.22 19.77 33.09
N THR A 15 -5.46 19.17 34.26
CA THR A 15 -5.97 19.94 35.39
C THR A 15 -4.97 21.01 35.82
N ILE A 16 -3.68 20.67 35.87
CA ILE A 16 -2.67 21.64 36.26
C ILE A 16 -2.60 22.79 35.26
N ASN A 17 -2.51 22.45 33.96
CA ASN A 17 -2.36 23.49 32.95
C ASN A 17 -3.63 24.33 32.80
N ALA A 18 -4.80 23.74 33.06
CA ALA A 18 -6.03 24.53 33.08
C ALA A 18 -5.99 25.56 34.19
N ILE A 19 -5.50 25.18 35.37
CA ILE A 19 -5.35 26.12 36.48
C ILE A 19 -4.35 27.21 36.12
N LEU A 20 -3.19 26.81 35.57
CA LEU A 20 -2.14 27.78 35.27
C LEU A 20 -2.56 28.75 34.18
N THR A 21 -3.28 28.26 33.16
CA THR A 21 -3.74 29.15 32.09
C THR A 21 -4.71 30.20 32.64
N GLU A 22 -5.61 29.79 33.54
CA GLU A 22 -6.54 30.74 34.13
C GLU A 22 -5.83 31.80 34.95
N ILE A 23 -4.78 31.40 35.68
CA ILE A 23 -3.99 32.38 36.43
C ILE A 23 -3.35 33.37 35.46
N PHE A 24 -3.01 32.93 34.26
CA PHE A 24 -2.38 33.81 33.28
C PHE A 24 -3.39 34.65 32.51
N THR A 25 -4.69 34.52 32.79
CA THR A 25 -5.67 35.50 32.37
C THR A 25 -5.93 36.56 33.43
N GLY A 26 -4.98 36.75 34.35
CA GLY A 26 -5.09 37.78 35.37
C GLY A 26 -5.72 37.35 36.68
N LEU A 27 -6.22 36.11 36.77
CA LEU A 27 -6.90 35.68 37.98
C LEU A 27 -5.90 35.46 39.11
N ASN A 28 -6.27 35.92 40.31
CA ASN A 28 -5.49 35.72 41.53
C ASN A 28 -6.42 35.17 42.60
N PRO A 29 -6.74 33.88 42.55
CA PRO A 29 -7.70 33.30 43.48
C PRO A 29 -7.11 33.11 44.87
N ASN A 30 -8.01 33.10 45.85
CA ASN A 30 -7.65 32.70 47.21
C ASN A 30 -7.91 31.23 47.46
N LYS A 31 -8.85 30.65 46.72
CA LYS A 31 -9.25 29.25 46.89
C LYS A 31 -9.42 28.62 45.52
N ILE A 32 -8.88 27.42 45.35
CA ILE A 32 -9.03 26.64 44.12
C ILE A 32 -9.65 25.30 44.47
N ILE A 33 -10.74 24.97 43.80
CA ILE A 33 -11.47 23.72 44.03
C ILE A 33 -11.25 22.82 42.82
N ILE A 34 -10.81 21.59 43.07
CA ILE A 34 -10.61 20.60 42.01
C ILE A 34 -11.64 19.50 42.24
N PHE A 35 -12.62 19.43 41.34
CA PHE A 35 -13.70 18.45 41.43
C PHE A 35 -13.27 17.17 40.73
N ARG A 36 -13.19 16.07 41.48
CA ARG A 36 -12.71 14.80 40.96
C ARG A 36 -13.81 13.75 40.97
N GLU A 37 -13.54 12.65 40.27
CA GLU A 37 -14.44 11.51 40.16
C GLU A 37 -13.95 10.29 40.91
N ASP A 38 -12.66 10.03 40.89
CA ASP A 38 -12.09 8.85 41.52
C ASP A 38 -11.38 9.23 42.82
N PRO A 39 -11.27 8.30 43.78
CA PRO A 39 -10.66 8.63 45.07
C PRO A 39 -9.19 8.99 45.00
N GLN A 40 -8.60 9.06 43.80
CA GLN A 40 -7.18 9.37 43.67
C GLN A 40 -6.89 10.80 44.10
N LYS A 41 -5.60 11.06 44.36
CA LYS A 41 -5.13 12.37 44.77
C LYS A 41 -3.98 12.82 43.88
N LYS A 42 -3.29 13.89 44.27
CA LYS A 42 -2.05 14.27 43.60
C LYS A 42 -0.83 13.58 44.17
N ASP A 43 -0.94 13.06 45.39
CA ASP A 43 0.07 12.30 46.14
C ASP A 43 1.22 13.18 46.61
N ILE A 44 1.36 14.35 45.97
CA ILE A 44 2.22 15.45 46.42
C ILE A 44 1.91 16.60 45.46
N LYS A 45 2.06 17.84 45.91
CA LYS A 45 1.94 18.95 44.97
C LYS A 45 2.72 20.14 45.51
N GLY A 46 3.66 20.62 44.71
CA GLY A 46 4.32 21.89 44.95
C GLY A 46 3.54 22.98 44.24
N MET A 47 2.30 22.66 43.90
CA MET A 47 1.43 23.60 43.21
C MET A 47 1.24 24.88 44.02
N GLU A 48 1.02 24.74 45.33
CA GLU A 48 0.91 25.92 46.17
C GLU A 48 2.19 26.73 46.14
N LYS A 49 3.34 26.06 46.18
CA LYS A 49 4.62 26.76 46.05
C LYS A 49 4.80 27.31 44.65
N ALA A 50 4.38 26.55 43.63
CA ALA A 50 4.45 27.06 42.27
C ALA A 50 3.56 28.29 42.09
N LEU A 51 2.34 28.23 42.63
CA LEU A 51 1.43 29.36 42.52
C LEU A 51 1.87 30.51 43.43
N GLU A 52 2.51 30.20 44.56
CA GLU A 52 3.04 31.25 45.43
C GLU A 52 4.09 32.08 44.69
N TYR A 53 4.93 31.42 43.89
CA TYR A 53 5.91 32.15 43.10
C TYR A 53 5.25 33.06 42.06
N LEU A 54 3.97 32.85 41.77
CA LEU A 54 3.22 33.70 40.85
C LEU A 54 2.38 34.75 41.57
N GLY A 55 2.60 34.95 42.87
CA GLY A 55 1.79 35.87 43.63
C GLY A 55 0.40 35.36 43.91
N VAL A 56 0.20 34.06 43.89
CA VAL A 56 -1.10 33.45 44.15
C VAL A 56 -0.94 32.72 45.47
N ASN A 57 -1.37 33.37 46.56
CA ASN A 57 -1.41 32.74 47.88
C ASN A 57 -2.79 32.10 48.02
N THR A 58 -2.86 30.81 47.74
CA THR A 58 -4.14 30.13 47.57
C THR A 58 -4.15 28.83 48.36
N LEU A 59 -5.36 28.34 48.59
CA LEU A 59 -5.58 27.01 49.14
C LEU A 59 -6.24 26.16 48.07
N ILE A 60 -5.74 24.93 47.88
CA ILE A 60 -6.23 24.02 46.85
C ILE A 60 -7.01 22.92 47.53
N GLU A 61 -8.27 22.76 47.13
CA GLU A 61 -9.17 21.78 47.72
C GLU A 61 -9.60 20.76 46.68
N GLU A 62 -9.71 19.50 47.11
CA GLU A 62 -10.04 18.39 46.24
C GLU A 62 -11.32 17.73 46.73
N LYS A 63 -12.36 17.77 45.90
CA LYS A 63 -13.68 17.24 46.25
C LYS A 63 -13.94 15.99 45.41
N VAL A 64 -13.94 14.84 46.06
CA VAL A 64 -14.30 13.59 45.41
C VAL A 64 -15.82 13.47 45.41
N ILE A 65 -16.38 12.98 44.30
CA ILE A 65 -17.83 12.82 44.19
C ILE A 65 -18.16 11.36 43.87
N GLY A 66 -17.66 10.85 42.76
CA GLY A 66 -17.91 9.47 42.37
C GLY A 66 -18.72 9.32 41.09
N GLU A 67 -18.52 8.19 40.41
CA GLU A 67 -19.14 7.93 39.11
C GLU A 67 -20.62 8.27 39.11
N GLY A 68 -21.07 8.93 38.03
CA GLY A 68 -22.48 9.16 37.86
C GLY A 68 -22.87 10.57 37.46
N ILE A 69 -23.78 10.68 36.48
CA ILE A 69 -24.34 11.99 36.14
C ILE A 69 -25.21 12.51 37.28
N LYS A 70 -25.96 11.62 37.94
CA LYS A 70 -26.87 12.04 38.99
C LYS A 70 -26.11 12.65 40.16
N LEU A 71 -25.05 11.97 40.63
CA LEU A 71 -24.30 12.47 41.77
C LEU A 71 -23.64 13.80 41.46
N TRP A 72 -23.17 13.98 40.22
CA TRP A 72 -22.57 15.25 39.83
C TRP A 72 -23.58 16.38 39.88
N ARG A 73 -24.78 16.14 39.36
CA ARG A 73 -25.80 17.18 39.35
C ARG A 73 -26.18 17.61 40.77
N GLU A 74 -26.09 16.70 41.73
CA GLU A 74 -26.46 17.02 43.10
C GLU A 74 -25.44 17.95 43.75
N LYS A 75 -24.16 17.59 43.68
CA LYS A 75 -23.14 18.17 44.54
C LYS A 75 -22.46 19.40 43.95
N ILE A 76 -22.96 19.94 42.83
CA ILE A 76 -22.26 21.02 42.15
C ILE A 76 -22.98 22.35 42.37
N ARG A 77 -24.30 22.30 42.54
CA ARG A 77 -25.07 23.54 42.68
C ARG A 77 -24.64 24.31 43.92
N ASN A 78 -24.55 23.62 45.06
CA ASN A 78 -24.33 24.32 46.32
C ASN A 78 -22.96 24.99 46.41
N GLU A 79 -21.98 24.52 45.64
CA GLU A 79 -20.63 25.05 45.73
C GLU A 79 -20.56 26.47 45.18
N GLU A 80 -20.18 27.41 46.03
CA GLU A 80 -20.06 28.81 45.62
C GLU A 80 -18.72 29.01 44.90
N ILE A 81 -18.78 29.37 43.63
CA ILE A 81 -17.61 29.52 42.78
C ILE A 81 -17.79 30.74 41.90
N ASP A 82 -16.70 31.49 41.67
CA ASP A 82 -16.72 32.59 40.72
C ASP A 82 -16.41 32.11 39.30
N ILE A 83 -15.26 31.44 39.13
CA ILE A 83 -14.74 31.07 37.82
C ILE A 83 -14.55 29.56 37.79
N PHE A 84 -15.23 28.89 36.87
CA PHE A 84 -15.14 27.45 36.71
C PHE A 84 -14.58 27.14 35.33
N ASP A 85 -13.48 26.41 35.29
CA ASP A 85 -12.87 25.93 34.05
C ASP A 85 -13.18 24.45 33.90
N ILE A 86 -13.72 24.06 32.75
CA ILE A 86 -14.22 22.71 32.52
C ILE A 86 -13.36 21.97 31.49
N THR A 87 -12.18 22.49 31.17
CA THR A 87 -11.35 21.86 30.15
C THR A 87 -10.93 20.43 30.48
N PRO A 88 -10.46 20.09 31.68
CA PRO A 88 -10.04 18.71 31.95
C PRO A 88 -11.25 17.81 32.19
N GLY A 89 -10.95 16.53 32.40
CA GLY A 89 -11.95 15.57 32.82
C GLY A 89 -12.81 15.04 31.67
N ARG A 90 -13.75 14.18 32.05
CA ARG A 90 -14.68 13.60 31.08
C ARG A 90 -15.68 14.65 30.62
N LYS A 91 -16.39 14.34 29.53
CA LYS A 91 -17.41 15.25 29.03
C LYS A 91 -18.50 15.46 30.07
N TYR A 92 -19.02 14.37 30.67
CA TYR A 92 -20.19 14.49 31.53
C TYR A 92 -19.92 15.39 32.73
N MET A 93 -18.72 15.28 33.33
CA MET A 93 -18.38 16.19 34.42
C MET A 93 -18.34 17.63 33.93
N ALA A 94 -17.85 17.85 32.71
CA ALA A 94 -17.90 19.18 32.11
C ALA A 94 -19.34 19.58 31.79
N LEU A 95 -20.16 18.62 31.38
CA LEU A 95 -21.54 18.92 31.03
C LEU A 95 -22.34 19.40 32.24
N SER A 96 -22.16 18.74 33.39
CA SER A 96 -22.93 19.10 34.57
C SER A 96 -22.46 20.43 35.17
N ALA A 97 -21.14 20.66 35.18
CA ALA A 97 -20.59 21.89 35.73
C ALA A 97 -20.93 23.11 34.88
N THR A 98 -21.45 22.92 33.68
CA THR A 98 -21.87 24.03 32.84
C THR A 98 -23.34 24.40 33.07
N TYR A 99 -24.17 23.43 33.46
CA TYR A 99 -25.61 23.64 33.59
C TYR A 99 -26.07 23.78 35.03
N TYR A 100 -25.39 23.14 35.97
CA TYR A 100 -25.87 23.07 37.35
C TYR A 100 -24.84 23.63 38.34
N SER A 101 -24.11 24.66 37.96
CA SER A 101 -23.07 25.22 38.79
C SER A 101 -23.42 26.65 39.21
N ARG A 102 -22.88 27.06 40.36
CA ARG A 102 -23.05 28.41 40.86
C ARG A 102 -22.07 29.40 40.27
N ALA A 103 -21.15 28.94 39.42
CA ALA A 103 -20.15 29.83 38.86
C ALA A 103 -20.79 30.82 37.89
N GLU A 104 -20.42 32.09 38.04
CA GLU A 104 -20.97 33.14 37.18
C GLU A 104 -20.40 33.08 35.76
N GLU A 105 -19.27 32.41 35.57
CA GLU A 105 -18.56 32.46 34.30
C GLU A 105 -17.89 31.11 34.05
N ILE A 106 -18.30 30.42 32.99
CA ILE A 106 -17.78 29.10 32.65
C ILE A 106 -16.80 29.27 31.50
N ARG A 107 -15.62 28.66 31.62
CA ARG A 107 -14.55 28.87 30.68
C ARG A 107 -14.01 27.55 30.14
N TYR A 108 -13.36 27.65 28.98
CA TYR A 108 -12.80 26.52 28.26
C TYR A 108 -11.50 26.95 27.61
N VAL A 109 -10.43 26.21 27.85
CA VAL A 109 -9.15 26.49 27.23
C VAL A 109 -9.10 25.73 25.91
N TYR A 110 -9.21 26.45 24.81
CA TYR A 110 -9.32 25.86 23.48
C TYR A 110 -7.93 25.74 22.87
N LEU A 111 -7.51 24.52 22.58
CA LEU A 111 -6.22 24.24 21.96
C LEU A 111 -6.44 23.99 20.48
N LYS A 112 -5.81 24.80 19.64
CA LYS A 112 -6.01 24.69 18.20
C LYS A 112 -5.59 23.31 17.69
N ASP A 113 -4.36 22.91 18.00
CA ASP A 113 -3.81 21.63 17.54
C ASP A 113 -3.56 20.76 18.76
N GLU A 114 -4.44 19.79 19.00
CA GLU A 114 -4.34 18.94 20.18
C GLU A 114 -3.07 18.11 20.18
N ARG A 115 -2.41 17.96 19.04
CA ARG A 115 -1.14 17.25 18.99
C ARG A 115 -0.07 17.92 19.85
N GLU A 116 -0.22 19.21 20.14
CA GLU A 116 0.75 19.96 20.93
C GLU A 116 0.43 19.93 22.43
N GLY A 117 -0.67 19.30 22.84
CA GLY A 117 -1.12 19.37 24.21
C GLY A 117 -0.46 18.34 25.11
N TYR A 118 -0.97 18.27 26.35
CA TYR A 118 -0.53 17.30 27.35
C TYR A 118 0.95 17.42 27.67
N ASN A 119 1.50 18.62 27.50
CA ASN A 119 2.88 18.93 27.82
C ASN A 119 2.92 19.93 28.97
N ILE A 120 4.15 20.21 29.42
CA ILE A 120 4.35 21.18 30.50
C ILE A 120 3.75 22.54 30.09
N PHE A 121 3.29 23.28 31.08
CA PHE A 121 2.65 24.58 30.81
C PHE A 121 3.61 25.52 30.10
N GLY A 122 3.08 26.24 29.11
CA GLY A 122 3.89 27.11 28.29
C GLY A 122 4.55 26.44 27.10
N TYR A 123 4.40 25.12 26.96
CA TYR A 123 4.98 24.44 25.82
C TYR A 123 4.30 24.87 24.52
N VAL A 124 2.98 24.87 24.50
CA VAL A 124 2.24 25.37 23.33
C VAL A 124 2.48 26.86 23.20
N PRO A 125 2.77 27.37 22.00
CA PRO A 125 2.78 28.82 21.80
C PRO A 125 1.41 29.39 22.14
N PHE A 126 1.41 30.44 22.97
CA PHE A 126 0.15 30.96 23.49
C PHE A 126 -0.73 31.56 22.40
N GLU A 127 -0.17 31.84 21.22
CA GLU A 127 -0.98 32.22 20.07
C GLU A 127 -1.95 31.11 19.67
N GLN A 128 -1.57 29.86 19.91
CA GLN A 128 -2.40 28.70 19.61
C GLN A 128 -3.37 28.36 20.74
N LEU A 129 -3.36 29.13 21.83
CA LEU A 129 -4.10 28.79 23.05
C LEU A 129 -5.10 29.91 23.34
N LYS A 130 -6.39 29.58 23.26
CA LYS A 130 -7.46 30.56 23.44
C LYS A 130 -8.27 30.20 24.68
N VAL A 131 -8.39 31.13 25.62
CA VAL A 131 -9.29 30.99 26.75
C VAL A 131 -10.64 31.58 26.36
N ILE A 132 -11.69 30.79 26.51
CA ILE A 132 -13.01 31.10 25.97
C ILE A 132 -14.04 31.05 27.08
N ASN A 133 -14.91 32.06 27.14
CA ASN A 133 -16.12 31.98 27.93
C ASN A 133 -17.21 31.33 27.08
N VAL A 134 -17.66 30.15 27.48
CA VAL A 134 -18.54 29.35 26.62
C VAL A 134 -19.93 29.96 26.48
N ARG A 135 -20.34 30.82 27.39
CA ARG A 135 -21.67 31.43 27.30
C ARG A 135 -21.77 32.32 26.07
N ILE A 136 -20.85 33.26 25.92
CA ILE A 136 -20.85 34.12 24.75
C ILE A 136 -19.85 33.55 23.74
N GLY A 137 -18.56 33.57 24.09
CA GLY A 137 -17.55 33.07 23.17
C GLY A 137 -16.40 34.03 22.98
N ASP A 138 -16.29 35.02 23.86
CA ASP A 138 -15.18 35.97 23.78
C ASP A 138 -13.85 35.29 24.05
N GLU A 139 -12.83 35.67 23.30
CA GLU A 139 -11.47 35.30 23.63
C GLU A 139 -10.98 36.20 24.77
N ILE A 140 -10.54 35.58 25.86
CA ILE A 140 -10.10 36.32 27.04
C ILE A 140 -8.60 36.56 26.90
N PRO A 141 -8.14 37.81 26.90
CA PRO A 141 -6.71 38.06 26.69
C PRO A 141 -5.87 37.59 27.87
N TYR A 142 -4.61 37.32 27.57
CA TYR A 142 -3.68 36.86 28.59
C TYR A 142 -3.17 38.04 29.41
N ASP A 143 -3.10 37.83 30.72
CA ASP A 143 -2.61 38.83 31.68
C ASP A 143 -1.61 38.14 32.58
N PRO A 144 -0.38 37.95 32.09
CA PRO A 144 0.57 37.06 32.77
C PRO A 144 1.09 37.68 34.06
N PRO A 145 1.10 36.93 35.16
CA PRO A 145 1.68 37.44 36.40
C PRO A 145 3.19 37.37 36.41
N LEU A 146 3.82 38.33 37.08
CA LEU A 146 5.24 38.27 37.34
C LEU A 146 5.53 37.25 38.44
N THR A 147 6.80 37.04 38.72
CA THR A 147 7.22 36.10 39.76
C THR A 147 7.59 36.85 41.02
N GLN A 148 7.20 36.30 42.18
CA GLN A 148 7.51 36.88 43.48
C GLN A 148 8.14 35.83 44.39
N ASN A 149 8.98 36.30 45.31
CA ASN A 149 9.46 35.51 46.45
C ASN A 149 10.19 34.25 46.00
N VAL A 150 11.14 34.40 45.08
CA VAL A 150 11.85 33.23 44.55
C VAL A 150 13.23 33.11 45.22
N ASN A 151 14.09 34.09 44.99
CA ASN A 151 15.41 34.23 45.63
C ASN A 151 16.38 33.11 45.23
N GLU A 152 15.95 32.14 44.44
CA GLU A 152 16.81 31.09 43.91
C GLU A 152 16.91 31.32 42.41
N ALA A 153 18.08 31.81 41.97
CA ALA A 153 18.22 32.25 40.58
C ALA A 153 18.37 31.10 39.60
N GLU A 154 18.91 29.97 40.04
CA GLU A 154 19.33 28.91 39.16
C GLU A 154 18.29 27.79 39.09
N SER A 155 18.17 27.19 37.91
CA SER A 155 17.23 26.10 37.68
C SER A 155 17.81 25.16 36.64
N LEU A 156 17.31 23.92 36.65
CA LEU A 156 17.68 22.91 35.66
C LEU A 156 16.43 22.55 34.87
N LEU A 157 16.48 22.77 33.56
CA LEU A 157 15.32 22.60 32.68
C LEU A 157 15.63 21.60 31.58
N ASP A 158 14.65 20.76 31.27
CA ASP A 158 14.77 19.91 30.09
C ASP A 158 14.49 20.74 28.83
N VAL A 159 14.52 20.09 27.67
CA VAL A 159 14.34 20.80 26.41
C VAL A 159 12.96 21.45 26.35
N ASP A 160 11.94 20.74 26.83
CA ASP A 160 10.58 21.24 26.71
C ASP A 160 10.30 22.39 27.69
N SER A 161 10.98 22.41 28.84
CA SER A 161 10.79 23.51 29.78
C SER A 161 11.48 24.78 29.29
N LEU A 162 12.66 24.64 28.67
CA LEU A 162 13.32 25.82 28.11
C LEU A 162 12.48 26.45 27.02
N ARG A 163 11.82 25.63 26.20
CA ARG A 163 10.87 26.16 25.22
C ARG A 163 9.67 26.78 25.91
N ALA A 164 9.20 26.17 27.00
CA ALA A 164 8.11 26.76 27.78
C ALA A 164 8.53 28.08 28.40
N PHE A 165 9.80 28.20 28.80
CA PHE A 165 10.31 29.45 29.34
C PHE A 165 10.22 30.56 28.29
N ILE A 166 10.65 30.27 27.06
CA ILE A 166 10.61 31.29 26.01
C ILE A 166 9.18 31.71 25.70
N ASN A 167 8.26 30.76 25.64
CA ASN A 167 6.88 31.09 25.28
C ASN A 167 6.18 31.89 26.36
N ILE A 168 6.36 31.52 27.63
CA ILE A 168 5.76 32.28 28.72
C ILE A 168 6.36 33.67 28.78
N LEU A 169 7.69 33.77 28.65
CA LEU A 169 8.35 35.06 28.63
C LEU A 169 7.90 35.92 27.45
N GLY A 170 7.41 35.30 26.38
CA GLY A 170 6.94 36.04 25.22
C GLY A 170 5.62 36.74 25.41
N LEU A 171 4.87 36.39 26.46
CA LEU A 171 3.64 37.12 26.78
C LEU A 171 3.92 38.53 27.27
N HIS A 172 5.16 38.83 27.65
CA HIS A 172 5.55 40.17 28.08
C HIS A 172 6.22 40.97 26.95
N GLY A 173 6.35 40.41 25.77
CA GLY A 173 6.93 41.15 24.67
C GLY A 173 8.04 40.41 23.93
N LYS A 174 9.01 41.15 23.43
CA LYS A 174 10.01 40.61 22.52
C LYS A 174 11.07 39.83 23.28
N VAL A 175 11.21 38.55 22.95
CA VAL A 175 12.25 37.69 23.50
C VAL A 175 13.32 37.49 22.44
N GLU A 176 14.58 37.68 22.83
CA GLU A 176 15.71 37.54 21.92
C GLU A 176 16.79 36.71 22.58
N ILE A 177 17.62 36.07 21.75
CA ILE A 177 18.76 35.29 22.20
C ILE A 177 20.02 35.99 21.72
N ASN A 178 20.86 36.38 22.68
CA ASN A 178 22.09 37.12 22.39
C ASN A 178 23.30 36.22 22.60
N GLY A 179 24.45 36.71 22.13
CA GLY A 179 25.65 35.90 22.12
C GLY A 179 25.64 34.81 21.08
N ILE A 180 24.80 34.94 20.05
CA ILE A 180 24.66 33.92 19.03
C ILE A 180 24.37 34.62 17.71
N ASP A 181 25.12 34.25 16.66
CA ASP A 181 24.91 34.76 15.31
C ASP A 181 24.92 33.56 14.37
N LEU A 182 23.74 33.17 13.90
CA LEU A 182 23.58 31.91 13.17
C LEU A 182 23.88 32.03 11.68
N GLU A 183 23.54 33.17 11.07
CA GLU A 183 24.01 33.46 9.72
C GLU A 183 25.54 33.39 9.72
N ASN A 184 26.12 33.11 8.54
CA ASN A 184 27.49 32.62 8.39
C ASN A 184 27.69 31.32 9.18
N PRO A 185 26.80 30.33 9.07
CA PRO A 185 26.89 29.19 10.00
C PRO A 185 28.14 28.37 9.76
N ASP A 186 28.90 28.13 10.81
CA ASP A 186 30.04 27.24 10.71
C ASP A 186 29.54 25.79 10.67
N GLN A 187 30.46 24.84 10.70
CA GLN A 187 30.07 23.45 10.49
C GLN A 187 29.14 22.96 11.59
N VAL A 188 29.43 23.29 12.85
CA VAL A 188 28.60 22.82 13.95
C VAL A 188 27.30 23.62 14.06
N GLU A 189 27.33 24.92 13.75
CA GLU A 189 26.12 25.74 13.81
C GLU A 189 25.08 25.26 12.80
N GLU A 190 25.53 24.87 11.60
CA GLU A 190 24.62 24.27 10.63
C GLU A 190 24.01 22.98 11.17
N ILE A 191 24.80 22.19 11.92
CA ILE A 191 24.29 20.95 12.50
C ILE A 191 23.20 21.24 13.52
N CYS A 192 23.43 22.23 14.39
CA CYS A 192 22.44 22.56 15.41
C CYS A 192 21.13 23.03 14.80
N LEU A 193 21.20 23.74 13.66
CA LEU A 193 19.99 24.21 13.00
C LEU A 193 19.17 23.05 12.46
N PHE A 194 19.84 22.00 11.98
CA PHE A 194 19.12 20.81 11.52
C PHE A 194 18.55 20.02 12.69
N ARG A 195 19.32 19.89 13.78
CA ARG A 195 18.84 19.16 14.94
C ARG A 195 17.60 19.84 15.53
N SER A 196 17.60 21.16 15.62
CA SER A 196 16.45 21.90 16.13
C SER A 196 15.27 21.87 15.18
N GLY A 197 15.49 21.51 13.92
CA GLY A 197 14.43 21.53 12.93
C GLY A 197 14.17 22.87 12.28
N LYS A 198 14.95 23.89 12.62
CA LYS A 198 14.81 25.18 11.94
C LYS A 198 15.06 25.04 10.45
N TYR A 199 16.08 24.28 10.09
CA TYR A 199 16.28 23.80 8.72
C TYR A 199 16.04 22.30 8.69
N LYS A 200 15.27 21.84 7.72
CA LYS A 200 14.92 20.44 7.58
C LYS A 200 15.30 19.95 6.19
N TYR A 201 15.55 18.66 6.07
CA TYR A 201 15.83 18.04 4.78
C TYR A 201 14.52 17.71 4.08
N GLU A 202 14.47 17.97 2.78
CA GLU A 202 13.28 17.62 2.00
C GLU A 202 12.99 16.13 2.07
N GLU A 203 14.03 15.30 2.12
CA GLU A 203 13.87 13.86 2.07
C GLU A 203 13.42 13.25 3.40
N GLU A 204 13.25 14.07 4.44
CA GLU A 204 12.65 13.56 5.67
C GLU A 204 11.24 13.04 5.42
N LYS A 205 10.55 13.62 4.43
CA LYS A 205 9.24 13.12 4.05
C LYS A 205 9.30 11.67 3.58
N ASP A 206 10.38 11.29 2.91
CA ASP A 206 10.54 9.91 2.46
C ASP A 206 10.68 8.96 3.65
N ILE A 207 11.37 9.39 4.71
CA ILE A 207 11.49 8.57 5.90
C ILE A 207 10.12 8.29 6.50
N ILE A 208 9.30 9.34 6.62
CA ILE A 208 7.93 9.16 7.09
C ILE A 208 7.18 8.19 6.19
N LYS A 209 7.25 8.42 4.88
CA LYS A 209 6.52 7.58 3.93
C LYS A 209 6.90 6.11 4.07
N GLU A 210 8.20 5.82 4.14
CA GLU A 210 8.63 4.43 4.27
C GLU A 210 8.24 3.86 5.63
N ALA A 211 8.27 4.69 6.68
CA ALA A 211 7.89 4.22 8.01
C ALA A 211 6.41 3.82 8.06
N GLU A 212 5.54 4.60 7.39
CA GLU A 212 4.14 4.23 7.31
C GLU A 212 3.92 2.93 6.54
N ARG A 213 4.85 2.57 5.66
CA ARG A 213 4.77 1.31 4.91
C ARG A 213 5.40 0.15 5.66
N GLY A 214 5.92 0.37 6.86
CA GLY A 214 6.45 -0.72 7.67
C GLY A 214 7.90 -1.08 7.42
N SER A 215 8.69 -0.18 6.84
CA SER A 215 10.08 -0.48 6.54
C SER A 215 10.94 -0.43 7.81
N LEU A 216 12.07 -1.11 7.74
CA LEU A 216 13.14 -1.00 8.74
C LEU A 216 14.24 -0.10 8.21
N PHE A 217 14.87 0.66 9.11
CA PHE A 217 15.86 1.66 8.72
C PHE A 217 17.21 1.37 9.36
N LEU A 218 18.26 1.59 8.58
CA LEU A 218 19.62 1.78 9.10
C LEU A 218 20.09 3.16 8.67
N ALA A 219 20.81 3.85 9.54
CA ALA A 219 21.22 5.22 9.30
C ALA A 219 22.72 5.36 9.52
N ASP A 220 23.36 6.19 8.71
CA ASP A 220 24.78 6.44 8.91
C ASP A 220 24.98 7.48 10.01
N THR A 221 26.26 7.71 10.35
CA THR A 221 26.58 8.55 11.49
C THR A 221 26.05 9.97 11.31
N ASN A 222 26.10 10.50 10.08
CA ASN A 222 25.69 11.88 9.85
C ASN A 222 24.18 12.08 10.03
N VAL A 223 23.38 11.01 9.95
CA VAL A 223 21.94 11.15 10.21
C VAL A 223 21.70 11.40 11.68
N TYR A 224 22.40 10.66 12.56
CA TYR A 224 22.26 10.89 14.00
C TYR A 224 22.76 12.28 14.38
N ILE A 225 23.88 12.71 13.79
CA ILE A 225 24.44 14.02 14.11
C ILE A 225 23.48 15.14 13.69
N ARG A 226 22.90 15.02 12.50
CA ARG A 226 22.16 16.13 11.92
C ARG A 226 20.67 16.09 12.27
N LEU A 227 20.06 14.91 12.28
CA LEU A 227 18.65 14.82 12.63
C LEU A 227 18.42 14.73 14.14
N GLY A 228 19.38 14.17 14.87
CA GLY A 228 19.28 14.14 16.33
C GLY A 228 18.08 13.36 16.81
N ASN A 229 17.40 13.93 17.81
CA ASN A 229 16.22 13.30 18.41
C ASN A 229 14.96 13.46 17.58
N ARG A 230 14.99 14.31 16.54
CA ARG A 230 13.85 14.38 15.62
C ARG A 230 13.66 13.07 14.87
N LEU A 231 14.69 12.22 14.83
CA LEU A 231 14.56 10.90 14.22
C LEU A 231 13.47 10.08 14.89
N ARG A 232 13.26 10.30 16.19
CA ARG A 232 12.25 9.52 16.92
C ARG A 232 10.88 9.67 16.30
N SER A 233 10.51 10.89 15.90
CA SER A 233 9.22 11.12 15.29
C SER A 233 9.17 10.64 13.84
N LEU A 234 10.28 10.75 13.11
CA LEU A 234 10.28 10.40 11.69
C LEU A 234 10.17 8.89 11.49
N VAL A 235 10.81 8.10 12.35
CA VAL A 235 10.87 6.65 12.16
C VAL A 235 9.83 5.92 13.00
N TYR A 236 8.94 6.64 13.67
CA TYR A 236 7.87 6.02 14.46
C TYR A 236 6.56 6.07 13.69
N ASN A 237 5.89 4.94 13.62
CA ASN A 237 4.54 4.84 13.06
C ASN A 237 3.67 4.09 14.06
N ARG A 238 2.44 4.56 14.24
CA ARG A 238 1.56 3.97 15.24
C ARG A 238 1.22 2.52 14.92
N LYS A 239 1.17 2.17 13.63
CA LYS A 239 0.76 0.82 13.25
C LYS A 239 1.85 -0.21 13.54
N TYR A 240 3.11 0.13 13.25
CA TYR A 240 4.21 -0.82 13.41
C TYR A 240 5.22 -0.43 14.47
N GLY A 241 5.23 0.83 14.92
CA GLY A 241 6.14 1.22 15.99
C GLY A 241 7.41 1.89 15.53
N PHE A 242 8.45 1.79 16.36
CA PHE A 242 9.73 2.45 16.11
C PHE A 242 10.55 1.62 15.14
N ARG A 243 10.87 2.18 13.98
CA ARG A 243 11.37 1.43 12.84
C ARG A 243 12.88 1.54 12.61
N LEU A 244 13.59 2.31 13.42
CA LEU A 244 15.02 2.54 13.21
C LEU A 244 15.82 1.46 13.94
N LEU A 245 16.49 0.60 13.17
CA LEU A 245 17.41 -0.36 13.75
C LEU A 245 18.67 0.35 14.22
N SER A 246 19.25 -0.17 15.30
CA SER A 246 20.49 0.39 15.84
C SER A 246 21.66 -0.23 15.08
N SER A 247 22.22 0.52 14.13
CA SER A 247 23.31 0.01 13.32
C SER A 247 24.57 -0.15 14.17
N LYS A 248 25.19 -1.34 14.08
CA LYS A 248 26.45 -1.56 14.77
C LYS A 248 27.59 -0.83 14.08
N ASN A 249 27.54 -0.71 12.76
CA ASN A 249 28.55 0.06 12.03
C ASN A 249 28.54 1.53 12.48
N THR A 250 27.35 2.11 12.64
CA THR A 250 27.24 3.49 13.09
C THR A 250 27.70 3.64 14.54
N PHE A 251 27.34 2.68 15.39
CA PHE A 251 27.77 2.76 16.80
C PHE A 251 29.29 2.67 16.90
N ASN A 252 29.91 1.78 16.13
CA ASN A 252 31.36 1.63 16.19
C ASN A 252 32.06 2.93 15.78
N GLU A 253 31.57 3.59 14.73
CA GLU A 253 32.13 4.87 14.33
C GLU A 253 31.95 5.92 15.42
N LEU A 254 30.74 6.00 15.99
CA LEU A 254 30.48 6.96 17.05
C LEU A 254 31.31 6.66 18.29
N TYR A 255 31.43 5.38 18.66
CA TYR A 255 32.22 5.01 19.82
C TYR A 255 33.69 5.35 19.62
N ASN A 256 34.22 5.08 18.42
CA ASN A 256 35.64 5.33 18.17
C ASN A 256 35.98 6.81 18.25
N HIS A 257 35.02 7.69 17.94
CA HIS A 257 35.29 9.11 17.89
C HIS A 257 35.04 9.82 19.23
N THR A 258 34.20 9.26 20.10
CA THR A 258 33.92 9.91 21.38
C THR A 258 34.80 9.35 22.49
N ALA A 259 34.70 8.04 22.76
CA ALA A 259 35.57 7.37 23.72
C ALA A 259 36.91 7.16 23.01
N GLN A 260 37.85 8.08 23.25
CA GLN A 260 39.06 8.23 22.43
C GLN A 260 38.68 8.56 20.99
N ASP A 266 37.29 18.86 22.33
CA ASP A 266 38.19 19.08 21.20
C ASP A 266 37.42 19.60 19.98
N GLU A 267 38.15 20.06 18.98
CA GLU A 267 37.55 20.52 17.75
C GLU A 267 36.97 19.35 16.95
N ASN A 268 35.76 19.56 16.41
CA ASN A 268 35.16 18.67 15.42
C ASN A 268 34.78 17.32 16.06
N LYS A 269 35.18 17.11 17.31
CA LYS A 269 34.64 16.00 18.08
C LYS A 269 33.26 16.31 18.63
N VAL A 270 32.84 17.58 18.53
CA VAL A 270 31.54 17.99 19.05
C VAL A 270 30.41 17.29 18.29
N LYS A 271 30.52 17.19 16.96
CA LYS A 271 29.48 16.55 16.18
C LYS A 271 29.30 15.09 16.60
N PHE A 272 30.41 14.38 16.77
CA PHE A 272 30.33 12.95 17.07
C PHE A 272 29.79 12.69 18.47
N ILE A 273 30.06 13.60 19.41
CA ILE A 273 29.40 13.50 20.71
C ILE A 273 27.90 13.70 20.54
N LEU A 274 27.51 14.77 19.84
CA LEU A 274 26.09 15.03 19.60
C LEU A 274 25.40 13.85 18.92
N GLY A 275 26.07 13.25 17.93
CA GLY A 275 25.51 12.06 17.31
C GLY A 275 25.38 10.90 18.27
N MET A 276 26.41 10.68 19.10
CA MET A 276 26.37 9.59 20.06
C MET A 276 25.28 9.82 21.12
N LEU A 277 25.10 11.07 21.57
CA LEU A 277 24.03 11.35 22.52
C LEU A 277 22.68 11.01 21.92
N SER A 278 22.45 11.40 20.66
CA SER A 278 21.19 11.07 20.00
C SER A 278 21.06 9.57 19.79
N TYR A 279 22.15 8.90 19.44
CA TYR A 279 22.13 7.45 19.23
C TYR A 279 21.70 6.73 20.51
N ARG A 280 22.32 7.06 21.63
CA ARG A 280 21.97 6.40 22.89
C ARG A 280 20.56 6.76 23.34
N SER A 281 20.15 8.01 23.10
CA SER A 281 18.78 8.41 23.47
C SER A 281 17.74 7.62 22.67
N LEU A 282 18.08 7.20 21.45
CA LEU A 282 17.14 6.46 20.62
C LEU A 282 17.28 4.94 20.76
N HIS A 283 18.47 4.46 21.12
CA HIS A 283 18.76 3.04 21.05
C HIS A 283 19.44 2.55 22.32
N VAL A 284 19.10 1.31 22.71
CA VAL A 284 19.99 0.52 23.54
C VAL A 284 21.09 0.05 22.61
N PRO A 285 22.36 0.33 22.90
CA PRO A 285 23.43 -0.02 21.96
C PRO A 285 23.43 -1.50 21.64
N PRO A 286 23.63 -1.86 20.38
CA PRO A 286 23.61 -3.29 19.97
C PRO A 286 24.89 -4.01 20.38
N ILE A 287 25.03 -4.24 21.69
CA ILE A 287 26.21 -4.91 22.23
C ILE A 287 26.32 -6.35 21.75
N THR A 288 25.20 -6.97 21.38
CA THR A 288 25.18 -8.36 20.97
C THR A 288 25.56 -8.57 19.52
N SER A 289 25.68 -7.50 18.73
CA SER A 289 26.02 -7.62 17.32
C SER A 289 27.52 -7.83 17.17
N GLN A 290 27.89 -8.70 16.23
CA GLN A 290 29.29 -9.07 16.00
C GLN A 290 29.93 -8.27 14.87
N VAL A 291 29.21 -7.30 14.31
CA VAL A 291 29.81 -6.44 13.29
C VAL A 291 30.88 -5.56 13.94
N ARG A 292 32.04 -5.49 13.28
CA ARG A 292 33.17 -4.72 13.81
C ARG A 292 33.64 -3.62 12.87
N SER A 293 32.96 -3.41 11.74
CA SER A 293 33.35 -2.38 10.79
C SER A 293 32.80 -1.01 11.22
N SER A 294 33.47 0.04 10.77
CA SER A 294 33.10 1.41 11.10
C SER A 294 33.25 2.33 9.90
N GLY A 295 32.79 1.90 8.72
CA GLY A 295 33.01 2.67 7.52
C GLY A 295 31.86 2.58 6.55
N ASP A 296 32.03 3.27 5.41
CA ASP A 296 30.99 3.36 4.39
C ASP A 296 30.50 1.99 3.94
N MET A 297 31.41 1.16 3.42
CA MET A 297 31.02 -0.16 2.95
C MET A 297 30.49 -1.02 4.08
N GLY A 298 31.02 -0.84 5.30
CA GLY A 298 30.54 -1.62 6.42
C GLY A 298 29.08 -1.39 6.72
N LEU A 299 28.63 -0.13 6.62
CA LEU A 299 27.21 0.17 6.84
C LEU A 299 26.34 -0.47 5.77
N ILE A 300 26.74 -0.38 4.50
CA ILE A 300 25.96 -0.98 3.42
C ILE A 300 25.90 -2.50 3.59
N ASN A 301 27.04 -3.11 3.91
CA ASN A 301 27.10 -4.56 4.04
C ASN A 301 26.28 -5.05 5.23
N GLU A 302 26.31 -4.30 6.34
CA GLU A 302 25.45 -4.64 7.46
C GLU A 302 23.98 -4.56 7.06
N ALA A 303 23.62 -3.54 6.28
CA ALA A 303 22.23 -3.42 5.82
C ALA A 303 21.84 -4.59 4.91
N LEU A 304 22.78 -5.07 4.09
CA LEU A 304 22.48 -6.19 3.20
C LEU A 304 22.24 -7.47 3.98
N GLU A 305 23.07 -7.74 4.99
CA GLU A 305 22.93 -8.96 5.78
C GLU A 305 21.61 -8.98 6.54
N ILE A 306 21.20 -7.83 7.07
CA ILE A 306 19.89 -7.73 7.71
C ILE A 306 18.78 -7.95 6.68
N LYS A 307 18.90 -7.28 5.54
CA LYS A 307 17.91 -7.40 4.47
C LYS A 307 17.70 -8.85 4.08
N LYS A 308 18.79 -9.62 3.99
CA LYS A 308 18.70 -11.01 3.57
C LYS A 308 17.91 -11.85 4.55
N ASN A 309 18.01 -11.55 5.84
CA ASN A 309 17.55 -12.46 6.90
C ASN A 309 16.26 -12.03 7.58
N VAL A 310 15.67 -10.88 7.22
CA VAL A 310 14.48 -10.41 7.89
C VAL A 310 13.33 -10.28 6.89
N GLU A 311 12.11 -10.36 7.41
CA GLU A 311 10.92 -10.23 6.58
C GLU A 311 10.66 -8.78 6.19
N ASP A 312 11.08 -7.84 7.01
CA ASP A 312 10.77 -6.44 6.76
C ASP A 312 11.61 -5.88 5.62
N ASN A 313 11.06 -4.88 4.94
CA ASN A 313 11.81 -4.14 3.95
C ASN A 313 12.83 -3.24 4.64
N VAL A 314 14.05 -3.21 4.10
CA VAL A 314 15.17 -2.51 4.71
C VAL A 314 15.51 -1.29 3.86
N VAL A 315 15.60 -0.13 4.51
CA VAL A 315 15.87 1.14 3.86
C VAL A 315 17.08 1.79 4.55
N LEU A 316 18.00 2.30 3.75
CA LEU A 316 19.19 2.96 4.25
C LEU A 316 19.02 4.47 4.21
N ILE A 317 19.32 5.14 5.32
CA ILE A 317 19.31 6.60 5.40
C ILE A 317 20.74 7.08 5.49
N THR A 318 21.10 8.05 4.64
CA THR A 318 22.42 8.64 4.69
C THR A 318 22.36 10.08 4.20
N ALA A 319 23.34 10.87 4.62
CA ALA A 319 23.52 12.23 4.13
C ALA A 319 24.65 12.32 3.12
N ASP A 320 25.14 11.18 2.63
CA ASP A 320 26.30 11.11 1.75
C ASP A 320 25.85 10.51 0.42
N LYS A 321 25.84 11.33 -0.64
CA LYS A 321 25.34 10.89 -1.93
C LYS A 321 26.17 9.76 -2.51
N ALA A 322 27.50 9.84 -2.36
CA ALA A 322 28.37 8.80 -2.89
C ALA A 322 28.07 7.45 -2.24
N LEU A 323 27.88 7.43 -0.92
CA LEU A 323 27.49 6.20 -0.25
C LEU A 323 26.11 5.74 -0.71
N GLY A 324 25.15 6.67 -0.79
CA GLY A 324 23.80 6.27 -1.17
C GLY A 324 23.73 5.73 -2.58
N LEU A 325 24.48 6.32 -3.51
CA LEU A 325 24.48 5.84 -4.88
C LEU A 325 25.16 4.47 -4.98
N THR A 326 26.20 4.25 -4.18
CA THR A 326 26.79 2.91 -4.12
C THR A 326 25.80 1.90 -3.56
N ALA A 327 25.06 2.28 -2.51
CA ALA A 327 24.07 1.37 -1.93
C ALA A 327 22.97 1.04 -2.94
N GLN A 328 22.52 2.04 -3.69
CA GLN A 328 21.51 1.80 -4.72
C GLN A 328 22.02 0.86 -5.80
N SER A 329 23.33 0.91 -6.09
CA SER A 329 23.91 0.02 -7.08
C SER A 329 23.92 -1.43 -6.62
N LYS A 330 23.71 -1.69 -5.33
CA LYS A 330 23.69 -3.03 -4.80
C LYS A 330 22.26 -3.53 -4.52
N GLY A 331 21.25 -2.78 -4.95
CA GLY A 331 19.87 -3.16 -4.74
C GLY A 331 19.23 -2.60 -3.48
N LEU A 332 19.95 -1.77 -2.74
CA LEU A 332 19.44 -1.23 -1.48
C LEU A 332 18.59 0.00 -1.73
N ARG A 333 17.37 0.00 -1.19
CA ARG A 333 16.55 1.20 -1.23
C ARG A 333 17.10 2.22 -0.24
N THR A 334 17.35 3.43 -0.72
CA THR A 334 18.14 4.41 0.02
C THR A 334 17.44 5.76 0.02
N ILE A 335 17.42 6.40 1.19
CA ILE A 335 16.98 7.78 1.33
C ILE A 335 18.23 8.63 1.56
N ILE A 336 18.51 9.54 0.64
CA ILE A 336 19.69 10.40 0.69
C ILE A 336 19.22 11.80 1.05
N LEU A 337 19.64 12.28 2.22
CA LEU A 337 19.31 13.63 2.67
C LEU A 337 20.19 14.63 1.94
N SER A 338 19.59 15.41 1.04
CA SER A 338 20.42 16.39 0.32
C SER A 338 19.84 17.79 0.31
N LYS A 339 18.52 17.93 0.15
CA LYS A 339 17.92 19.22 -0.14
C LYS A 339 17.29 19.81 1.12
N VAL A 340 17.50 21.11 1.32
CA VAL A 340 17.19 21.80 2.57
C VAL A 340 16.02 22.75 2.36
N ARG A 341 15.10 22.78 3.31
CA ARG A 341 14.05 23.78 3.37
C ARG A 341 14.10 24.48 4.72
N LYS A 342 13.88 25.80 4.70
CA LYS A 342 13.77 26.57 5.93
C LYS A 342 12.36 26.39 6.48
N GLU A 343 12.26 25.88 7.70
CA GLU A 343 10.96 25.54 8.28
C GLU A 343 10.10 26.78 8.45
N ILE A 344 8.99 26.85 7.70
CA ILE A 344 8.07 27.97 7.82
C ILE A 344 7.26 27.90 9.10
N GLY A 345 7.22 26.74 9.76
CA GLY A 345 6.37 26.55 10.92
C GLY A 345 7.11 26.28 12.21
N GLU A 346 6.66 25.29 12.95
CA GLU A 346 7.15 25.05 14.30
C GLU A 346 8.46 24.26 14.28
N TRP A 347 9.37 24.64 15.17
CA TRP A 347 10.62 23.93 15.38
C TRP A 347 11.00 24.07 16.85
N ASP A 348 12.09 23.43 17.24
CA ASP A 348 12.46 23.31 18.65
C ASP A 348 13.50 24.37 19.00
N ILE A 349 13.05 25.45 19.65
CA ILE A 349 13.98 26.46 20.13
C ILE A 349 14.85 25.90 21.25
N GLY A 350 14.27 25.03 22.09
CA GLY A 350 15.05 24.43 23.17
C GLY A 350 16.20 23.57 22.66
N GLU A 351 15.94 22.78 21.61
CA GLU A 351 16.99 21.94 21.05
C GLU A 351 18.14 22.78 20.49
N LEU A 352 17.81 23.88 19.80
CA LEU A 352 18.84 24.76 19.28
C LEU A 352 19.71 25.32 20.40
N LEU A 353 19.09 25.76 21.49
CA LEU A 353 19.85 26.34 22.59
C LEU A 353 20.66 25.28 23.32
N PHE A 354 20.11 24.07 23.48
CA PHE A 354 20.89 22.99 24.08
C PHE A 354 22.10 22.64 23.23
N CYS A 355 21.91 22.58 21.90
CA CYS A 355 23.02 22.29 21.01
C CYS A 355 24.07 23.40 21.05
N LEU A 356 23.61 24.65 21.00
CA LEU A 356 24.54 25.78 20.97
C LEU A 356 25.27 25.95 22.30
N SER A 357 24.58 25.70 23.41
CA SER A 357 25.23 25.76 24.72
C SER A 357 26.35 24.73 24.82
N PHE A 358 26.07 23.50 24.40
CA PHE A 358 27.09 22.46 24.43
C PHE A 358 28.27 22.81 23.54
N TYR A 359 27.99 23.35 22.36
CA TYR A 359 29.06 23.76 21.46
C TYR A 359 29.86 24.92 22.03
N ASN A 360 29.22 25.78 22.84
CA ASN A 360 29.88 26.99 23.33
C ASN A 360 31.09 26.68 24.20
N ASP A 361 30.99 25.64 25.03
CA ASP A 361 32.09 25.28 25.92
C ASP A 361 33.32 24.79 25.19
N TYR A 362 33.21 24.46 23.89
CA TYR A 362 34.32 23.90 23.14
C TYR A 362 34.62 24.69 21.86
N ARG A 363 34.15 25.92 21.77
CA ARG A 363 34.40 26.72 20.57
C ARG A 363 35.88 27.13 20.48
N ASN A 364 36.22 27.72 19.35
CA ASN A 364 37.57 28.21 19.10
C ASN A 364 37.67 29.67 19.52
N GLY A 365 38.84 30.02 20.06
CA GLY A 365 39.10 31.40 20.44
C GLY A 365 38.44 31.81 21.74
N ILE A 366 37.38 32.60 21.63
CA ILE A 366 36.72 33.17 22.80
C ILE A 366 35.47 32.37 23.12
N ARG A 367 35.13 32.31 24.40
CA ARG A 367 33.87 31.73 24.84
C ARG A 367 32.84 32.84 24.95
N ARG A 368 31.66 32.60 24.38
CA ARG A 368 30.55 33.54 24.43
C ARG A 368 29.41 32.94 25.24
N MET A 369 28.77 33.79 26.05
CA MET A 369 27.71 33.36 26.94
C MET A 369 26.35 33.61 26.28
N ILE A 370 25.51 32.58 26.24
CA ILE A 370 24.20 32.68 25.63
C ILE A 370 23.22 33.29 26.64
N GLU A 371 22.48 34.31 26.21
CA GLU A 371 21.59 35.05 27.09
C GLU A 371 20.21 35.18 26.45
N ILE A 372 19.20 35.27 27.31
CA ILE A 372 17.82 35.52 26.89
C ILE A 372 17.41 36.88 27.44
N SER A 373 16.87 37.72 26.56
CA SER A 373 16.50 39.09 26.93
C SER A 373 15.02 39.32 26.65
N LEU A 374 14.44 40.25 27.40
CA LEU A 374 13.05 40.70 27.20
C LEU A 374 13.07 42.19 26.96
N ASN A 375 12.65 42.61 25.76
CA ASN A 375 12.58 44.03 25.38
C ASN A 375 13.93 44.71 25.60
N GLY A 376 15.00 44.03 25.18
CA GLY A 376 16.34 44.57 25.29
C GLY A 376 17.01 44.41 26.63
N SER A 377 16.30 43.91 27.64
CA SER A 377 16.81 43.79 29.00
C SER A 377 17.11 42.34 29.31
N LYS A 378 18.32 42.09 29.84
CA LYS A 378 18.75 40.73 30.11
C LYS A 378 17.87 40.08 31.18
N ILE A 379 17.53 38.81 30.97
CA ILE A 379 16.64 38.06 31.84
C ILE A 379 17.34 36.85 32.45
N ALA A 380 18.03 36.06 31.63
CA ALA A 380 18.66 34.84 32.11
C ALA A 380 19.85 34.49 31.24
N GLU A 381 20.72 33.64 31.77
CA GLU A 381 21.86 33.11 31.05
C GLU A 381 21.77 31.58 31.02
N LEU A 382 22.25 31.00 29.92
CA LEU A 382 22.17 29.56 29.69
C LEU A 382 23.57 28.98 29.83
N HIS A 383 23.71 28.00 30.72
CA HIS A 383 24.98 27.34 30.98
C HIS A 383 24.85 25.85 30.75
N SER A 384 25.86 25.26 30.11
CA SER A 384 25.88 23.81 29.94
C SER A 384 26.15 23.13 31.27
N TYR A 385 25.44 22.03 31.50
CA TYR A 385 25.47 21.29 32.75
C TYR A 385 25.60 19.81 32.40
N TYR A 386 26.42 19.08 33.16
CA TYR A 386 26.81 17.73 32.79
C TYR A 386 26.36 16.74 33.87
N HIS A 387 25.69 15.68 33.44
CA HIS A 387 25.14 14.66 34.34
C HIS A 387 24.91 13.42 33.50
N LEU A 388 24.83 12.26 34.17
CA LEU A 388 24.87 10.99 33.45
C LEU A 388 23.59 10.74 32.65
N GLN A 389 22.44 11.18 33.14
CA GLN A 389 21.16 10.94 32.49
C GLN A 389 20.32 12.22 32.44
N GLU A 390 20.97 13.35 32.15
CA GLU A 390 20.35 14.65 32.42
C GLU A 390 19.41 15.12 31.30
N ARG A 391 19.96 15.40 30.12
CA ARG A 391 19.33 16.29 29.15
C ARG A 391 18.80 17.55 29.83
N ARG A 392 19.73 18.30 30.43
CA ARG A 392 19.39 19.47 31.22
C ARG A 392 20.30 20.64 30.87
N VAL A 393 19.74 21.85 30.97
CA VAL A 393 20.49 23.09 30.87
C VAL A 393 20.32 23.84 32.17
N LYS A 394 21.32 24.65 32.49
CA LYS A 394 21.33 25.42 33.72
C LYS A 394 20.97 26.87 33.41
N VAL A 395 19.86 27.34 33.98
CA VAL A 395 19.34 28.68 33.72
C VAL A 395 19.49 29.51 34.98
N ARG A 396 20.32 30.56 34.90
CA ARG A 396 20.47 31.51 35.99
C ARG A 396 19.71 32.77 35.62
N VAL A 397 18.57 32.99 36.28
CA VAL A 397 17.76 34.18 36.04
C VAL A 397 18.33 35.33 36.86
N VAL A 398 18.61 36.45 36.18
CA VAL A 398 19.14 37.64 36.85
C VAL A 398 18.08 38.67 37.14
N ASP A 399 16.86 38.52 36.59
CA ASP A 399 15.76 39.43 36.84
C ASP A 399 14.74 38.71 37.70
N LYS A 400 14.61 39.15 38.95
CA LYS A 400 13.74 38.50 39.92
C LYS A 400 12.30 38.39 39.43
N ARG A 401 11.87 39.32 38.57
CA ARG A 401 10.48 39.42 38.15
C ARG A 401 10.07 38.37 37.13
N TYR A 402 11.00 37.63 36.55
CA TYR A 402 10.67 36.73 35.43
C TYR A 402 11.31 35.36 35.63
N ASN A 403 11.34 34.87 36.87
CA ASN A 403 11.97 33.58 37.16
C ASN A 403 10.96 32.43 37.04
N TYR A 404 10.42 32.30 35.84
CA TYR A 404 9.55 31.18 35.47
C TYR A 404 10.25 29.83 35.43
N PRO A 405 11.57 29.75 35.16
CA PRO A 405 12.23 28.43 35.26
C PRO A 405 12.04 27.74 36.60
N LYS A 406 12.06 28.50 37.70
CA LYS A 406 11.85 27.91 39.01
C LYS A 406 10.48 27.23 39.09
N ILE A 407 9.44 27.90 38.59
CA ILE A 407 8.11 27.30 38.56
C ILE A 407 8.09 26.08 37.65
N LEU A 408 8.74 26.18 36.48
CA LEU A 408 8.76 25.06 35.54
C LEU A 408 9.51 23.87 36.12
N GLU A 409 10.59 24.13 36.87
CA GLU A 409 11.31 23.05 37.55
C GLU A 409 10.37 22.29 38.48
N ILE A 410 9.56 23.00 39.25
CA ILE A 410 8.57 22.36 40.11
C ILE A 410 7.55 21.60 39.27
N LEU A 411 7.10 22.22 38.17
CA LEU A 411 6.11 21.57 37.30
C LEU A 411 6.67 20.32 36.64
N SER A 412 7.95 20.36 36.23
CA SER A 412 8.56 19.17 35.63
C SER A 412 8.64 18.02 36.63
N GLU A 413 8.78 18.34 37.92
CA GLU A 413 8.82 17.29 38.93
C GLU A 413 7.45 16.63 39.11
N ILE A 414 6.38 17.43 39.11
CA ILE A 414 5.05 16.90 39.37
C ILE A 414 4.64 15.93 38.27
N LEU A 415 4.85 16.32 37.01
CA LEU A 415 4.50 15.47 35.88
C LEU A 415 5.45 14.29 35.72
N ALA A 416 6.66 14.37 36.29
CA ALA A 416 7.60 13.26 36.18
C ALA A 416 7.07 12.02 36.87
N THR A 417 6.33 12.19 37.96
CA THR A 417 5.68 11.06 38.65
C THR A 417 4.34 10.77 37.97
N ALA A 418 4.45 10.30 36.73
CA ALA A 418 3.26 9.99 35.91
C ALA A 418 2.98 8.50 35.92
N MET B 1 -38.94 8.27 11.37
CA MET B 1 -37.71 8.66 10.70
C MET B 1 -36.70 9.23 11.69
N LEU B 2 -35.70 8.42 12.05
CA LEU B 2 -34.69 8.84 13.00
C LEU B 2 -33.58 9.61 12.31
N ILE B 3 -33.25 10.78 12.83
CA ILE B 3 -32.08 11.55 12.40
C ILE B 3 -31.10 11.53 13.56
N LEU B 4 -30.15 10.60 13.52
CA LEU B 4 -29.12 10.48 14.54
C LEU B 4 -27.96 11.40 14.17
N ALA B 5 -27.77 12.45 14.96
CA ALA B 5 -26.66 13.37 14.75
C ALA B 5 -25.54 13.09 15.75
N THR B 6 -24.33 13.52 15.41
CA THR B 6 -23.17 13.35 16.27
C THR B 6 -22.14 14.39 15.91
N LEU B 7 -21.05 14.41 16.66
CA LEU B 7 -19.95 15.33 16.43
C LEU B 7 -18.82 14.60 15.71
N GLY B 8 -18.17 15.32 14.78
CA GLY B 8 -17.05 14.75 14.05
C GLY B 8 -15.72 15.28 14.52
N SER B 9 -14.88 14.43 15.08
CA SER B 9 -13.58 14.81 15.60
C SER B 9 -12.49 14.54 14.57
N ASP B 10 -11.29 15.07 14.87
CA ASP B 10 -10.15 14.75 14.01
C ASP B 10 -9.88 13.26 13.99
N LYS B 11 -10.13 12.58 15.11
CA LYS B 11 -10.18 11.13 15.11
C LYS B 11 -11.45 10.68 14.41
N SER B 12 -11.29 9.79 13.42
CA SER B 12 -12.47 9.18 12.82
C SER B 12 -13.02 8.06 13.69
N VAL B 13 -12.18 7.45 14.52
CA VAL B 13 -12.59 6.25 15.25
C VAL B 13 -13.63 6.59 16.32
N THR B 14 -13.48 7.73 17.00
CA THR B 14 -14.46 8.10 18.01
C THR B 14 -15.80 8.42 17.37
N THR B 15 -15.80 9.09 16.23
CA THR B 15 -17.04 9.28 15.49
C THR B 15 -17.63 7.94 15.08
N ILE B 16 -16.84 7.13 14.37
CA ILE B 16 -17.35 5.87 13.80
C ILE B 16 -17.94 5.00 14.89
N ASN B 17 -17.24 4.86 16.01
CA ASN B 17 -17.70 3.96 17.07
C ASN B 17 -18.92 4.53 17.79
N ALA B 18 -19.05 5.86 17.85
CA ALA B 18 -20.23 6.45 18.46
C ALA B 18 -21.49 6.08 17.68
N ILE B 19 -21.45 6.22 16.34
CA ILE B 19 -22.61 5.86 15.53
C ILE B 19 -22.93 4.38 15.69
N LEU B 20 -21.90 3.53 15.68
CA LEU B 20 -22.13 2.09 15.77
C LEU B 20 -22.68 1.68 17.12
N THR B 21 -22.25 2.34 18.20
CA THR B 21 -22.81 2.04 19.51
C THR B 21 -24.28 2.44 19.59
N GLU B 22 -24.65 3.56 18.97
CA GLU B 22 -26.05 3.96 18.92
C GLU B 22 -26.87 2.97 18.12
N ILE B 23 -26.32 2.46 17.02
CA ILE B 23 -27.04 1.52 16.18
C ILE B 23 -27.12 0.13 16.81
N PHE B 24 -26.26 -0.18 17.78
CA PHE B 24 -26.40 -1.37 18.58
C PHE B 24 -27.28 -1.15 19.81
N THR B 25 -28.09 -0.10 19.80
CA THR B 25 -29.18 0.08 20.75
C THR B 25 -30.53 0.08 20.02
N GLY B 26 -30.61 -0.67 18.93
CA GLY B 26 -31.83 -0.79 18.16
C GLY B 26 -32.09 0.35 17.21
N LEU B 27 -31.32 1.42 17.25
CA LEU B 27 -31.60 2.60 16.46
C LEU B 27 -31.33 2.34 14.99
N ASN B 28 -32.28 2.74 14.14
CA ASN B 28 -32.18 2.56 12.68
C ASN B 28 -32.47 3.91 12.02
N PRO B 29 -31.49 4.80 11.97
CA PRO B 29 -31.71 6.11 11.35
C PRO B 29 -31.83 6.00 9.84
N ASN B 30 -32.43 7.03 9.25
CA ASN B 30 -32.40 7.25 7.82
C ASN B 30 -31.53 8.44 7.44
N LYS B 31 -31.01 9.17 8.42
CA LYS B 31 -30.11 10.29 8.19
C LYS B 31 -29.18 10.42 9.38
N ILE B 32 -27.89 10.63 9.10
CA ILE B 32 -26.88 10.83 10.13
C ILE B 32 -26.14 12.13 9.82
N ILE B 33 -26.06 13.02 10.80
CA ILE B 33 -25.45 14.33 10.63
C ILE B 33 -24.16 14.36 11.44
N ILE B 34 -23.08 14.76 10.80
CA ILE B 34 -21.79 14.93 11.47
C ILE B 34 -21.44 16.41 11.46
N PHE B 35 -21.33 17.01 12.64
CA PHE B 35 -20.98 18.42 12.77
C PHE B 35 -19.48 18.55 12.94
N ARG B 36 -18.87 19.44 12.15
CA ARG B 36 -17.42 19.52 12.05
C ARG B 36 -16.94 20.95 12.29
N GLU B 37 -15.90 21.09 13.12
CA GLU B 37 -15.16 22.34 13.20
C GLU B 37 -14.21 22.51 12.03
N ASP B 38 -13.69 21.40 11.49
CA ASP B 38 -12.77 21.37 10.38
C ASP B 38 -13.23 20.34 9.36
N PRO B 39 -12.89 20.53 8.09
CA PRO B 39 -13.18 19.50 7.10
C PRO B 39 -12.19 18.35 7.21
N GLN B 40 -12.73 17.13 7.18
CA GLN B 40 -11.89 15.96 7.39
C GLN B 40 -10.81 15.87 6.32
N LYS B 41 -9.57 15.61 6.76
CA LYS B 41 -8.47 15.42 5.82
C LYS B 41 -8.74 14.24 4.90
N LYS B 42 -9.19 13.12 5.47
CA LYS B 42 -9.53 11.94 4.71
C LYS B 42 -10.97 12.05 4.19
N ASP B 43 -11.42 11.01 3.50
CA ASP B 43 -12.77 10.98 2.94
C ASP B 43 -13.26 9.54 2.99
N ILE B 44 -14.08 9.24 3.99
CA ILE B 44 -14.58 7.88 4.19
C ILE B 44 -15.69 7.58 3.19
N LYS B 45 -15.66 6.39 2.63
CA LYS B 45 -16.65 5.94 1.67
C LYS B 45 -17.39 4.69 2.10
N GLY B 46 -16.68 3.70 2.65
CA GLY B 46 -17.30 2.46 3.07
C GLY B 46 -18.14 2.54 4.32
N MET B 47 -18.22 3.73 4.94
CA MET B 47 -19.05 3.89 6.13
C MET B 47 -20.52 3.61 5.84
N GLU B 48 -20.99 3.94 4.62
CA GLU B 48 -22.36 3.62 4.25
C GLU B 48 -22.55 2.11 4.13
N LYS B 49 -21.66 1.43 3.42
CA LYS B 49 -21.80 0.00 3.20
C LYS B 49 -21.78 -0.78 4.50
N ALA B 50 -20.98 -0.32 5.48
CA ALA B 50 -20.96 -0.99 6.78
C ALA B 50 -22.32 -0.94 7.46
N LEU B 51 -22.99 0.21 7.39
CA LEU B 51 -24.31 0.33 7.99
C LEU B 51 -25.36 -0.44 7.21
N GLU B 52 -25.20 -0.55 5.89
CA GLU B 52 -26.15 -1.33 5.08
C GLU B 52 -26.15 -2.79 5.50
N TYR B 53 -24.97 -3.34 5.81
CA TYR B 53 -24.89 -4.71 6.31
C TYR B 53 -25.53 -4.87 7.68
N LEU B 54 -25.84 -3.78 8.37
CA LEU B 54 -26.61 -3.81 9.60
C LEU B 54 -28.06 -3.38 9.38
N GLY B 55 -28.50 -3.32 8.12
CA GLY B 55 -29.88 -3.00 7.80
C GLY B 55 -30.29 -1.59 8.16
N VAL B 56 -29.39 -0.62 8.01
CA VAL B 56 -29.67 0.75 8.43
C VAL B 56 -30.04 1.60 7.21
N ASN B 57 -29.14 1.67 6.22
CA ASN B 57 -29.38 2.34 4.95
C ASN B 57 -29.78 3.81 5.15
N THR B 58 -28.80 4.58 5.62
CA THR B 58 -29.00 5.98 5.96
C THR B 58 -28.24 6.90 5.03
N LEU B 59 -28.50 8.20 5.19
CA LEU B 59 -27.70 9.27 4.62
C LEU B 59 -26.68 9.75 5.66
N ILE B 60 -25.56 10.26 5.16
CA ILE B 60 -24.54 10.87 6.01
C ILE B 60 -24.19 12.24 5.45
N GLU B 61 -24.10 13.24 6.33
CA GLU B 61 -23.83 14.59 5.90
C GLU B 61 -22.88 15.26 6.89
N GLU B 62 -21.86 15.92 6.36
CA GLU B 62 -20.87 16.63 7.17
C GLU B 62 -21.19 18.12 7.14
N LYS B 63 -21.70 18.64 8.25
CA LYS B 63 -21.94 20.07 8.40
C LYS B 63 -20.68 20.70 8.96
N VAL B 64 -20.04 21.57 8.17
CA VAL B 64 -18.85 22.28 8.61
C VAL B 64 -19.31 23.62 9.18
N ILE B 65 -19.17 23.79 10.49
CA ILE B 65 -19.57 25.01 11.16
C ILE B 65 -18.38 25.95 11.35
N GLY B 66 -17.26 25.41 11.83
CA GLY B 66 -16.05 26.20 12.02
C GLY B 66 -15.83 26.59 13.46
N GLU B 67 -14.97 27.58 13.64
CA GLU B 67 -14.66 28.11 14.96
C GLU B 67 -15.75 29.05 15.44
N GLY B 68 -15.88 29.16 16.75
CA GLY B 68 -16.84 30.09 17.30
C GLY B 68 -18.00 29.36 17.96
N ILE B 69 -18.42 29.86 19.11
CA ILE B 69 -19.50 29.24 19.85
C ILE B 69 -20.87 29.75 19.40
N LYS B 70 -20.95 31.01 18.92
CA LYS B 70 -22.18 31.43 18.22
C LYS B 70 -22.38 30.70 16.92
N LEU B 71 -21.32 30.48 16.16
CA LEU B 71 -21.50 29.75 14.92
C LEU B 71 -22.02 28.35 15.20
N TRP B 72 -21.55 27.73 16.29
CA TRP B 72 -22.15 26.48 16.75
C TRP B 72 -23.49 26.73 17.41
N ARG B 73 -23.71 27.93 17.94
CA ARG B 73 -25.02 28.31 18.45
C ARG B 73 -26.08 28.22 17.36
N GLU B 74 -25.92 29.02 16.30
CA GLU B 74 -27.00 29.17 15.33
C GLU B 74 -27.19 27.91 14.50
N LYS B 75 -26.10 27.36 13.97
CA LYS B 75 -26.21 26.24 13.03
C LYS B 75 -26.65 24.94 13.69
N ILE B 76 -26.63 24.87 15.02
CA ILE B 76 -27.23 23.73 15.72
C ILE B 76 -28.70 23.99 16.03
N ARG B 77 -29.04 25.25 16.33
CA ARG B 77 -30.41 25.59 16.73
C ARG B 77 -31.42 25.19 15.66
N ASN B 78 -31.17 25.61 14.42
CA ASN B 78 -32.12 25.39 13.33
C ASN B 78 -31.75 24.15 12.51
N GLU B 79 -31.69 23.02 13.21
CA GLU B 79 -31.40 21.74 12.59
C GLU B 79 -32.24 20.69 13.30
N GLU B 80 -32.94 19.86 12.52
CA GLU B 80 -33.85 18.87 13.08
C GLU B 80 -33.06 17.62 13.46
N ILE B 81 -32.86 17.42 14.76
CA ILE B 81 -32.19 16.24 15.30
C ILE B 81 -33.16 15.53 16.24
N ASP B 82 -33.28 14.22 16.10
CA ASP B 82 -34.05 13.43 17.06
C ASP B 82 -33.16 12.95 18.21
N ILE B 83 -32.08 12.25 17.88
CA ILE B 83 -31.14 11.72 18.85
C ILE B 83 -29.75 12.28 18.53
N PHE B 84 -29.09 12.82 19.55
CA PHE B 84 -27.77 13.42 19.40
C PHE B 84 -26.78 12.69 20.31
N ASP B 85 -25.64 12.30 19.74
CA ASP B 85 -24.53 11.71 20.48
C ASP B 85 -23.41 12.72 20.57
N ILE B 86 -22.93 12.97 21.79
CA ILE B 86 -21.90 13.97 22.03
C ILE B 86 -20.60 13.35 22.53
N THR B 87 -20.41 12.05 22.28
CA THR B 87 -19.16 11.41 22.69
C THR B 87 -17.92 11.97 21.98
N PRO B 88 -17.91 12.20 20.66
CA PRO B 88 -16.67 12.68 20.02
C PRO B 88 -16.52 14.19 20.15
N GLY B 89 -15.33 14.65 19.74
CA GLY B 89 -15.09 16.07 19.53
C GLY B 89 -14.74 16.84 20.79
N ARG B 90 -14.48 18.13 20.59
CA ARG B 90 -14.09 19.01 21.67
C ARG B 90 -15.25 19.24 22.64
N LYS B 91 -14.89 19.63 23.87
CA LYS B 91 -15.91 19.84 24.90
C LYS B 91 -16.85 20.97 24.53
N TYR B 92 -16.31 22.04 23.92
CA TYR B 92 -17.17 23.16 23.52
C TYR B 92 -18.21 22.72 22.51
N MET B 93 -17.86 21.77 21.64
CA MET B 93 -18.83 21.28 20.65
C MET B 93 -19.96 20.51 21.32
N ALA B 94 -19.65 19.67 22.30
CA ALA B 94 -20.68 18.94 23.02
C ALA B 94 -21.59 19.89 23.79
N LEU B 95 -21.01 20.94 24.41
CA LEU B 95 -21.80 21.89 25.18
C LEU B 95 -22.81 22.61 24.29
N SER B 96 -22.40 22.98 23.07
CA SER B 96 -23.33 23.64 22.15
C SER B 96 -24.49 22.71 21.78
N ALA B 97 -24.21 21.41 21.63
CA ALA B 97 -25.24 20.46 21.23
C ALA B 97 -26.23 20.21 22.36
N THR B 98 -25.74 19.96 23.57
CA THR B 98 -26.63 19.66 24.69
C THR B 98 -27.39 20.88 25.19
N TYR B 99 -27.19 22.03 24.56
CA TYR B 99 -27.84 23.27 24.97
C TYR B 99 -28.85 23.76 23.96
N TYR B 100 -28.49 23.78 22.68
CA TYR B 100 -29.23 24.50 21.65
C TYR B 100 -29.71 23.58 20.54
N SER B 101 -29.78 22.28 20.79
CA SER B 101 -30.30 21.33 19.81
C SER B 101 -31.75 21.01 20.14
N ARG B 102 -32.57 20.87 19.10
CA ARG B 102 -33.96 20.47 19.25
C ARG B 102 -34.10 18.97 19.39
N ALA B 103 -33.02 18.29 19.77
CA ALA B 103 -33.02 16.84 19.93
C ALA B 103 -33.87 16.42 21.11
N GLU B 104 -34.63 15.34 20.92
CA GLU B 104 -35.38 14.74 22.02
C GLU B 104 -34.42 14.13 23.04
N GLU B 105 -33.61 13.18 22.60
CA GLU B 105 -32.59 12.56 23.43
C GLU B 105 -31.22 13.14 23.09
N ILE B 106 -30.36 13.20 24.09
CA ILE B 106 -28.95 13.53 23.90
C ILE B 106 -28.13 12.50 24.67
N ARG B 107 -27.28 11.77 23.97
CA ARG B 107 -26.66 10.57 24.49
C ARG B 107 -25.15 10.73 24.63
N TYR B 108 -24.60 10.05 25.63
CA TYR B 108 -23.17 10.00 25.89
C TYR B 108 -22.76 8.56 26.06
N VAL B 109 -21.61 8.19 25.48
CA VAL B 109 -21.07 6.84 25.60
C VAL B 109 -20.00 6.88 26.67
N TYR B 110 -20.27 6.28 27.82
CA TYR B 110 -19.36 6.30 28.95
C TYR B 110 -18.41 5.13 28.87
N LEU B 111 -17.11 5.41 28.84
CA LEU B 111 -16.07 4.39 28.81
C LEU B 111 -15.28 4.51 30.12
N LYS B 112 -15.45 3.53 31.01
CA LYS B 112 -14.86 3.62 32.35
C LYS B 112 -13.34 3.68 32.27
N ASP B 113 -12.72 2.76 31.54
CA ASP B 113 -11.27 2.73 31.38
C ASP B 113 -10.95 3.25 29.98
N GLU B 114 -10.42 4.47 29.91
CA GLU B 114 -10.12 5.09 28.62
C GLU B 114 -9.00 4.35 27.89
N ARG B 115 -8.12 3.67 28.62
CA ARG B 115 -6.96 3.01 28.00
C ARG B 115 -7.38 1.97 26.97
N GLU B 116 -8.58 1.43 27.06
CA GLU B 116 -9.08 0.48 26.09
C GLU B 116 -9.84 1.15 24.94
N GLY B 117 -9.89 2.49 24.92
CA GLY B 117 -10.63 3.21 23.90
C GLY B 117 -9.81 3.47 22.65
N TYR B 118 -10.45 4.19 21.72
CA TYR B 118 -9.83 4.54 20.43
C TYR B 118 -9.35 3.30 19.68
N ASN B 119 -10.14 2.24 19.74
CA ASN B 119 -9.84 0.96 19.10
C ASN B 119 -10.99 0.60 18.16
N ILE B 120 -10.81 -0.52 17.45
CA ILE B 120 -11.86 -1.01 16.57
C ILE B 120 -13.15 -1.21 17.37
N PHE B 121 -14.29 -1.00 16.70
CA PHE B 121 -15.57 -1.11 17.37
C PHE B 121 -15.76 -2.52 17.92
N GLY B 122 -16.24 -2.59 19.16
CA GLY B 122 -16.42 -3.85 19.84
C GLY B 122 -15.18 -4.39 20.54
N TYR B 123 -14.07 -3.65 20.52
CA TYR B 123 -12.85 -4.11 21.17
C TYR B 123 -13.03 -4.20 22.68
N VAL B 124 -13.50 -3.12 23.29
CA VAL B 124 -13.78 -3.15 24.73
C VAL B 124 -15.00 -4.01 24.99
N PRO B 125 -14.98 -4.90 25.98
CA PRO B 125 -16.17 -5.71 26.26
C PRO B 125 -17.38 -4.82 26.54
N PHE B 126 -18.52 -5.21 25.95
CA PHE B 126 -19.71 -4.37 26.02
C PHE B 126 -20.25 -4.22 27.44
N GLU B 127 -19.79 -5.05 28.38
CA GLU B 127 -20.12 -4.87 29.79
C GLU B 127 -19.27 -3.80 30.45
N GLN B 128 -18.31 -3.22 29.74
CA GLN B 128 -17.51 -2.11 30.23
C GLN B 128 -17.79 -0.82 29.47
N LEU B 129 -18.76 -0.82 28.58
CA LEU B 129 -19.12 0.34 27.77
C LEU B 129 -20.60 0.63 27.95
N LYS B 130 -20.94 1.85 28.35
CA LYS B 130 -22.31 2.22 28.70
C LYS B 130 -22.80 3.35 27.83
N VAL B 131 -24.04 3.24 27.37
CA VAL B 131 -24.74 4.30 26.66
C VAL B 131 -25.70 4.98 27.64
N ILE B 132 -25.58 6.30 27.77
CA ILE B 132 -26.25 7.05 28.82
C ILE B 132 -27.02 8.20 28.19
N ASN B 133 -28.23 8.45 28.70
CA ASN B 133 -28.97 9.67 28.40
C ASN B 133 -28.49 10.77 29.33
N VAL B 134 -27.98 11.86 28.77
CA VAL B 134 -27.37 12.90 29.60
C VAL B 134 -28.42 13.60 30.46
N ARG B 135 -29.65 13.75 29.95
CA ARG B 135 -30.69 14.43 30.71
C ARG B 135 -31.13 13.60 31.90
N ILE B 136 -31.40 12.31 31.68
CA ILE B 136 -31.90 11.45 32.74
C ILE B 136 -30.77 10.78 33.50
N GLY B 137 -29.75 10.30 32.81
CA GLY B 137 -28.66 9.59 33.45
C GLY B 137 -28.80 8.09 33.49
N ASP B 138 -29.65 7.52 32.63
CA ASP B 138 -29.95 6.10 32.68
C ASP B 138 -29.28 5.36 31.53
N GLU B 139 -29.02 4.08 31.76
CA GLU B 139 -28.18 3.24 30.90
C GLU B 139 -29.08 2.49 29.91
N ILE B 140 -29.09 2.94 28.66
CA ILE B 140 -29.87 2.29 27.60
C ILE B 140 -29.19 0.97 27.24
N PRO B 141 -29.87 -0.16 27.38
CA PRO B 141 -29.24 -1.44 27.09
C PRO B 141 -29.07 -1.65 25.58
N TYR B 142 -28.26 -2.66 25.26
CA TYR B 142 -27.91 -2.92 23.87
C TYR B 142 -28.99 -3.75 23.17
N ASP B 143 -29.24 -3.43 21.91
CA ASP B 143 -30.15 -4.17 21.04
C ASP B 143 -29.39 -4.52 19.78
N PRO B 144 -28.55 -5.56 19.84
CA PRO B 144 -27.61 -5.83 18.74
C PRO B 144 -28.34 -6.33 17.51
N PRO B 145 -28.20 -5.61 16.38
CA PRO B 145 -28.84 -6.07 15.14
C PRO B 145 -28.09 -7.24 14.52
N LEU B 146 -28.63 -7.78 13.44
CA LEU B 146 -28.02 -8.87 12.68
C LEU B 146 -27.54 -8.35 11.33
N THR B 147 -26.83 -9.20 10.62
CA THR B 147 -26.27 -8.83 9.33
C THR B 147 -27.23 -9.18 8.20
N GLN B 148 -27.38 -8.26 7.25
CA GLN B 148 -28.31 -8.41 6.15
C GLN B 148 -27.61 -8.08 4.83
N ASN B 149 -27.91 -8.86 3.80
CA ASN B 149 -27.40 -8.65 2.45
C ASN B 149 -25.87 -8.66 2.41
N VAL B 150 -25.28 -9.65 3.08
CA VAL B 150 -23.83 -9.87 3.05
C VAL B 150 -23.61 -11.34 2.71
N ASN B 151 -23.21 -11.62 1.47
CA ASN B 151 -23.01 -12.98 1.01
C ASN B 151 -21.53 -13.33 0.84
N GLU B 152 -20.63 -12.37 1.04
CA GLU B 152 -19.20 -12.67 1.07
C GLU B 152 -18.88 -13.30 2.43
N ALA B 153 -18.71 -14.62 2.43
CA ALA B 153 -18.49 -15.33 3.69
C ALA B 153 -17.12 -15.03 4.27
N GLU B 154 -16.09 -14.97 3.42
CA GLU B 154 -14.72 -14.88 3.89
C GLU B 154 -14.34 -13.45 4.26
N SER B 155 -13.53 -13.31 5.31
CA SER B 155 -13.01 -12.02 5.72
C SER B 155 -11.65 -12.24 6.36
N LEU B 156 -10.84 -11.18 6.39
CA LEU B 156 -9.52 -11.20 7.01
C LEU B 156 -9.54 -10.28 8.22
N LEU B 157 -9.22 -10.82 9.39
CA LEU B 157 -9.34 -10.11 10.66
C LEU B 157 -8.00 -10.10 11.37
N ASP B 158 -7.62 -8.92 11.87
CA ASP B 158 -6.45 -8.81 12.73
C ASP B 158 -6.80 -9.27 14.15
N VAL B 159 -5.80 -9.25 15.03
CA VAL B 159 -6.00 -9.77 16.38
C VAL B 159 -7.06 -8.95 17.12
N ASP B 160 -6.97 -7.62 17.04
CA ASP B 160 -7.91 -6.76 17.74
C ASP B 160 -9.34 -6.98 17.23
N SER B 161 -9.51 -7.07 15.90
CA SER B 161 -10.84 -7.24 15.33
C SER B 161 -11.40 -8.63 15.66
N LEU B 162 -10.54 -9.65 15.74
CA LEU B 162 -11.01 -10.98 16.11
C LEU B 162 -11.60 -10.97 17.53
N ARG B 163 -10.94 -10.28 18.46
CA ARG B 163 -11.49 -10.13 19.81
C ARG B 163 -12.73 -9.26 19.80
N ALA B 164 -12.79 -8.26 18.91
CA ALA B 164 -14.01 -7.48 18.76
C ALA B 164 -15.15 -8.33 18.19
N PHE B 165 -14.83 -9.27 17.31
CA PHE B 165 -15.86 -10.17 16.78
C PHE B 165 -16.48 -11.00 17.90
N ILE B 166 -15.64 -11.51 18.81
CA ILE B 166 -16.15 -12.32 19.91
C ILE B 166 -17.04 -11.49 20.83
N ASN B 167 -16.62 -10.26 21.14
CA ASN B 167 -17.40 -9.40 22.02
C ASN B 167 -18.76 -9.06 21.39
N ILE B 168 -18.76 -8.74 20.09
CA ILE B 168 -20.01 -8.43 19.40
C ILE B 168 -20.91 -9.66 19.39
N LEU B 169 -20.35 -10.83 19.13
CA LEU B 169 -21.13 -12.06 19.12
C LEU B 169 -21.67 -12.40 20.50
N GLY B 170 -20.94 -12.02 21.56
CA GLY B 170 -21.38 -12.31 22.91
C GLY B 170 -22.65 -11.57 23.31
N LEU B 171 -23.03 -10.55 22.55
CA LEU B 171 -24.28 -9.84 22.80
C LEU B 171 -25.51 -10.72 22.56
N HIS B 172 -25.34 -11.88 21.91
CA HIS B 172 -26.45 -12.76 21.59
C HIS B 172 -26.50 -14.02 22.44
N GLY B 173 -25.44 -14.35 23.17
CA GLY B 173 -25.47 -15.51 24.03
C GLY B 173 -24.08 -16.11 24.18
N LYS B 174 -24.07 -17.38 24.60
CA LYS B 174 -22.83 -18.07 24.98
C LYS B 174 -21.97 -18.31 23.76
N VAL B 175 -20.81 -17.65 23.72
CA VAL B 175 -19.83 -17.86 22.66
C VAL B 175 -18.80 -18.87 23.15
N GLU B 176 -18.53 -19.88 22.34
CA GLU B 176 -17.62 -20.95 22.70
C GLU B 176 -16.59 -21.15 21.61
N ILE B 177 -15.47 -21.76 21.98
CA ILE B 177 -14.38 -22.06 21.06
C ILE B 177 -14.31 -23.58 20.90
N ASN B 178 -14.43 -24.04 19.67
CA ASN B 178 -14.36 -25.47 19.36
C ASN B 178 -13.01 -25.82 18.77
N GLY B 179 -12.61 -27.08 18.93
CA GLY B 179 -11.36 -27.56 18.40
C GLY B 179 -10.22 -27.67 19.40
N ILE B 180 -10.47 -27.41 20.68
CA ILE B 180 -9.44 -27.53 21.70
C ILE B 180 -10.08 -27.94 23.02
N ASP B 181 -9.56 -28.99 23.62
CA ASP B 181 -9.89 -29.34 25.01
C ASP B 181 -9.15 -28.38 25.92
N LEU B 182 -9.88 -27.43 26.50
CA LEU B 182 -9.23 -26.44 27.37
C LEU B 182 -8.63 -27.10 28.61
N GLU B 183 -9.26 -28.16 29.12
CA GLU B 183 -8.78 -28.81 30.33
C GLU B 183 -7.75 -29.89 30.07
N ASN B 184 -7.48 -30.25 28.81
CA ASN B 184 -6.50 -31.29 28.48
C ASN B 184 -5.72 -30.89 27.22
N PRO B 185 -5.09 -29.71 27.22
CA PRO B 185 -4.35 -29.29 26.03
C PRO B 185 -3.08 -30.12 25.85
N ASP B 186 -2.72 -30.35 24.58
CA ASP B 186 -1.45 -30.99 24.31
C ASP B 186 -0.32 -29.96 24.41
N GLN B 187 0.89 -30.38 24.06
CA GLN B 187 2.07 -29.53 24.30
C GLN B 187 1.92 -28.17 23.63
N VAL B 188 1.57 -28.17 22.34
CA VAL B 188 1.46 -26.90 21.63
C VAL B 188 0.25 -26.11 22.10
N GLU B 189 -0.87 -26.79 22.36
CA GLU B 189 -2.07 -26.11 22.83
C GLU B 189 -1.83 -25.44 24.17
N GLU B 190 -1.08 -26.09 25.06
CA GLU B 190 -0.69 -25.45 26.31
C GLU B 190 0.18 -24.24 26.05
N ILE B 191 1.08 -24.32 25.06
CA ILE B 191 1.93 -23.20 24.71
C ILE B 191 1.10 -22.01 24.23
N CYS B 192 0.08 -22.28 23.41
CA CYS B 192 -0.79 -21.20 22.93
C CYS B 192 -1.53 -20.53 24.08
N LEU B 193 -1.91 -21.30 25.10
CA LEU B 193 -2.61 -20.72 26.25
C LEU B 193 -1.73 -19.72 27.00
N PHE B 194 -0.43 -20.03 27.15
CA PHE B 194 0.47 -19.10 27.80
C PHE B 194 0.77 -17.89 26.92
N ARG B 195 0.93 -18.12 25.61
CA ARG B 195 1.19 -17.00 24.70
C ARG B 195 0.02 -16.03 24.67
N SER B 196 -1.20 -16.52 24.82
CA SER B 196 -2.39 -15.68 24.77
C SER B 196 -2.68 -14.97 26.08
N GLY B 197 -1.99 -15.33 27.16
CA GLY B 197 -2.25 -14.74 28.45
C GLY B 197 -3.37 -15.37 29.25
N LYS B 198 -4.03 -16.40 28.70
CA LYS B 198 -5.01 -17.14 29.49
C LYS B 198 -4.36 -17.74 30.73
N TYR B 199 -3.13 -18.24 30.59
CA TYR B 199 -2.28 -18.60 31.71
C TYR B 199 -1.01 -17.76 31.64
N LYS B 200 -0.58 -17.27 32.79
CA LYS B 200 0.65 -16.51 32.90
C LYS B 200 1.54 -17.15 33.96
N TYR B 201 2.80 -16.73 33.97
CA TYR B 201 3.72 -17.05 35.05
C TYR B 201 3.77 -15.88 36.02
N GLU B 202 3.71 -16.20 37.31
CA GLU B 202 3.74 -15.13 38.32
C GLU B 202 5.05 -14.38 38.28
N GLU B 203 6.15 -15.04 37.91
CA GLU B 203 7.45 -14.39 37.85
C GLU B 203 7.56 -13.39 36.71
N GLU B 204 6.53 -13.27 35.87
CA GLU B 204 6.50 -12.19 34.89
C GLU B 204 6.55 -10.82 35.55
N LYS B 205 6.00 -10.71 36.77
CA LYS B 205 6.09 -9.45 37.49
C LYS B 205 7.53 -9.11 37.84
N ASP B 206 8.38 -10.13 38.00
CA ASP B 206 9.80 -9.87 38.25
C ASP B 206 10.48 -9.30 37.01
N ILE B 207 10.04 -9.69 35.81
CA ILE B 207 10.59 -9.12 34.59
C ILE B 207 10.28 -7.63 34.52
N ILE B 208 9.04 -7.25 34.85
CA ILE B 208 8.66 -5.84 34.84
C ILE B 208 9.50 -5.06 35.85
N LYS B 209 9.66 -5.60 37.06
CA LYS B 209 10.38 -4.87 38.10
C LYS B 209 11.83 -4.66 37.72
N GLU B 210 12.49 -5.70 37.21
CA GLU B 210 13.90 -5.57 36.82
C GLU B 210 14.06 -4.64 35.63
N ALA B 211 13.05 -4.53 34.78
CA ALA B 211 13.09 -3.56 33.69
C ALA B 211 13.06 -2.14 34.23
N GLU B 212 12.16 -1.87 35.18
CA GLU B 212 12.08 -0.55 35.79
C GLU B 212 13.37 -0.16 36.49
N ARG B 213 14.19 -1.13 36.88
CA ARG B 213 15.51 -0.87 37.44
C ARG B 213 16.58 -0.72 36.37
N GLY B 214 16.22 -0.85 35.10
CA GLY B 214 17.18 -0.71 34.02
C GLY B 214 18.12 -1.88 33.83
N SER B 215 17.65 -3.10 34.06
CA SER B 215 18.47 -4.27 33.80
C SER B 215 18.37 -4.68 32.34
N LEU B 216 19.32 -5.51 31.91
CA LEU B 216 19.31 -6.09 30.57
C LEU B 216 19.03 -7.58 30.68
N PHE B 217 18.28 -8.12 29.71
CA PHE B 217 17.78 -9.49 29.78
C PHE B 217 18.34 -10.34 28.66
N LEU B 218 18.67 -11.59 29.01
CA LEU B 218 18.85 -12.68 28.06
C LEU B 218 17.81 -13.74 28.36
N ALA B 219 17.09 -14.18 27.34
CA ALA B 219 16.01 -15.15 27.49
C ALA B 219 16.31 -16.40 26.67
N ASP B 220 16.06 -17.58 27.25
CA ASP B 220 16.24 -18.80 26.51
C ASP B 220 15.03 -19.06 25.61
N THR B 221 15.07 -20.19 24.88
CA THR B 221 14.09 -20.44 23.83
C THR B 221 12.68 -20.53 24.38
N ASN B 222 12.49 -21.22 25.51
CA ASN B 222 11.15 -21.45 26.02
C ASN B 222 10.46 -20.16 26.45
N VAL B 223 11.21 -19.12 26.81
CA VAL B 223 10.60 -17.82 27.10
C VAL B 223 9.94 -17.25 25.85
N TYR B 224 10.65 -17.30 24.72
CA TYR B 224 10.06 -16.85 23.46
C TYR B 224 8.91 -17.75 23.05
N ILE B 225 9.04 -19.07 23.25
CA ILE B 225 8.00 -20.01 22.88
C ILE B 225 6.73 -19.74 23.68
N ARG B 226 6.86 -19.64 25.01
CA ARG B 226 5.70 -19.67 25.89
C ARG B 226 5.13 -18.28 26.17
N LEU B 227 5.95 -17.23 26.13
CA LEU B 227 5.43 -15.89 26.34
C LEU B 227 5.08 -15.19 25.04
N GLY B 228 5.74 -15.53 23.94
CA GLY B 228 5.37 -15.00 22.64
C GLY B 228 5.48 -13.49 22.59
N ASN B 229 4.49 -12.86 21.95
CA ASN B 229 4.48 -11.42 21.78
C ASN B 229 4.22 -10.67 23.08
N ARG B 230 3.66 -11.34 24.09
CA ARG B 230 3.47 -10.69 25.39
C ARG B 230 4.79 -10.25 26.01
N LEU B 231 5.90 -10.86 25.59
CA LEU B 231 7.20 -10.52 26.16
C LEU B 231 7.59 -9.07 25.89
N ARG B 232 7.07 -8.47 24.81
CA ARG B 232 7.46 -7.11 24.45
C ARG B 232 7.09 -6.12 25.56
N SER B 233 5.86 -6.23 26.07
CA SER B 233 5.43 -5.31 27.13
C SER B 233 6.25 -5.50 28.40
N LEU B 234 6.62 -6.75 28.70
CA LEU B 234 7.26 -7.05 29.98
C LEU B 234 8.68 -6.47 30.06
N VAL B 235 9.39 -6.39 28.94
CA VAL B 235 10.78 -5.94 28.95
C VAL B 235 10.93 -4.48 28.52
N TYR B 236 9.83 -3.73 28.46
CA TYR B 236 9.86 -2.35 28.01
C TYR B 236 9.33 -1.43 29.11
N ASN B 237 10.11 -0.41 29.44
CA ASN B 237 9.63 0.73 30.22
C ASN B 237 9.85 2.00 29.42
N ARG B 238 9.03 3.01 29.71
CA ARG B 238 9.18 4.31 29.07
C ARG B 238 10.55 4.92 29.34
N LYS B 239 11.15 4.61 30.49
CA LYS B 239 12.42 5.22 30.86
C LYS B 239 13.60 4.55 30.17
N TYR B 240 13.82 3.27 30.44
CA TYR B 240 15.02 2.59 30.00
C TYR B 240 14.88 1.89 28.65
N GLY B 241 13.68 1.88 28.06
CA GLY B 241 13.51 1.34 26.73
C GLY B 241 13.42 -0.18 26.69
N PHE B 242 13.75 -0.73 25.53
CA PHE B 242 13.68 -2.17 25.27
C PHE B 242 14.91 -2.82 25.87
N ARG B 243 14.71 -3.60 26.94
CA ARG B 243 15.80 -4.12 27.74
C ARG B 243 16.23 -5.53 27.35
N LEU B 244 15.47 -6.22 26.50
CA LEU B 244 15.78 -7.59 26.12
C LEU B 244 16.87 -7.57 25.04
N LEU B 245 18.05 -8.10 25.37
CA LEU B 245 19.08 -8.29 24.36
C LEU B 245 18.76 -9.49 23.49
N SER B 246 19.24 -9.46 22.25
CA SER B 246 18.98 -10.55 21.31
C SER B 246 20.06 -11.61 21.51
N SER B 247 19.72 -12.63 22.28
CA SER B 247 20.68 -13.67 22.63
C SER B 247 21.13 -14.44 21.39
N LYS B 248 22.45 -14.62 21.26
CA LYS B 248 22.98 -15.41 20.16
C LYS B 248 22.75 -16.89 20.38
N ASN B 249 22.72 -17.33 21.64
CA ASN B 249 22.53 -18.76 21.92
C ASN B 249 21.09 -19.18 21.65
N THR B 250 20.12 -18.35 22.02
CA THR B 250 18.71 -18.70 21.81
C THR B 250 18.38 -18.80 20.33
N PHE B 251 18.90 -17.88 19.51
CA PHE B 251 18.64 -17.94 18.07
C PHE B 251 19.27 -19.18 17.46
N ASN B 252 20.47 -19.56 17.91
CA ASN B 252 21.11 -20.76 17.40
C ASN B 252 20.27 -21.99 17.68
N GLU B 253 19.71 -22.08 18.89
CA GLU B 253 18.84 -23.21 19.21
C GLU B 253 17.56 -23.18 18.38
N LEU B 254 16.96 -22.00 18.21
CA LEU B 254 15.77 -21.88 17.38
C LEU B 254 16.09 -22.18 15.91
N TYR B 255 17.25 -21.72 15.43
CA TYR B 255 17.65 -21.97 14.05
C TYR B 255 17.85 -23.47 13.79
N ASN B 256 18.50 -24.16 14.73
CA ASN B 256 18.81 -25.57 14.53
C ASN B 256 17.56 -26.44 14.46
N HIS B 257 16.50 -26.05 15.16
CA HIS B 257 15.25 -26.81 15.14
C HIS B 257 14.31 -26.40 14.01
N THR B 258 14.58 -25.31 13.32
CA THR B 258 13.63 -24.81 12.33
C THR B 258 14.24 -24.57 10.96
N ALA B 259 15.49 -24.12 10.88
CA ALA B 259 16.05 -23.62 9.63
C ALA B 259 17.20 -24.44 9.09
N GLN B 260 17.73 -25.40 9.86
CA GLN B 260 18.85 -26.21 9.36
C GLN B 260 18.45 -27.06 8.17
N ASP B 261 17.20 -27.52 8.11
CA ASP B 261 16.76 -28.40 7.05
C ASP B 261 15.25 -28.29 6.92
N THR B 262 14.70 -29.01 5.94
CA THR B 262 13.26 -29.04 5.67
C THR B 262 12.60 -30.27 6.25
N GLN B 263 13.03 -30.68 7.44
CA GLN B 263 12.44 -31.83 8.14
C GLN B 263 10.92 -31.71 8.16
N LYS B 264 10.29 -32.89 8.17
CA LYS B 264 8.83 -32.95 8.27
C LYS B 264 8.38 -32.22 9.54
N ILE B 265 7.12 -31.84 9.58
CA ILE B 265 6.60 -31.03 10.68
C ILE B 265 5.95 -31.95 11.71
N ASP B 266 6.49 -31.94 12.93
CA ASP B 266 5.87 -32.58 14.08
C ASP B 266 5.55 -31.51 15.12
N GLU B 267 5.15 -31.96 16.32
CA GLU B 267 4.80 -31.01 17.37
C GLU B 267 5.97 -30.11 17.73
N ASN B 268 7.17 -30.69 17.86
CA ASN B 268 8.32 -29.90 18.31
C ASN B 268 8.76 -28.87 17.28
N LYS B 269 8.65 -29.17 15.99
CA LYS B 269 8.96 -28.18 14.98
C LYS B 269 7.99 -27.00 15.05
N VAL B 270 6.71 -27.28 15.28
CA VAL B 270 5.73 -26.21 15.46
C VAL B 270 6.07 -25.38 16.70
N LYS B 271 6.47 -26.05 17.78
CA LYS B 271 6.81 -25.35 19.02
C LYS B 271 7.97 -24.39 18.81
N PHE B 272 9.04 -24.87 18.16
CA PHE B 272 10.21 -24.03 17.97
C PHE B 272 9.97 -22.96 16.90
N ILE B 273 9.05 -23.22 15.97
CA ILE B 273 8.69 -22.20 14.97
C ILE B 273 7.95 -21.05 15.64
N LEU B 274 7.06 -21.36 16.58
CA LEU B 274 6.41 -20.30 17.35
C LEU B 274 7.44 -19.46 18.09
N GLY B 275 8.49 -20.10 18.63
CA GLY B 275 9.56 -19.35 19.26
C GLY B 275 10.35 -18.52 18.27
N MET B 276 10.63 -19.09 17.09
CA MET B 276 11.40 -18.36 16.09
C MET B 276 10.66 -17.13 15.59
N LEU B 277 9.35 -17.26 15.34
CA LEU B 277 8.57 -16.11 14.90
C LEU B 277 8.53 -15.03 15.98
N SER B 278 8.35 -15.44 17.24
CA SER B 278 8.35 -14.48 18.34
C SER B 278 9.72 -13.82 18.47
N TYR B 279 10.79 -14.60 18.34
CA TYR B 279 12.14 -14.05 18.40
C TYR B 279 12.35 -13.01 17.29
N ARG B 280 11.90 -13.34 16.07
CA ARG B 280 12.08 -12.42 14.96
C ARG B 280 11.23 -11.17 15.11
N SER B 281 10.09 -11.26 15.78
CA SER B 281 9.25 -10.09 16.00
C SER B 281 9.83 -9.14 17.03
N LEU B 282 10.87 -9.54 17.75
CA LEU B 282 11.48 -8.72 18.79
C LEU B 282 12.89 -8.28 18.48
N HIS B 283 13.65 -9.09 17.76
CA HIS B 283 15.04 -8.78 17.45
C HIS B 283 15.32 -9.01 15.98
N VAL B 284 16.30 -8.29 15.47
CA VAL B 284 16.98 -8.72 14.24
C VAL B 284 17.84 -9.94 14.58
N PRO B 285 17.88 -10.96 13.73
CA PRO B 285 18.75 -12.11 14.00
C PRO B 285 20.18 -11.66 14.24
N PRO B 286 20.69 -11.84 15.46
CA PRO B 286 21.95 -11.17 15.82
C PRO B 286 23.16 -11.77 15.16
N ILE B 287 23.25 -13.09 15.08
CA ILE B 287 24.45 -13.74 14.56
C ILE B 287 24.45 -13.57 13.04
N THR B 288 25.33 -12.70 12.55
CA THR B 288 25.61 -12.60 11.12
C THR B 288 26.32 -13.84 10.59
N SER B 289 26.63 -14.78 11.47
CA SER B 289 27.46 -15.94 11.20
C SER B 289 26.96 -17.07 12.08
N GLN B 290 27.81 -18.06 12.35
CA GLN B 290 27.50 -19.15 13.26
C GLN B 290 28.52 -19.21 14.38
N VAL B 291 28.11 -19.80 15.51
CA VAL B 291 29.04 -20.12 16.60
C VAL B 291 28.79 -21.56 17.05
N ARG B 292 27.65 -22.13 16.64
CA ARG B 292 27.31 -23.54 16.90
C ARG B 292 27.27 -23.85 18.40
N SER B 293 26.73 -22.92 19.18
CA SER B 293 26.53 -23.11 20.60
C SER B 293 25.04 -23.28 20.87
N SER B 294 24.67 -24.33 21.61
CA SER B 294 23.27 -24.63 21.87
C SER B 294 23.17 -25.57 23.06
N GLY B 295 22.33 -25.22 24.02
CA GLY B 295 22.11 -26.05 25.18
C GLY B 295 22.01 -25.19 26.43
N ASP B 296 22.26 -25.85 27.58
CA ASP B 296 22.24 -25.19 28.88
C ASP B 296 23.31 -24.12 28.97
N MET B 297 24.58 -24.55 28.91
CA MET B 297 25.68 -23.66 29.29
C MET B 297 25.84 -22.48 28.33
N GLY B 298 25.39 -22.62 27.09
CA GLY B 298 25.62 -21.57 26.11
C GLY B 298 25.00 -20.24 26.50
N LEU B 299 23.76 -20.27 26.98
CA LEU B 299 23.09 -19.03 27.37
C LEU B 299 23.75 -18.43 28.61
N ILE B 300 24.13 -19.26 29.58
CA ILE B 300 24.81 -18.75 30.78
C ILE B 300 26.16 -18.14 30.41
N ASN B 301 26.93 -18.84 29.59
CA ASN B 301 28.22 -18.33 29.17
C ASN B 301 28.08 -17.05 28.35
N GLU B 302 27.02 -16.97 27.53
CA GLU B 302 26.73 -15.72 26.82
C GLU B 302 26.39 -14.62 27.81
N ALA B 303 25.59 -14.93 28.83
CA ALA B 303 25.23 -13.92 29.83
C ALA B 303 26.44 -13.48 30.64
N LEU B 304 27.40 -14.37 30.86
CA LEU B 304 28.60 -14.00 31.61
C LEU B 304 29.49 -13.06 30.80
N GLU B 305 29.63 -13.30 29.50
CA GLU B 305 30.45 -12.42 28.66
C GLU B 305 29.87 -11.02 28.62
N ILE B 306 28.56 -10.90 28.49
CA ILE B 306 27.92 -9.59 28.46
C ILE B 306 28.09 -8.87 29.79
N LYS B 307 27.94 -9.60 30.89
CA LYS B 307 28.03 -9.00 32.22
C LYS B 307 29.39 -8.36 32.45
N LYS B 308 30.45 -9.01 31.97
CA LYS B 308 31.81 -8.54 32.21
C LYS B 308 32.20 -7.32 31.37
N ASN B 309 31.37 -6.93 30.40
CA ASN B 309 31.74 -5.84 29.49
C ASN B 309 30.64 -4.79 29.33
N VAL B 310 29.55 -4.88 30.10
CA VAL B 310 28.51 -3.86 30.06
C VAL B 310 28.15 -3.48 31.50
N GLU B 311 27.80 -2.22 31.69
CA GLU B 311 27.63 -1.69 33.04
C GLU B 311 26.32 -2.14 33.68
N ASP B 312 25.25 -2.21 32.90
CA ASP B 312 23.93 -2.54 33.45
C ASP B 312 23.89 -3.97 33.96
N ASN B 313 23.03 -4.20 34.95
CA ASN B 313 22.84 -5.55 35.47
C ASN B 313 22.21 -6.45 34.41
N VAL B 314 22.71 -7.68 34.32
CA VAL B 314 22.29 -8.63 33.30
C VAL B 314 21.50 -9.73 33.99
N VAL B 315 20.23 -9.89 33.59
CA VAL B 315 19.32 -10.84 34.21
C VAL B 315 18.95 -11.89 33.18
N LEU B 316 19.16 -13.16 33.54
CA LEU B 316 18.78 -14.28 32.70
C LEU B 316 17.34 -14.68 32.97
N ILE B 317 16.60 -14.96 31.91
CA ILE B 317 15.21 -15.41 32.00
C ILE B 317 15.14 -16.82 31.42
N THR B 318 14.44 -17.71 32.12
CA THR B 318 14.30 -19.08 31.65
C THR B 318 13.08 -19.71 32.31
N ALA B 319 12.59 -20.77 31.68
CA ALA B 319 11.55 -21.62 32.25
C ALA B 319 12.08 -22.99 32.65
N ASP B 320 13.40 -23.17 32.64
CA ASP B 320 14.05 -24.42 33.01
C ASP B 320 14.76 -24.22 34.34
N LYS B 321 14.32 -24.98 35.36
CA LYS B 321 14.89 -24.83 36.69
C LYS B 321 16.38 -25.18 36.69
N ALA B 322 16.73 -26.32 36.10
CA ALA B 322 18.12 -26.78 36.14
C ALA B 322 19.07 -25.74 35.56
N LEU B 323 18.70 -25.13 34.44
CA LEU B 323 19.46 -24.01 33.92
C LEU B 323 19.42 -22.82 34.86
N GLY B 324 18.24 -22.55 35.44
CA GLY B 324 18.11 -21.42 36.34
C GLY B 324 18.98 -21.55 37.58
N LEU B 325 18.98 -22.75 38.19
CA LEU B 325 19.85 -22.97 39.34
C LEU B 325 21.32 -22.89 38.95
N THR B 326 21.68 -23.44 37.79
CA THR B 326 23.07 -23.41 37.34
C THR B 326 23.55 -21.98 37.14
N ALA B 327 22.69 -21.13 36.55
CA ALA B 327 23.07 -19.73 36.35
C ALA B 327 23.32 -19.02 37.67
N GLN B 328 22.45 -19.26 38.66
CA GLN B 328 22.61 -18.62 39.96
C GLN B 328 23.88 -19.08 40.66
N SER B 329 24.29 -20.33 40.47
CA SER B 329 25.56 -20.80 41.00
C SER B 329 26.75 -20.11 40.34
N LYS B 330 26.53 -19.47 39.19
CA LYS B 330 27.58 -18.72 38.50
C LYS B 330 27.49 -17.22 38.78
N GLY B 331 26.65 -16.80 39.72
CA GLY B 331 26.53 -15.39 40.04
C GLY B 331 25.73 -14.57 39.07
N LEU B 332 24.68 -15.14 38.47
CA LEU B 332 23.80 -14.43 37.57
C LEU B 332 22.44 -14.27 38.21
N ARG B 333 21.89 -13.06 38.20
CA ARG B 333 20.51 -12.87 38.63
C ARG B 333 19.59 -13.53 37.62
N THR B 334 18.67 -14.36 38.11
CA THR B 334 17.86 -15.21 37.25
C THR B 334 16.39 -15.09 37.62
N ILE B 335 15.55 -14.96 36.60
CA ILE B 335 14.09 -14.99 36.74
C ILE B 335 13.63 -16.32 36.15
N ILE B 336 13.14 -17.21 37.01
CA ILE B 336 12.75 -18.56 36.61
C ILE B 336 11.24 -18.62 36.55
N LEU B 337 10.70 -18.80 35.35
CA LEU B 337 9.26 -18.94 35.15
C LEU B 337 8.83 -20.31 35.64
N SER B 338 8.20 -20.36 36.80
CA SER B 338 7.73 -21.65 37.31
C SER B 338 6.27 -21.64 37.74
N LYS B 339 5.80 -20.57 38.39
CA LYS B 339 4.50 -20.58 39.05
C LYS B 339 3.43 -20.11 38.07
N VAL B 340 2.54 -21.01 37.71
CA VAL B 340 1.46 -20.72 36.76
C VAL B 340 0.35 -19.95 37.48
N ARG B 341 -0.30 -19.05 36.73
CA ARG B 341 -1.50 -18.37 37.21
C ARG B 341 -2.53 -18.35 36.10
N LYS B 342 -3.77 -18.72 36.43
CA LYS B 342 -4.87 -18.59 35.48
C LYS B 342 -5.41 -17.17 35.51
N GLU B 343 -5.50 -16.54 34.34
CA GLU B 343 -5.88 -15.14 34.26
C GLU B 343 -7.39 -15.00 34.51
N ILE B 344 -7.75 -14.32 35.58
CA ILE B 344 -9.15 -13.97 35.82
C ILE B 344 -9.51 -12.63 35.18
N GLY B 345 -8.52 -11.81 34.83
CA GLY B 345 -8.78 -10.54 34.19
C GLY B 345 -8.70 -10.61 32.69
N GLU B 346 -8.10 -9.59 32.07
CA GLU B 346 -8.04 -9.51 30.62
C GLU B 346 -6.89 -10.36 30.08
N TRP B 347 -7.17 -11.08 29.00
CA TRP B 347 -6.14 -11.76 28.22
C TRP B 347 -6.51 -11.59 26.75
N ASP B 348 -5.79 -12.29 25.88
CA ASP B 348 -5.84 -12.05 24.43
C ASP B 348 -6.48 -13.26 23.74
N ILE B 349 -7.81 -13.20 23.58
CA ILE B 349 -8.52 -14.28 22.90
C ILE B 349 -8.12 -14.35 21.44
N GLY B 350 -7.92 -13.19 20.79
CA GLY B 350 -7.52 -13.18 19.40
C GLY B 350 -6.19 -13.87 19.17
N GLU B 351 -5.23 -13.63 20.06
CA GLU B 351 -3.93 -14.28 19.92
C GLU B 351 -4.04 -15.79 20.09
N LEU B 352 -4.90 -16.24 21.01
CA LEU B 352 -5.09 -17.68 21.20
C LEU B 352 -5.63 -18.33 19.92
N LEU B 353 -6.61 -17.70 19.29
CA LEU B 353 -7.17 -18.25 18.06
C LEU B 353 -6.15 -18.21 16.93
N PHE B 354 -5.36 -17.13 16.86
CA PHE B 354 -4.24 -17.08 15.93
C PHE B 354 -3.31 -18.26 16.13
N CYS B 355 -2.89 -18.48 17.38
CA CYS B 355 -1.93 -19.54 17.68
C CYS B 355 -2.51 -20.92 17.38
N LEU B 356 -3.78 -21.12 17.70
CA LEU B 356 -4.40 -22.42 17.46
C LEU B 356 -4.64 -22.66 15.97
N SER B 357 -5.03 -21.62 15.24
CA SER B 357 -5.19 -21.77 13.79
C SER B 357 -3.88 -22.15 13.13
N PHE B 358 -2.78 -21.51 13.55
CA PHE B 358 -1.46 -21.86 13.02
C PHE B 358 -1.11 -23.31 13.33
N TYR B 359 -1.34 -23.73 14.57
CA TYR B 359 -0.99 -25.09 14.98
C TYR B 359 -1.79 -26.14 14.21
N ASN B 360 -3.10 -25.93 14.08
CA ASN B 360 -3.95 -26.91 13.43
C ASN B 360 -3.83 -26.89 11.91
N ASP B 361 -3.27 -25.81 11.33
CA ASP B 361 -3.11 -25.74 9.89
C ASP B 361 -1.82 -26.38 9.40
N TYR B 362 -0.80 -26.46 10.27
CA TYR B 362 0.47 -27.10 9.92
C TYR B 362 0.74 -28.27 10.84
N ARG B 363 -0.32 -28.95 11.27
CA ARG B 363 -0.27 -29.98 12.30
C ARG B 363 0.26 -31.29 11.73
N ASN B 364 0.12 -32.37 12.49
CA ASN B 364 0.69 -33.66 12.14
C ASN B 364 -0.38 -34.68 11.75
N GLY B 365 -1.32 -34.98 12.65
CA GLY B 365 -2.20 -36.11 12.42
C GLY B 365 -3.64 -35.76 12.09
N ILE B 366 -4.55 -36.11 12.99
CA ILE B 366 -5.97 -35.92 12.74
C ILE B 366 -6.26 -34.44 12.59
N ARG B 367 -7.04 -34.10 11.57
CA ARG B 367 -7.25 -32.71 11.17
C ARG B 367 -8.33 -32.09 12.05
N ARG B 368 -7.91 -31.23 12.98
CA ARG B 368 -8.82 -30.56 13.90
C ARG B 368 -9.18 -29.18 13.35
N MET B 369 -10.46 -28.83 13.47
CA MET B 369 -10.99 -27.58 12.95
C MET B 369 -11.27 -26.62 14.09
N ILE B 370 -10.78 -25.39 13.96
CA ILE B 370 -11.03 -24.34 14.95
C ILE B 370 -12.26 -23.56 14.53
N GLU B 371 -13.30 -23.59 15.36
CA GLU B 371 -14.57 -22.95 15.05
C GLU B 371 -14.99 -22.08 16.23
N ILE B 372 -15.84 -21.10 15.93
CA ILE B 372 -16.47 -20.25 16.93
C ILE B 372 -17.97 -20.52 16.88
N SER B 373 -18.53 -20.96 17.99
CA SER B 373 -19.93 -21.34 18.07
C SER B 373 -20.66 -20.43 19.05
N LEU B 374 -21.92 -20.12 18.73
CA LEU B 374 -22.78 -19.31 19.57
C LEU B 374 -24.04 -20.10 19.90
N ASN B 375 -24.36 -20.19 21.18
CA ASN B 375 -25.55 -20.93 21.66
C ASN B 375 -25.55 -22.36 21.12
N GLY B 376 -24.35 -22.94 21.02
CA GLY B 376 -24.19 -24.27 20.46
C GLY B 376 -24.13 -24.33 18.96
N SER B 377 -24.43 -23.24 18.25
CA SER B 377 -24.52 -23.24 16.80
C SER B 377 -23.23 -22.70 16.19
N LYS B 378 -22.65 -23.47 15.29
CA LYS B 378 -21.46 -23.07 14.56
C LYS B 378 -21.69 -21.75 13.84
N ILE B 379 -20.82 -20.76 14.11
CA ILE B 379 -20.95 -19.44 13.53
C ILE B 379 -19.88 -19.19 12.46
N ALA B 380 -18.64 -19.56 12.75
CA ALA B 380 -17.56 -19.34 11.79
C ALA B 380 -16.42 -20.31 12.08
N GLU B 381 -15.56 -20.49 11.07
CA GLU B 381 -14.36 -21.29 11.18
C GLU B 381 -13.15 -20.42 10.86
N LEU B 382 -11.98 -20.85 11.32
CA LEU B 382 -10.77 -20.05 11.26
C LEU B 382 -9.67 -20.77 10.47
N HIS B 383 -8.84 -19.98 9.80
CA HIS B 383 -7.73 -20.50 9.02
C HIS B 383 -6.58 -19.50 9.07
N SER B 384 -5.35 -20.02 8.95
CA SER B 384 -4.17 -19.18 9.02
C SER B 384 -3.99 -18.39 7.72
N TYR B 385 -3.23 -17.30 7.83
CA TYR B 385 -2.93 -16.41 6.73
C TYR B 385 -1.42 -16.34 6.55
N TYR B 386 -0.98 -16.24 5.29
CA TYR B 386 0.43 -16.34 4.99
C TYR B 386 1.25 -15.17 5.55
N HIS B 387 0.64 -13.99 5.65
CA HIS B 387 1.38 -12.76 5.94
C HIS B 387 1.55 -12.62 7.45
N LEU B 388 2.81 -12.69 7.90
CA LEU B 388 3.11 -12.63 9.33
C LEU B 388 3.33 -11.20 9.83
N GLN B 389 3.64 -10.26 8.95
CA GLN B 389 3.83 -8.87 9.39
C GLN B 389 2.49 -8.16 9.56
N GLU B 390 1.65 -8.18 8.54
CA GLU B 390 0.26 -7.75 8.69
C GLU B 390 -0.54 -9.00 9.06
N ARG B 391 -0.69 -9.23 10.36
CA ARG B 391 -1.17 -10.50 10.87
C ARG B 391 -2.70 -10.58 10.75
N ARG B 392 -3.19 -11.64 10.13
CA ARG B 392 -4.62 -11.84 9.91
C ARG B 392 -4.98 -13.30 10.13
N VAL B 393 -6.26 -13.52 10.40
CA VAL B 393 -6.86 -14.85 10.38
C VAL B 393 -8.04 -14.82 9.43
N LYS B 394 -8.12 -15.81 8.56
CA LYS B 394 -9.22 -15.90 7.59
C LYS B 394 -10.46 -16.47 8.28
N VAL B 395 -11.50 -15.65 8.38
CA VAL B 395 -12.75 -16.04 9.03
C VAL B 395 -13.77 -16.36 7.96
N ARG B 396 -14.37 -17.55 8.04
CA ARG B 396 -15.41 -17.99 7.12
C ARG B 396 -16.70 -18.15 7.90
N VAL B 397 -17.66 -17.25 7.68
CA VAL B 397 -18.91 -17.24 8.41
C VAL B 397 -19.89 -18.19 7.71
N VAL B 398 -20.34 -19.21 8.44
CA VAL B 398 -21.33 -20.15 7.92
C VAL B 398 -22.76 -19.71 8.21
N ASP B 399 -22.95 -18.56 8.84
CA ASP B 399 -24.28 -18.07 9.23
C ASP B 399 -24.42 -16.63 8.75
N LYS B 400 -25.25 -16.43 7.73
CA LYS B 400 -25.40 -15.11 7.13
C LYS B 400 -25.89 -14.06 8.13
N ARG B 401 -26.50 -14.49 9.23
CA ARG B 401 -27.07 -13.57 10.21
C ARG B 401 -26.04 -12.99 11.17
N TYR B 402 -24.79 -13.45 11.13
CA TYR B 402 -23.79 -13.04 12.12
C TYR B 402 -22.46 -12.69 11.47
N ASN B 403 -22.48 -12.16 10.23
CA ASN B 403 -21.24 -11.88 9.52
C ASN B 403 -20.74 -10.47 9.86
N TYR B 404 -20.35 -10.31 11.12
CA TYR B 404 -19.69 -9.11 11.61
C TYR B 404 -18.25 -8.94 11.12
N PRO B 405 -17.50 -10.02 10.84
CA PRO B 405 -16.13 -9.81 10.30
C PRO B 405 -16.08 -8.96 9.05
N LYS B 406 -17.08 -9.04 8.16
CA LYS B 406 -17.07 -8.18 6.98
C LYS B 406 -17.16 -6.71 7.36
N ILE B 407 -17.97 -6.38 8.36
CA ILE B 407 -18.05 -5.01 8.84
C ILE B 407 -16.73 -4.59 9.48
N LEU B 408 -16.17 -5.46 10.34
CA LEU B 408 -14.91 -5.13 10.99
C LEU B 408 -13.78 -5.03 9.98
N GLU B 409 -13.81 -5.85 8.92
CA GLU B 409 -12.83 -5.72 7.85
C GLU B 409 -12.94 -4.36 7.16
N ILE B 410 -14.16 -3.93 6.87
CA ILE B 410 -14.36 -2.63 6.22
C ILE B 410 -13.94 -1.50 7.16
N LEU B 411 -14.33 -1.58 8.43
CA LEU B 411 -13.95 -0.55 9.39
C LEU B 411 -12.45 -0.49 9.57
N SER B 412 -11.79 -1.65 9.54
CA SER B 412 -10.34 -1.68 9.71
C SER B 412 -9.63 -0.94 8.58
N GLU B 413 -10.14 -1.07 7.35
CA GLU B 413 -9.57 -0.33 6.23
C GLU B 413 -9.68 1.17 6.45
N ILE B 414 -10.81 1.62 7.00
CA ILE B 414 -10.99 3.04 7.27
C ILE B 414 -10.03 3.50 8.37
N LEU B 415 -9.90 2.72 9.45
CA LEU B 415 -9.00 3.10 10.53
C LEU B 415 -7.55 3.14 10.08
N ALA B 416 -7.16 2.24 9.16
CA ALA B 416 -5.79 2.21 8.68
C ALA B 416 -5.44 3.48 7.92
N THR B 417 -6.42 4.14 7.29
CA THR B 417 -6.20 5.39 6.58
C THR B 417 -6.06 6.51 7.60
N ALA B 418 -4.86 6.61 8.16
CA ALA B 418 -4.56 7.65 9.15
C ALA B 418 -3.09 8.04 9.09
N MET D 1 -30.70 -12.21 -52.61
CA MET D 1 -31.41 -11.03 -52.13
C MET D 1 -31.00 -10.66 -50.71
N LEU D 2 -30.57 -11.67 -49.94
CA LEU D 2 -30.29 -11.49 -48.52
C LEU D 2 -28.83 -11.09 -48.34
N ILE D 3 -28.61 -9.90 -47.78
CA ILE D 3 -27.29 -9.31 -47.67
C ILE D 3 -27.01 -8.97 -46.21
N LEU D 4 -25.87 -9.44 -45.71
CA LEU D 4 -25.43 -9.15 -44.35
C LEU D 4 -24.26 -8.17 -44.40
N ALA D 5 -24.27 -7.20 -43.49
CA ALA D 5 -23.23 -6.18 -43.43
C ALA D 5 -22.70 -6.05 -42.02
N THR D 6 -21.43 -5.66 -41.92
CA THR D 6 -20.79 -5.41 -40.64
C THR D 6 -19.73 -4.34 -40.83
N LEU D 7 -18.96 -4.07 -39.78
CA LEU D 7 -17.95 -3.03 -39.80
C LEU D 7 -16.55 -3.64 -39.73
N GLY D 8 -15.62 -3.04 -40.45
CA GLY D 8 -14.24 -3.48 -40.43
C GLY D 8 -13.38 -2.69 -39.45
N SER D 9 -12.99 -3.33 -38.36
CA SER D 9 -12.15 -2.69 -37.37
C SER D 9 -10.68 -3.00 -37.65
N ASP D 10 -9.80 -2.34 -36.88
CA ASP D 10 -8.38 -2.67 -36.97
C ASP D 10 -8.13 -4.09 -36.48
N LYS D 11 -8.94 -4.57 -35.54
CA LYS D 11 -8.91 -5.97 -35.17
C LYS D 11 -9.71 -6.79 -36.16
N SER D 12 -9.11 -7.86 -36.69
CA SER D 12 -9.88 -8.78 -37.51
C SER D 12 -10.79 -9.65 -36.66
N VAL D 13 -10.43 -9.88 -35.39
CA VAL D 13 -11.14 -10.86 -34.57
C VAL D 13 -12.58 -10.43 -34.33
N THR D 14 -12.83 -9.12 -34.18
CA THR D 14 -14.18 -8.67 -33.90
C THR D 14 -15.08 -8.74 -35.13
N THR D 15 -14.57 -8.29 -36.28
CA THR D 15 -15.34 -8.37 -37.52
C THR D 15 -15.63 -9.83 -37.88
N ILE D 16 -14.61 -10.69 -37.75
CA ILE D 16 -14.80 -12.11 -38.06
C ILE D 16 -15.83 -12.73 -37.12
N ASN D 17 -15.68 -12.48 -35.82
CA ASN D 17 -16.57 -13.10 -34.84
C ASN D 17 -17.99 -12.56 -34.94
N ALA D 18 -18.13 -11.28 -35.33
CA ALA D 18 -19.48 -10.74 -35.54
C ALA D 18 -20.17 -11.45 -36.70
N ILE D 19 -19.44 -11.73 -37.78
CA ILE D 19 -20.03 -12.42 -38.92
C ILE D 19 -20.43 -13.84 -38.53
N LEU D 20 -19.55 -14.55 -37.84
CA LEU D 20 -19.82 -15.95 -37.49
C LEU D 20 -20.97 -16.04 -36.49
N THR D 21 -21.06 -15.09 -35.55
CA THR D 21 -22.18 -15.09 -34.61
C THR D 21 -23.50 -14.87 -35.34
N GLU D 22 -23.51 -13.96 -36.32
CA GLU D 22 -24.73 -13.71 -37.09
C GLU D 22 -25.11 -14.94 -37.91
N ILE D 23 -24.13 -15.60 -38.53
CA ILE D 23 -24.41 -16.80 -39.30
C ILE D 23 -24.99 -17.88 -38.38
N PHE D 24 -24.55 -17.90 -37.11
CA PHE D 24 -24.98 -18.91 -36.16
C PHE D 24 -26.37 -18.64 -35.57
N THR D 25 -27.01 -17.54 -35.95
CA THR D 25 -28.44 -17.36 -35.70
C THR D 25 -29.28 -17.84 -36.87
N GLY D 26 -28.72 -18.66 -37.75
CA GLY D 26 -29.44 -19.22 -38.87
C GLY D 26 -29.28 -18.48 -40.19
N LEU D 27 -28.52 -17.39 -40.21
CA LEU D 27 -28.43 -16.57 -41.41
C LEU D 27 -27.56 -17.23 -42.47
N ASN D 28 -28.05 -17.20 -43.72
CA ASN D 28 -27.29 -17.63 -44.89
C ASN D 28 -27.33 -16.50 -45.92
N PRO D 29 -26.47 -15.50 -45.78
CA PRO D 29 -26.43 -14.42 -46.77
C PRO D 29 -25.74 -14.84 -48.05
N ASN D 30 -26.04 -14.11 -49.11
CA ASN D 30 -25.32 -14.25 -50.37
C ASN D 30 -24.17 -13.28 -50.52
N LYS D 31 -24.31 -12.07 -49.95
CA LYS D 31 -23.24 -11.09 -49.94
C LYS D 31 -22.98 -10.63 -48.51
N ILE D 32 -21.70 -10.54 -48.16
CA ILE D 32 -21.26 -9.92 -46.92
C ILE D 32 -20.43 -8.71 -47.29
N ILE D 33 -20.86 -7.53 -46.85
CA ILE D 33 -20.16 -6.28 -47.12
C ILE D 33 -19.58 -5.76 -45.82
N ILE D 34 -18.28 -5.51 -45.81
CA ILE D 34 -17.57 -5.00 -44.63
C ILE D 34 -17.18 -3.56 -44.93
N PHE D 35 -17.85 -2.63 -44.25
CA PHE D 35 -17.61 -1.20 -44.46
C PHE D 35 -16.43 -0.77 -43.60
N ARG D 36 -15.32 -0.45 -44.24
CA ARG D 36 -14.08 -0.14 -43.53
C ARG D 36 -13.82 1.36 -43.50
N GLU D 37 -12.79 1.72 -42.72
CA GLU D 37 -12.33 3.10 -42.65
C GLU D 37 -11.10 3.36 -43.50
N ASP D 38 -10.42 2.31 -43.95
CA ASP D 38 -9.21 2.42 -44.74
C ASP D 38 -8.94 1.07 -45.40
N PRO D 39 -8.15 1.04 -46.48
CA PRO D 39 -7.69 -0.25 -46.99
C PRO D 39 -6.83 -0.95 -45.95
N GLN D 40 -7.28 -2.11 -45.50
CA GLN D 40 -6.70 -2.80 -44.35
C GLN D 40 -5.21 -3.10 -44.52
N GLY D 46 -8.52 -17.34 -45.84
CA GLY D 46 -9.40 -18.49 -46.03
C GLY D 46 -10.75 -18.31 -45.36
N MET D 47 -11.24 -17.07 -45.31
CA MET D 47 -12.53 -16.81 -44.67
C MET D 47 -13.66 -17.45 -45.48
N GLU D 48 -13.67 -17.23 -46.80
CA GLU D 48 -14.73 -17.80 -47.63
C GLU D 48 -14.76 -19.31 -47.54
N LYS D 49 -13.60 -19.93 -47.33
CA LYS D 49 -13.55 -21.39 -47.20
C LYS D 49 -14.22 -21.84 -45.90
N ALA D 50 -14.03 -21.10 -44.80
CA ALA D 50 -14.65 -21.48 -43.54
C ALA D 50 -16.16 -21.32 -43.60
N LEU D 51 -16.65 -20.25 -44.23
CA LEU D 51 -18.08 -20.11 -44.44
C LEU D 51 -18.61 -21.19 -45.37
N GLU D 52 -17.80 -21.59 -46.36
CA GLU D 52 -18.16 -22.70 -47.22
C GLU D 52 -18.40 -23.97 -46.41
N TYR D 53 -17.54 -24.22 -45.43
CA TYR D 53 -17.68 -25.39 -44.55
C TYR D 53 -18.93 -25.31 -43.69
N LEU D 54 -19.56 -24.15 -43.57
CA LEU D 54 -20.80 -23.98 -42.81
C LEU D 54 -22.03 -23.99 -43.71
N GLY D 55 -21.88 -24.30 -44.99
CA GLY D 55 -22.99 -24.23 -45.92
C GLY D 55 -23.33 -22.84 -46.38
N VAL D 56 -22.46 -21.86 -46.15
CA VAL D 56 -22.66 -20.49 -46.59
C VAL D 56 -21.79 -20.25 -47.83
N ASN D 57 -22.43 -19.91 -48.93
CA ASN D 57 -21.75 -19.60 -50.20
C ASN D 57 -22.00 -18.13 -50.48
N THR D 58 -21.06 -17.27 -50.06
CA THR D 58 -21.28 -15.84 -50.02
C THR D 58 -20.10 -15.10 -50.65
N LEU D 59 -20.41 -13.89 -51.12
CA LEU D 59 -19.40 -12.95 -51.59
C LEU D 59 -19.04 -12.02 -50.45
N ILE D 60 -17.77 -11.97 -50.09
CA ILE D 60 -17.29 -11.06 -49.05
C ILE D 60 -16.66 -9.87 -49.75
N GLU D 61 -17.28 -8.71 -49.59
CA GLU D 61 -16.85 -7.48 -50.26
C GLU D 61 -16.47 -6.46 -49.21
N GLU D 62 -15.27 -5.89 -49.35
CA GLU D 62 -14.73 -4.93 -48.40
C GLU D 62 -14.83 -3.54 -49.01
N LYS D 63 -15.82 -2.77 -48.55
CA LYS D 63 -16.13 -1.46 -49.11
C LYS D 63 -15.54 -0.39 -48.20
N VAL D 64 -14.52 0.31 -48.71
CA VAL D 64 -13.81 1.32 -47.93
C VAL D 64 -14.48 2.67 -48.13
N ILE D 65 -14.70 3.39 -47.03
CA ILE D 65 -15.35 4.69 -47.05
C ILE D 65 -14.38 5.81 -46.73
N GLY D 66 -13.45 5.58 -45.82
CA GLY D 66 -12.55 6.62 -45.34
C GLY D 66 -12.97 7.15 -43.99
N GLU D 67 -12.11 8.00 -43.43
CA GLU D 67 -12.37 8.58 -42.12
C GLU D 67 -13.52 9.58 -42.20
N GLY D 68 -13.90 10.12 -41.05
CA GLY D 68 -14.90 11.15 -41.00
C GLY D 68 -16.33 10.65 -40.90
N ILE D 69 -17.11 11.28 -40.02
CA ILE D 69 -18.51 10.90 -39.86
C ILE D 69 -19.35 11.43 -41.03
N LYS D 70 -18.95 12.54 -41.64
CA LYS D 70 -19.67 13.06 -42.80
C LYS D 70 -19.58 12.10 -43.99
N LEU D 71 -18.38 11.53 -44.22
CA LEU D 71 -18.21 10.59 -45.33
C LEU D 71 -19.11 9.38 -45.15
N TRP D 72 -19.31 8.93 -43.90
CA TRP D 72 -20.18 7.80 -43.63
C TRP D 72 -21.65 8.15 -43.78
N ARG D 73 -22.03 9.37 -43.36
CA ARG D 73 -23.43 9.78 -43.41
C ARG D 73 -23.98 9.78 -44.82
N GLU D 74 -23.13 9.91 -45.85
CA GLU D 74 -23.57 9.95 -47.23
C GLU D 74 -23.31 8.67 -48.01
N LYS D 75 -22.30 7.88 -47.63
CA LYS D 75 -21.92 6.71 -48.40
C LYS D 75 -22.48 5.41 -47.87
N ILE D 76 -22.81 5.33 -46.56
CA ILE D 76 -23.37 4.11 -46.02
C ILE D 76 -24.76 3.86 -46.59
N ARG D 77 -25.46 4.92 -47.01
CA ARG D 77 -26.79 4.75 -47.57
C ARG D 77 -26.76 4.08 -48.94
N ASN D 78 -25.69 4.29 -49.71
CA ASN D 78 -25.59 3.78 -51.07
C ASN D 78 -25.25 2.29 -51.06
N GLU D 79 -26.16 1.50 -50.48
CA GLU D 79 -26.06 0.05 -50.53
C GLU D 79 -27.35 -0.56 -49.98
N GLU D 80 -27.77 -1.67 -50.58
CA GLU D 80 -28.94 -2.40 -50.11
C GLU D 80 -28.50 -3.48 -49.12
N ILE D 81 -29.02 -3.41 -47.90
CA ILE D 81 -28.65 -4.33 -46.83
C ILE D 81 -29.92 -4.80 -46.12
N ASP D 82 -29.92 -6.07 -45.71
CA ASP D 82 -30.99 -6.59 -44.86
C ASP D 82 -30.62 -6.49 -43.38
N ILE D 83 -29.52 -7.11 -42.99
CA ILE D 83 -29.11 -7.19 -41.59
C ILE D 83 -27.71 -6.59 -41.47
N PHE D 84 -27.59 -5.55 -40.65
CA PHE D 84 -26.32 -4.86 -40.40
C PHE D 84 -25.92 -5.11 -38.95
N ASP D 85 -24.74 -5.70 -38.75
CA ASP D 85 -24.20 -5.95 -37.42
C ASP D 85 -23.14 -4.88 -37.12
N ILE D 86 -23.41 -4.07 -36.10
CA ILE D 86 -22.56 -2.92 -35.80
C ILE D 86 -21.63 -3.19 -34.61
N THR D 87 -21.48 -4.47 -34.23
CA THR D 87 -20.64 -4.78 -33.07
C THR D 87 -19.18 -4.32 -33.23
N PRO D 88 -18.49 -4.58 -34.34
CA PRO D 88 -17.08 -4.19 -34.42
C PRO D 88 -16.94 -2.71 -34.82
N GLY D 89 -15.70 -2.23 -34.75
CA GLY D 89 -15.37 -0.92 -35.25
C GLY D 89 -15.56 0.18 -34.23
N ARG D 90 -15.24 1.41 -34.67
CA ARG D 90 -15.38 2.58 -33.83
C ARG D 90 -16.85 2.88 -33.57
N LYS D 91 -17.09 3.69 -32.53
CA LYS D 91 -18.46 4.03 -32.18
C LYS D 91 -19.14 4.81 -33.30
N TYR D 92 -18.48 5.86 -33.81
CA TYR D 92 -19.10 6.70 -34.83
C TYR D 92 -19.44 5.90 -36.07
N MET D 93 -18.61 4.91 -36.42
CA MET D 93 -18.94 4.03 -37.53
C MET D 93 -20.23 3.27 -37.25
N ALA D 94 -20.40 2.78 -36.03
CA ALA D 94 -21.65 2.14 -35.64
C ALA D 94 -22.78 3.16 -35.56
N LEU D 95 -22.49 4.39 -35.15
CA LEU D 95 -23.54 5.41 -35.03
C LEU D 95 -24.20 5.70 -36.37
N SER D 96 -23.39 5.99 -37.39
CA SER D 96 -23.96 6.33 -38.70
C SER D 96 -24.59 5.12 -39.37
N ALA D 97 -24.05 3.92 -39.14
CA ALA D 97 -24.59 2.72 -39.76
C ALA D 97 -26.00 2.40 -39.25
N THR D 98 -26.29 2.67 -37.98
CA THR D 98 -27.61 2.41 -37.44
C THR D 98 -28.61 3.51 -37.76
N TYR D 99 -28.17 4.60 -38.40
CA TYR D 99 -29.06 5.72 -38.69
C TYR D 99 -29.14 6.10 -40.16
N TYR D 100 -28.18 5.69 -41.00
CA TYR D 100 -28.18 6.07 -42.40
C TYR D 100 -28.05 4.86 -43.33
N SER D 101 -28.31 3.66 -42.83
CA SER D 101 -28.28 2.46 -43.66
C SER D 101 -29.70 2.10 -44.11
N ARG D 102 -29.77 1.34 -45.20
CA ARG D 102 -31.03 0.83 -45.71
C ARG D 102 -31.41 -0.52 -45.11
N ALA D 103 -30.91 -0.83 -43.92
CA ALA D 103 -31.05 -2.14 -43.33
C ALA D 103 -32.35 -2.26 -42.54
N GLU D 104 -33.10 -3.34 -42.80
CA GLU D 104 -34.33 -3.59 -42.06
C GLU D 104 -34.06 -4.02 -40.63
N GLU D 105 -32.85 -4.44 -40.32
CA GLU D 105 -32.53 -4.95 -38.99
C GLU D 105 -31.10 -4.59 -38.64
N ILE D 106 -30.91 -3.93 -37.50
CA ILE D 106 -29.59 -3.61 -36.97
C ILE D 106 -29.38 -4.43 -35.71
N ARG D 107 -28.24 -5.11 -35.63
CA ARG D 107 -27.98 -6.07 -34.58
C ARG D 107 -26.69 -5.76 -33.85
N TYR D 108 -26.56 -6.34 -32.66
CA TYR D 108 -25.42 -6.12 -31.78
C TYR D 108 -25.14 -7.40 -31.01
N VAL D 109 -23.89 -7.86 -31.06
CA VAL D 109 -23.48 -9.06 -30.33
C VAL D 109 -22.99 -8.60 -28.96
N TYR D 110 -23.82 -8.81 -27.94
CA TYR D 110 -23.57 -8.28 -26.61
C TYR D 110 -22.74 -9.28 -25.81
N LEU D 111 -21.53 -8.88 -25.43
CA LEU D 111 -20.64 -9.71 -24.62
C LEU D 111 -20.84 -9.35 -23.16
N LYS D 112 -21.34 -10.29 -22.37
CA LYS D 112 -21.66 -10.01 -20.97
C LYS D 112 -20.42 -9.60 -20.19
N ASP D 113 -19.32 -10.33 -20.38
CA ASP D 113 -18.03 -10.00 -19.77
C ASP D 113 -17.02 -9.87 -20.90
N GLU D 114 -16.54 -8.64 -21.12
CA GLU D 114 -15.64 -8.35 -22.24
C GLU D 114 -14.26 -8.95 -22.05
N ARG D 115 -13.86 -9.26 -20.80
CA ARG D 115 -12.55 -9.85 -20.56
C ARG D 115 -12.40 -11.21 -21.22
N GLU D 116 -13.50 -11.87 -21.57
CA GLU D 116 -13.48 -13.12 -22.32
C GLU D 116 -13.48 -12.90 -23.82
N GLY D 117 -13.48 -11.64 -24.28
CA GLY D 117 -13.59 -11.35 -25.70
C GLY D 117 -12.27 -11.41 -26.43
N TYR D 118 -12.35 -11.09 -27.72
CA TYR D 118 -11.18 -10.96 -28.60
C TYR D 118 -10.43 -12.29 -28.73
N ASN D 119 -11.16 -13.39 -28.62
CA ASN D 119 -10.62 -14.73 -28.79
C ASN D 119 -11.19 -15.37 -30.06
N ILE D 120 -10.80 -16.62 -30.31
CA ILE D 120 -11.35 -17.34 -31.43
C ILE D 120 -12.84 -17.56 -31.21
N PHE D 121 -13.58 -17.69 -32.31
CA PHE D 121 -15.02 -17.86 -32.23
C PHE D 121 -15.37 -19.13 -31.46
N GLY D 122 -16.37 -19.03 -30.58
CA GLY D 122 -16.77 -20.12 -29.73
C GLY D 122 -16.03 -20.20 -28.41
N TYR D 123 -14.97 -19.41 -28.22
CA TYR D 123 -14.26 -19.43 -26.95
C TYR D 123 -15.15 -18.96 -25.81
N VAL D 124 -15.88 -17.88 -26.05
CA VAL D 124 -16.87 -17.40 -25.06
C VAL D 124 -17.98 -18.44 -24.95
N PRO D 125 -18.34 -18.88 -23.75
CA PRO D 125 -19.54 -19.71 -23.61
C PRO D 125 -20.76 -18.98 -24.18
N PHE D 126 -21.53 -19.70 -24.98
CA PHE D 126 -22.62 -19.06 -25.72
C PHE D 126 -23.74 -18.57 -24.83
N GLU D 127 -23.81 -19.02 -23.58
CA GLU D 127 -24.77 -18.47 -22.64
C GLU D 127 -24.43 -17.03 -22.25
N GLN D 128 -23.18 -16.61 -22.42
CA GLN D 128 -22.76 -15.25 -22.16
C GLN D 128 -22.81 -14.35 -23.39
N LEU D 129 -23.19 -14.89 -24.53
CA LEU D 129 -23.18 -14.17 -25.80
C LEU D 129 -24.62 -14.02 -26.30
N LYS D 130 -25.07 -12.78 -26.43
CA LYS D 130 -26.44 -12.47 -26.84
C LYS D 130 -26.41 -11.65 -28.13
N VAL D 131 -27.15 -12.11 -29.13
CA VAL D 131 -27.40 -11.35 -30.35
C VAL D 131 -28.76 -10.68 -30.19
N ILE D 132 -28.79 -9.35 -30.34
CA ILE D 132 -30.01 -8.58 -30.15
C ILE D 132 -30.23 -7.67 -31.35
N ASN D 133 -31.49 -7.35 -31.61
CA ASN D 133 -31.86 -6.27 -32.50
C ASN D 133 -31.86 -4.98 -31.68
N VAL D 134 -31.06 -4.00 -32.10
CA VAL D 134 -30.86 -2.80 -31.30
C VAL D 134 -32.14 -1.99 -31.17
N ARG D 135 -33.12 -2.22 -32.04
CA ARG D 135 -34.38 -1.48 -31.98
C ARG D 135 -35.39 -2.13 -31.05
N ILE D 136 -35.56 -3.45 -31.14
CA ILE D 136 -36.45 -4.13 -30.21
C ILE D 136 -35.71 -4.50 -28.92
N GLY D 137 -34.55 -5.14 -29.01
CA GLY D 137 -33.80 -5.52 -27.83
C GLY D 137 -34.02 -6.93 -27.34
N ASP D 138 -34.83 -7.73 -28.05
CA ASP D 138 -35.07 -9.11 -27.64
C ASP D 138 -33.92 -10.01 -28.06
N GLU D 139 -33.69 -11.06 -27.28
CA GLU D 139 -32.67 -12.04 -27.59
C GLU D 139 -33.02 -12.77 -28.89
N ILE D 140 -32.03 -12.93 -29.77
CA ILE D 140 -32.19 -13.65 -31.02
C ILE D 140 -31.56 -15.04 -30.84
N PRO D 141 -32.35 -16.11 -30.85
CA PRO D 141 -31.80 -17.42 -30.50
C PRO D 141 -30.82 -17.94 -31.54
N TYR D 142 -29.90 -18.77 -31.07
CA TYR D 142 -28.92 -19.40 -31.95
C TYR D 142 -29.57 -20.51 -32.77
N ASP D 143 -29.21 -20.56 -34.05
CA ASP D 143 -29.64 -21.62 -34.96
C ASP D 143 -28.37 -22.16 -35.61
N PRO D 144 -27.63 -23.00 -34.90
CA PRO D 144 -26.27 -23.34 -35.33
C PRO D 144 -26.27 -24.19 -36.58
N PRO D 145 -25.55 -23.77 -37.62
CA PRO D 145 -25.46 -24.58 -38.83
C PRO D 145 -24.51 -25.75 -38.68
N LEU D 146 -24.84 -26.83 -39.38
CA LEU D 146 -23.96 -27.99 -39.44
C LEU D 146 -22.82 -27.75 -40.43
N THR D 147 -21.79 -28.56 -40.32
CA THR D 147 -20.67 -28.47 -41.25
C THR D 147 -20.98 -29.23 -42.52
N GLN D 148 -20.64 -28.63 -43.66
CA GLN D 148 -20.92 -29.20 -44.96
C GLN D 148 -19.66 -29.19 -45.82
N ASN D 149 -19.53 -30.23 -46.64
CA ASN D 149 -18.42 -30.35 -47.60
C ASN D 149 -17.07 -30.31 -46.89
N VAL D 150 -16.99 -30.90 -45.70
CA VAL D 150 -15.75 -31.02 -44.95
C VAL D 150 -15.33 -32.48 -45.03
N ASN D 151 -14.35 -32.78 -45.87
CA ASN D 151 -13.95 -34.16 -46.11
C ASN D 151 -12.75 -34.61 -45.27
N GLU D 152 -11.87 -33.68 -44.87
CA GLU D 152 -10.75 -34.05 -44.03
C GLU D 152 -11.19 -34.10 -42.58
N ALA D 153 -11.00 -35.24 -41.94
CA ALA D 153 -11.51 -35.48 -40.59
C ALA D 153 -10.57 -34.99 -39.50
N GLU D 154 -9.27 -34.98 -39.74
CA GLU D 154 -8.29 -34.68 -38.69
C GLU D 154 -7.91 -33.21 -38.70
N SER D 155 -7.78 -32.64 -37.51
CA SER D 155 -7.41 -31.24 -37.33
C SER D 155 -6.48 -31.11 -36.15
N LEU D 156 -5.71 -30.02 -36.15
CA LEU D 156 -4.80 -29.69 -35.06
C LEU D 156 -5.28 -28.41 -34.39
N LEU D 157 -5.54 -28.49 -33.09
CA LEU D 157 -6.17 -27.41 -32.35
C LEU D 157 -5.31 -27.01 -31.16
N ASP D 158 -5.25 -25.71 -30.88
CA ASP D 158 -4.61 -25.25 -29.66
C ASP D 158 -5.57 -25.40 -28.49
N VAL D 159 -5.14 -24.94 -27.30
CA VAL D 159 -5.94 -25.14 -26.11
C VAL D 159 -7.24 -24.34 -26.16
N ASP D 160 -7.21 -23.15 -26.76
CA ASP D 160 -8.41 -22.33 -26.84
C ASP D 160 -9.39 -22.83 -27.89
N SER D 161 -8.88 -23.29 -29.03
CA SER D 161 -9.75 -23.80 -30.09
C SER D 161 -10.49 -25.04 -29.63
N LEU D 162 -9.84 -25.88 -28.83
CA LEU D 162 -10.50 -27.07 -28.30
C LEU D 162 -11.65 -26.68 -27.38
N ARG D 163 -11.47 -25.64 -26.57
CA ARG D 163 -12.56 -25.13 -25.75
C ARG D 163 -13.70 -24.60 -26.62
N ALA D 164 -13.35 -23.88 -27.69
CA ALA D 164 -14.37 -23.34 -28.58
C ALA D 164 -15.16 -24.45 -29.25
N PHE D 165 -14.48 -25.55 -29.60
CA PHE D 165 -15.16 -26.70 -30.19
C PHE D 165 -16.23 -27.24 -29.24
N ILE D 166 -15.89 -27.38 -27.96
CA ILE D 166 -16.85 -27.88 -26.97
C ILE D 166 -18.05 -26.95 -26.87
N ASN D 167 -17.80 -25.64 -26.84
CA ASN D 167 -18.90 -24.68 -26.70
C ASN D 167 -19.80 -24.65 -27.93
N ILE D 168 -19.21 -24.64 -29.12
CA ILE D 168 -20.00 -24.63 -30.35
C ILE D 168 -20.81 -25.92 -30.46
N LEU D 169 -20.18 -27.06 -30.18
CA LEU D 169 -20.90 -28.33 -30.17
C LEU D 169 -22.04 -28.31 -29.15
N GLY D 170 -21.86 -27.58 -28.04
CA GLY D 170 -22.88 -27.51 -27.01
C GLY D 170 -24.17 -26.83 -27.45
N LEU D 171 -24.12 -26.05 -28.53
CA LEU D 171 -25.33 -25.46 -29.07
C LEU D 171 -26.28 -26.52 -29.65
N HIS D 172 -25.76 -27.70 -29.98
CA HIS D 172 -26.58 -28.76 -30.52
C HIS D 172 -27.14 -29.71 -29.46
N GLY D 173 -26.61 -29.68 -28.25
CA GLY D 173 -27.14 -30.52 -27.20
C GLY D 173 -26.08 -30.84 -26.16
N LYS D 174 -26.23 -32.02 -25.55
CA LYS D 174 -25.40 -32.41 -24.41
C LYS D 174 -24.05 -32.92 -24.90
N VAL D 175 -22.98 -32.29 -24.40
CA VAL D 175 -21.60 -32.66 -24.74
C VAL D 175 -21.02 -33.46 -23.58
N GLU D 176 -20.39 -34.58 -23.91
CA GLU D 176 -19.81 -35.46 -22.90
C GLU D 176 -18.40 -35.88 -23.31
N ILE D 177 -17.59 -36.20 -22.32
CA ILE D 177 -16.25 -36.75 -22.52
C ILE D 177 -16.24 -38.18 -22.00
N ASN D 178 -15.80 -39.11 -22.84
CA ASN D 178 -15.75 -40.52 -22.49
C ASN D 178 -14.30 -41.00 -22.50
N GLY D 179 -14.00 -41.96 -21.64
CA GLY D 179 -12.65 -42.43 -21.45
C GLY D 179 -11.92 -41.86 -20.26
N ILE D 180 -12.61 -41.10 -19.41
CA ILE D 180 -12.01 -40.57 -18.19
C ILE D 180 -13.02 -40.71 -17.06
N ASP D 181 -12.55 -41.20 -15.91
CA ASP D 181 -13.30 -41.16 -14.66
C ASP D 181 -12.44 -40.44 -13.64
N LEU D 182 -12.82 -39.21 -13.30
CA LEU D 182 -12.02 -38.37 -12.44
C LEU D 182 -12.13 -38.75 -10.96
N GLU D 183 -13.15 -39.52 -10.59
CA GLU D 183 -13.23 -40.01 -9.22
C GLU D 183 -12.03 -40.90 -8.94
N ASN D 184 -11.52 -40.83 -7.71
CA ASN D 184 -10.23 -41.42 -7.33
C ASN D 184 -9.09 -40.96 -8.25
N PRO D 185 -8.90 -39.65 -8.45
CA PRO D 185 -7.83 -39.18 -9.36
C PRO D 185 -6.50 -39.65 -8.80
N ASP D 186 -5.82 -40.47 -9.59
CA ASP D 186 -4.47 -40.82 -9.24
C ASP D 186 -3.63 -39.55 -9.23
N GLN D 187 -2.35 -39.70 -8.85
CA GLN D 187 -1.51 -38.52 -8.64
C GLN D 187 -1.55 -37.59 -9.84
N VAL D 188 -1.44 -38.14 -11.05
CA VAL D 188 -1.43 -37.31 -12.25
C VAL D 188 -2.81 -36.71 -12.52
N GLU D 189 -3.87 -37.50 -12.33
CA GLU D 189 -5.22 -37.00 -12.61
C GLU D 189 -5.57 -35.81 -11.74
N GLU D 190 -5.25 -35.88 -10.45
CA GLU D 190 -5.48 -34.76 -9.54
C GLU D 190 -4.69 -33.53 -9.99
N ILE D 191 -3.50 -33.74 -10.54
CA ILE D 191 -2.69 -32.63 -11.03
C ILE D 191 -3.36 -31.95 -12.21
N CYS D 192 -3.91 -32.73 -13.14
CA CYS D 192 -4.57 -32.14 -14.31
C CYS D 192 -5.78 -31.31 -13.91
N LEU D 193 -6.47 -31.70 -12.84
CA LEU D 193 -7.60 -30.90 -12.36
C LEU D 193 -7.14 -29.53 -11.87
N PHE D 194 -5.98 -29.47 -11.20
CA PHE D 194 -5.46 -28.19 -10.75
C PHE D 194 -4.94 -27.36 -11.91
N ARG D 195 -4.27 -28.00 -12.87
CA ARG D 195 -3.75 -27.29 -14.03
C ARG D 195 -4.88 -26.65 -14.84
N SER D 196 -6.00 -27.36 -14.95
CA SER D 196 -7.15 -26.84 -15.68
C SER D 196 -7.90 -25.76 -14.92
N GLY D 197 -7.71 -25.66 -13.61
CA GLY D 197 -8.42 -24.70 -12.80
C GLY D 197 -9.74 -25.17 -12.24
N LYS D 198 -10.18 -26.38 -12.57
CA LYS D 198 -11.42 -26.90 -12.00
C LYS D 198 -11.28 -27.06 -10.50
N TYR D 199 -10.11 -27.47 -10.03
CA TYR D 199 -9.76 -27.45 -8.62
C TYR D 199 -8.67 -26.40 -8.41
N LYS D 200 -8.84 -25.54 -7.42
CA LYS D 200 -7.93 -24.44 -7.19
C LYS D 200 -7.51 -24.42 -5.72
N TYR D 201 -6.34 -23.82 -5.48
CA TYR D 201 -5.87 -23.57 -4.13
C TYR D 201 -6.35 -22.20 -3.66
N GLU D 202 -6.73 -22.12 -2.39
CA GLU D 202 -7.18 -20.85 -1.85
C GLU D 202 -6.07 -19.81 -1.85
N GLU D 203 -4.83 -20.24 -1.59
CA GLU D 203 -3.70 -19.33 -1.50
C GLU D 203 -3.31 -18.73 -2.84
N GLU D 204 -4.00 -19.08 -3.93
CA GLU D 204 -3.79 -18.37 -5.19
C GLU D 204 -4.15 -16.90 -5.07
N LYS D 205 -5.09 -16.57 -4.18
CA LYS D 205 -5.40 -15.17 -3.91
C LYS D 205 -4.19 -14.45 -3.32
N ASP D 206 -3.43 -15.14 -2.47
CA ASP D 206 -2.24 -14.54 -1.89
C ASP D 206 -1.20 -14.22 -2.96
N ILE D 207 -1.11 -15.07 -3.99
CA ILE D 207 -0.23 -14.78 -5.12
C ILE D 207 -0.70 -13.54 -5.86
N ILE D 208 -2.01 -13.43 -6.09
CA ILE D 208 -2.55 -12.26 -6.77
C ILE D 208 -2.32 -11.01 -5.94
N LYS D 209 -2.57 -11.09 -4.63
CA LYS D 209 -2.39 -9.93 -3.76
C LYS D 209 -0.94 -9.48 -3.75
N GLU D 210 -0.01 -10.42 -3.62
CA GLU D 210 1.41 -10.06 -3.63
C GLU D 210 1.84 -9.51 -4.98
N ALA D 211 1.24 -10.00 -6.07
CA ALA D 211 1.57 -9.47 -7.39
C ALA D 211 1.09 -8.04 -7.55
N GLU D 212 -0.05 -7.69 -6.95
CA GLU D 212 -0.51 -6.31 -6.97
C GLU D 212 0.47 -5.39 -6.27
N ARG D 213 1.13 -5.88 -5.23
CA ARG D 213 2.10 -5.10 -4.48
C ARG D 213 3.49 -5.11 -5.10
N GLY D 214 3.67 -5.81 -6.22
CA GLY D 214 4.93 -5.74 -6.95
C GLY D 214 6.02 -6.65 -6.45
N SER D 215 5.68 -7.72 -5.73
CA SER D 215 6.71 -8.64 -5.26
C SER D 215 7.22 -9.50 -6.41
N LEU D 216 8.45 -10.01 -6.23
CA LEU D 216 8.98 -11.05 -7.09
C LEU D 216 8.72 -12.42 -6.48
N PHE D 217 8.57 -13.42 -7.33
CA PHE D 217 8.26 -14.78 -6.89
C PHE D 217 9.32 -15.76 -7.36
N LEU D 218 9.63 -16.73 -6.50
CA LEU D 218 10.27 -17.97 -6.89
C LEU D 218 9.34 -19.11 -6.48
N ALA D 219 9.19 -20.10 -7.35
CA ALA D 219 8.26 -21.20 -7.13
C ALA D 219 8.99 -22.52 -7.21
N ASP D 220 8.53 -23.49 -6.41
CA ASP D 220 9.15 -24.80 -6.46
C ASP D 220 8.58 -25.63 -7.62
N THR D 221 9.18 -26.81 -7.81
CA THR D 221 8.81 -27.66 -8.93
C THR D 221 7.31 -27.99 -8.91
N ASN D 222 6.75 -28.24 -7.72
CA ASN D 222 5.35 -28.66 -7.65
C ASN D 222 4.39 -27.54 -8.04
N VAL D 223 4.77 -26.28 -7.82
CA VAL D 223 3.92 -25.17 -8.24
C VAL D 223 3.77 -25.15 -9.76
N TYR D 224 4.88 -25.33 -10.48
CA TYR D 224 4.81 -25.39 -11.93
C TYR D 224 4.02 -26.61 -12.40
N ILE D 225 4.15 -27.73 -11.68
CA ILE D 225 3.43 -28.94 -12.05
C ILE D 225 1.93 -28.76 -11.88
N ARG D 226 1.52 -28.23 -10.73
CA ARG D 226 0.10 -28.25 -10.36
C ARG D 226 -0.65 -27.01 -10.85
N LEU D 227 -0.05 -25.82 -10.76
CA LEU D 227 -0.69 -24.63 -11.29
C LEU D 227 -0.56 -24.52 -12.80
N GLY D 228 0.44 -25.19 -13.39
CA GLY D 228 0.55 -25.21 -14.85
C GLY D 228 0.77 -23.82 -15.42
N ASN D 229 0.01 -23.51 -16.48
CA ASN D 229 0.09 -22.22 -17.15
C ASN D 229 -0.88 -21.20 -16.58
N ARG D 230 -1.73 -21.60 -15.63
CA ARG D 230 -2.53 -20.61 -14.88
C ARG D 230 -1.63 -19.69 -14.06
N LEU D 231 -0.37 -20.09 -13.85
CA LEU D 231 0.61 -19.24 -13.18
C LEU D 231 0.79 -17.91 -13.91
N ARG D 232 0.58 -17.90 -15.23
CA ARG D 232 0.83 -16.69 -16.02
C ARG D 232 -0.06 -15.54 -15.57
N SER D 233 -1.34 -15.79 -15.34
CA SER D 233 -2.25 -14.74 -14.93
C SER D 233 -2.16 -14.45 -13.44
N LEU D 234 -1.75 -15.43 -12.63
CA LEU D 234 -1.66 -15.22 -11.19
C LEU D 234 -0.53 -14.25 -10.84
N VAL D 235 0.57 -14.30 -11.59
CA VAL D 235 1.75 -13.50 -11.27
C VAL D 235 1.90 -12.27 -12.15
N TYR D 236 0.97 -12.04 -13.07
CA TYR D 236 1.03 -10.86 -13.93
C TYR D 236 0.25 -9.71 -13.32
N ASN D 237 0.90 -8.57 -13.16
CA ASN D 237 0.27 -7.35 -12.71
C ASN D 237 0.37 -6.30 -13.80
N ARG D 238 -0.64 -5.44 -13.88
CA ARG D 238 -0.64 -4.40 -14.91
C ARG D 238 0.51 -3.42 -14.71
N LYS D 239 0.77 -3.02 -13.46
CA LYS D 239 1.78 -1.99 -13.20
C LYS D 239 3.19 -2.50 -13.48
N TYR D 240 3.54 -3.66 -12.91
CA TYR D 240 4.91 -4.14 -12.97
C TYR D 240 5.12 -5.33 -13.91
N GLY D 241 4.05 -5.95 -14.40
CA GLY D 241 4.21 -7.01 -15.38
C GLY D 241 4.34 -8.41 -14.80
N PHE D 242 5.21 -9.21 -15.41
CA PHE D 242 5.39 -10.61 -15.03
C PHE D 242 6.33 -10.68 -13.83
N ARG D 243 5.81 -11.12 -12.69
CA ARG D 243 6.53 -11.05 -11.42
C ARG D 243 7.22 -12.37 -11.04
N LEU D 244 7.11 -13.40 -11.87
CA LEU D 244 7.67 -14.71 -11.53
C LEU D 244 9.08 -14.84 -12.08
N LEU D 245 10.06 -14.95 -11.19
CA LEU D 245 11.43 -15.24 -11.59
C LEU D 245 11.57 -16.71 -11.98
N SER D 246 12.50 -16.97 -12.87
CA SER D 246 12.81 -18.34 -13.29
C SER D 246 13.85 -18.90 -12.33
N SER D 247 13.40 -19.72 -11.40
CA SER D 247 14.30 -20.27 -10.39
C SER D 247 15.26 -21.27 -11.02
N LYS D 248 16.56 -21.04 -10.82
CA LYS D 248 17.57 -21.99 -11.31
C LYS D 248 17.44 -23.33 -10.58
N ASN D 249 17.12 -23.30 -9.29
CA ASN D 249 16.95 -24.54 -8.53
C ASN D 249 15.80 -25.37 -9.09
N THR D 250 14.68 -24.73 -9.43
CA THR D 250 13.55 -25.46 -9.99
C THR D 250 13.87 -26.01 -11.37
N PHE D 251 14.55 -25.22 -12.20
CA PHE D 251 14.93 -25.69 -13.53
C PHE D 251 15.86 -26.89 -13.44
N ASN D 252 16.82 -26.85 -12.50
CA ASN D 252 17.75 -27.97 -12.34
C ASN D 252 17.01 -29.25 -11.96
N GLU D 253 16.04 -29.15 -11.05
CA GLU D 253 15.29 -30.33 -10.65
C GLU D 253 14.37 -30.81 -11.77
N LEU D 254 13.82 -29.88 -12.56
CA LEU D 254 12.99 -30.28 -13.69
C LEU D 254 13.83 -30.88 -14.82
N TYR D 255 15.01 -30.32 -15.06
CA TYR D 255 15.90 -30.90 -16.08
C TYR D 255 16.37 -32.29 -15.66
N ASN D 256 16.71 -32.47 -14.38
CA ASN D 256 17.20 -33.76 -13.93
C ASN D 256 16.16 -34.86 -14.10
N HIS D 257 14.90 -34.55 -13.78
CA HIS D 257 13.83 -35.55 -13.90
C HIS D 257 13.42 -35.78 -15.35
N THR D 258 13.58 -34.77 -16.21
CA THR D 258 13.32 -34.94 -17.63
C THR D 258 14.56 -35.34 -18.41
N ALA D 259 15.69 -35.54 -17.73
CA ALA D 259 16.92 -36.10 -18.29
C ALA D 259 17.22 -35.69 -19.72
N ASP D 266 7.42 -44.53 -15.15
CA ASP D 266 7.05 -43.52 -16.14
C ASP D 266 5.77 -42.80 -15.73
N GLU D 267 5.33 -43.03 -14.51
CA GLU D 267 4.22 -42.27 -13.95
C GLU D 267 4.72 -40.94 -13.38
N ASN D 268 5.82 -40.99 -12.61
CA ASN D 268 6.45 -39.77 -12.13
C ASN D 268 6.98 -38.93 -13.27
N LYS D 269 7.43 -39.56 -14.36
CA LYS D 269 7.98 -38.83 -15.49
C LYS D 269 6.95 -37.91 -16.12
N VAL D 270 5.68 -38.33 -16.14
CA VAL D 270 4.61 -37.48 -16.66
C VAL D 270 4.53 -36.19 -15.85
N LYS D 271 4.64 -36.29 -14.53
CA LYS D 271 4.58 -35.12 -13.65
C LYS D 271 5.61 -34.08 -14.03
N PHE D 272 6.88 -34.48 -14.11
CA PHE D 272 7.96 -33.54 -14.32
C PHE D 272 8.07 -33.07 -15.77
N ILE D 273 7.50 -33.82 -16.71
CA ILE D 273 7.37 -33.30 -18.07
C ILE D 273 6.32 -32.19 -18.10
N LEU D 274 5.22 -32.38 -17.38
CA LEU D 274 4.21 -31.33 -17.29
C LEU D 274 4.78 -30.07 -16.64
N GLY D 275 5.57 -30.24 -15.58
CA GLY D 275 6.19 -29.09 -14.94
C GLY D 275 7.18 -28.38 -15.83
N MET D 276 8.02 -29.13 -16.53
CA MET D 276 9.00 -28.51 -17.44
C MET D 276 8.31 -27.85 -18.63
N LEU D 277 7.20 -28.41 -19.10
CA LEU D 277 6.47 -27.77 -20.20
C LEU D 277 5.95 -26.40 -19.79
N SER D 278 5.37 -26.31 -18.59
CA SER D 278 4.89 -25.02 -18.10
C SER D 278 6.04 -24.06 -17.85
N TYR D 279 7.15 -24.57 -17.32
CA TYR D 279 8.31 -23.72 -17.04
C TYR D 279 8.83 -23.05 -18.31
N ARG D 280 9.00 -23.83 -19.38
CA ARG D 280 9.51 -23.26 -20.62
C ARG D 280 8.49 -22.34 -21.28
N SER D 281 7.20 -22.63 -21.12
CA SER D 281 6.16 -21.73 -21.64
C SER D 281 6.11 -20.41 -20.88
N LEU D 282 6.62 -20.37 -19.64
CA LEU D 282 6.61 -19.16 -18.85
C LEU D 282 7.97 -18.46 -18.79
N HIS D 283 9.06 -19.20 -18.94
CA HIS D 283 10.41 -18.68 -18.75
C HIS D 283 11.30 -19.05 -19.92
N VAL D 284 12.08 -18.09 -20.39
CA VAL D 284 13.33 -18.41 -21.07
C VAL D 284 14.22 -18.93 -19.94
N PRO D 285 14.77 -20.14 -20.05
CA PRO D 285 15.44 -20.74 -18.90
C PRO D 285 16.60 -19.89 -18.45
N PRO D 286 16.88 -19.85 -17.14
CA PRO D 286 17.98 -19.03 -16.60
C PRO D 286 19.34 -19.65 -16.89
N ILE D 287 19.78 -19.50 -18.15
CA ILE D 287 21.01 -20.14 -18.60
C ILE D 287 22.22 -19.54 -17.89
N THR D 288 22.19 -18.23 -17.63
CA THR D 288 23.36 -17.53 -17.10
C THR D 288 23.56 -17.72 -15.61
N SER D 289 22.55 -18.22 -14.88
CA SER D 289 22.69 -18.38 -13.44
C SER D 289 23.68 -19.49 -13.11
N GLN D 290 24.48 -19.27 -12.08
CA GLN D 290 25.49 -20.22 -11.65
C GLN D 290 25.00 -21.16 -10.55
N VAL D 291 23.74 -21.06 -10.15
CA VAL D 291 23.19 -21.94 -9.12
C VAL D 291 23.16 -23.37 -9.64
N ARG D 292 23.65 -24.31 -8.82
CA ARG D 292 23.80 -25.70 -9.25
C ARG D 292 23.06 -26.68 -8.34
N SER D 293 22.13 -26.19 -7.51
CA SER D 293 21.40 -27.04 -6.60
C SER D 293 20.04 -27.42 -7.20
N SER D 294 19.48 -28.53 -6.70
CA SER D 294 18.20 -29.03 -7.18
C SER D 294 17.33 -29.57 -6.05
N GLY D 295 17.43 -29.01 -4.86
CA GLY D 295 16.67 -29.51 -3.73
C GLY D 295 15.90 -28.46 -2.94
N ASP D 296 15.36 -28.85 -1.78
CA ASP D 296 14.54 -27.95 -0.98
C ASP D 296 15.35 -26.75 -0.51
N MET D 297 16.47 -26.98 0.16
CA MET D 297 17.26 -25.89 0.70
C MET D 297 17.89 -25.05 -0.40
N GLY D 298 18.18 -25.66 -1.56
CA GLY D 298 18.67 -24.88 -2.68
C GLY D 298 17.69 -23.80 -3.11
N LEU D 299 16.39 -24.12 -3.10
CA LEU D 299 15.38 -23.14 -3.46
C LEU D 299 15.34 -21.99 -2.46
N ILE D 300 15.33 -22.31 -1.16
CA ILE D 300 15.31 -21.28 -0.13
C ILE D 300 16.56 -20.42 -0.21
N ASN D 301 17.72 -21.05 -0.34
CA ASN D 301 18.98 -20.31 -0.41
C ASN D 301 19.05 -19.46 -1.67
N GLU D 302 18.57 -19.98 -2.80
CA GLU D 302 18.49 -19.16 -4.01
C GLU D 302 17.61 -17.94 -3.78
N ALA D 303 16.45 -18.15 -3.13
CA ALA D 303 15.57 -17.03 -2.83
C ALA D 303 16.23 -16.02 -1.92
N LEU D 304 16.98 -16.50 -0.91
CA LEU D 304 17.65 -15.59 0.00
C LEU D 304 18.72 -14.76 -0.71
N GLU D 305 19.47 -15.39 -1.62
CA GLU D 305 20.51 -14.66 -2.35
C GLU D 305 19.90 -13.58 -3.23
N ILE D 306 18.79 -13.90 -3.91
CA ILE D 306 18.10 -12.89 -4.72
C ILE D 306 17.57 -11.77 -3.81
N LYS D 307 16.95 -12.15 -2.70
CA LYS D 307 16.39 -11.17 -1.77
C LYS D 307 17.44 -10.18 -1.29
N LYS D 308 18.65 -10.68 -1.00
CA LYS D 308 19.70 -9.82 -0.47
C LYS D 308 20.13 -8.75 -1.46
N ASN D 309 19.98 -9.01 -2.76
CA ASN D 309 20.63 -8.19 -3.79
C ASN D 309 19.66 -7.44 -4.70
N VAL D 310 18.35 -7.50 -4.47
CA VAL D 310 17.41 -6.83 -5.34
C VAL D 310 16.55 -5.85 -4.54
N GLU D 311 16.03 -4.86 -5.24
CA GLU D 311 15.13 -3.88 -4.63
C GLU D 311 13.76 -4.48 -4.34
N ASP D 312 13.36 -5.47 -5.13
CA ASP D 312 12.01 -6.01 -5.02
C ASP D 312 11.83 -6.86 -3.78
N ASN D 313 10.58 -6.92 -3.31
CA ASN D 313 10.22 -7.89 -2.28
C ASN D 313 10.16 -9.29 -2.90
N VAL D 314 10.77 -10.26 -2.22
CA VAL D 314 10.85 -11.63 -2.71
C VAL D 314 9.91 -12.50 -1.90
N VAL D 315 9.06 -13.24 -2.59
CA VAL D 315 8.07 -14.14 -1.97
C VAL D 315 8.25 -15.52 -2.57
N LEU D 316 8.22 -16.53 -1.71
CA LEU D 316 8.42 -17.92 -2.12
C LEU D 316 7.08 -18.63 -2.21
N ILE D 317 6.84 -19.32 -3.31
CA ILE D 317 5.64 -20.12 -3.52
C ILE D 317 6.03 -21.59 -3.47
N THR D 318 5.31 -22.36 -2.66
CA THR D 318 5.56 -23.78 -2.54
C THR D 318 4.25 -24.51 -2.25
N ALA D 319 4.23 -25.80 -2.57
CA ALA D 319 3.12 -26.68 -2.22
C ALA D 319 3.49 -27.62 -1.08
N ASP D 320 4.58 -27.30 -0.36
CA ASP D 320 5.15 -28.18 0.65
C ASP D 320 5.23 -27.41 1.97
N LYS D 321 4.44 -27.84 2.95
CA LYS D 321 4.39 -27.13 4.24
C LYS D 321 5.75 -27.13 4.92
N ALA D 322 6.45 -28.27 4.91
CA ALA D 322 7.73 -28.35 5.58
C ALA D 322 8.73 -27.37 4.98
N LEU D 323 8.78 -27.27 3.66
CA LEU D 323 9.64 -26.28 3.01
C LEU D 323 9.20 -24.86 3.39
N GLY D 324 7.90 -24.58 3.32
CA GLY D 324 7.42 -23.24 3.60
C GLY D 324 7.69 -22.80 5.02
N LEU D 325 7.47 -23.68 5.99
CA LEU D 325 7.73 -23.34 7.38
C LEU D 325 9.22 -23.11 7.63
N THR D 326 10.07 -23.94 7.02
CA THR D 326 11.51 -23.71 7.13
C THR D 326 11.89 -22.38 6.49
N ALA D 327 11.29 -22.05 5.34
CA ALA D 327 11.57 -20.77 4.70
C ALA D 327 11.13 -19.60 5.58
N GLN D 328 9.94 -19.71 6.19
CA GLN D 328 9.47 -18.66 7.09
C GLN D 328 10.39 -18.53 8.30
N SER D 329 10.98 -19.63 8.75
CA SER D 329 11.93 -19.59 9.86
C SER D 329 13.21 -18.85 9.50
N LYS D 330 13.45 -18.60 8.22
CA LYS D 330 14.63 -17.85 7.77
C LYS D 330 14.29 -16.44 7.32
N GLY D 331 13.10 -15.94 7.66
CA GLY D 331 12.71 -14.60 7.30
C GLY D 331 12.13 -14.44 5.92
N LEU D 332 11.82 -15.53 5.23
CA LEU D 332 11.36 -15.50 3.85
C LEU D 332 9.83 -15.52 3.83
N ARG D 333 9.22 -14.49 3.25
CA ARG D 333 7.78 -14.47 3.10
C ARG D 333 7.35 -15.54 2.10
N THR D 334 6.40 -16.38 2.51
CA THR D 334 6.10 -17.61 1.77
C THR D 334 4.61 -17.80 1.61
N ILE D 335 4.20 -18.22 0.42
CA ILE D 335 2.83 -18.63 0.13
C ILE D 335 2.84 -20.15 0.00
N ILE D 336 2.05 -20.82 0.84
CA ILE D 336 2.00 -22.28 0.89
C ILE D 336 0.64 -22.71 0.35
N LEU D 337 0.65 -23.38 -0.81
CA LEU D 337 -0.57 -23.90 -1.42
C LEU D 337 -1.00 -25.16 -0.68
N SER D 338 -1.99 -25.02 0.20
CA SER D 338 -2.48 -26.16 0.97
C SER D 338 -3.95 -26.46 0.74
N LYS D 339 -4.83 -25.47 0.93
CA LYS D 339 -6.27 -25.71 0.97
C LYS D 339 -6.86 -25.65 -0.42
N VAL D 340 -7.83 -26.53 -0.68
CA VAL D 340 -8.39 -26.74 -2.01
C VAL D 340 -9.84 -26.27 -2.03
N ARG D 341 -10.24 -25.68 -3.15
CA ARG D 341 -11.65 -25.37 -3.40
C ARG D 341 -12.03 -25.81 -4.80
N LYS D 342 -13.22 -26.41 -4.92
CA LYS D 342 -13.75 -26.77 -6.23
C LYS D 342 -14.28 -25.51 -6.90
N GLU D 343 -13.79 -25.24 -8.12
CA GLU D 343 -14.19 -24.02 -8.82
C GLU D 343 -15.68 -24.08 -9.15
N ILE D 344 -16.39 -23.02 -8.78
CA ILE D 344 -17.82 -22.90 -9.08
C ILE D 344 -18.07 -22.04 -10.31
N GLY D 345 -17.04 -21.50 -10.93
CA GLY D 345 -17.18 -20.69 -12.11
C GLY D 345 -16.43 -21.25 -13.31
N GLU D 346 -15.70 -20.39 -14.00
CA GLU D 346 -15.04 -20.78 -15.24
C GLU D 346 -13.72 -21.50 -14.96
N TRP D 347 -13.44 -22.52 -15.76
CA TRP D 347 -12.12 -23.16 -15.80
C TRP D 347 -11.83 -23.54 -17.24
N ASP D 348 -10.78 -24.34 -17.45
CA ASP D 348 -10.24 -24.61 -18.78
C ASP D 348 -10.45 -26.09 -19.11
N ILE D 349 -11.49 -26.37 -19.90
CA ILE D 349 -11.71 -27.75 -20.36
C ILE D 349 -10.60 -28.18 -21.32
N GLY D 350 -10.15 -27.24 -22.17
CA GLY D 350 -9.08 -27.58 -23.11
C GLY D 350 -7.79 -27.99 -22.41
N GLU D 351 -7.39 -27.22 -21.39
CA GLU D 351 -6.20 -27.58 -20.63
C GLU D 351 -6.37 -28.92 -19.95
N LEU D 352 -7.57 -29.21 -19.44
CA LEU D 352 -7.84 -30.51 -18.84
C LEU D 352 -7.67 -31.63 -19.85
N LEU D 353 -8.18 -31.43 -21.07
CA LEU D 353 -8.12 -32.48 -22.07
C LEU D 353 -6.71 -32.62 -22.64
N PHE D 354 -6.01 -31.51 -22.84
CA PHE D 354 -4.60 -31.57 -23.21
C PHE D 354 -3.80 -32.36 -22.18
N CYS D 355 -4.03 -32.05 -20.89
CA CYS D 355 -3.32 -32.75 -19.83
C CYS D 355 -3.69 -34.24 -19.79
N LEU D 356 -4.97 -34.56 -19.95
CA LEU D 356 -5.39 -35.95 -19.85
C LEU D 356 -4.94 -36.75 -21.07
N SER D 357 -4.88 -36.13 -22.24
CA SER D 357 -4.39 -36.83 -23.43
C SER D 357 -2.92 -37.23 -23.27
N PHE D 358 -2.09 -36.30 -22.79
CA PHE D 358 -0.67 -36.59 -22.61
C PHE D 358 -0.46 -37.74 -21.63
N TYR D 359 -1.21 -37.73 -20.53
CA TYR D 359 -1.11 -38.81 -19.56
C TYR D 359 -1.53 -40.14 -20.16
N ASN D 360 -2.57 -40.13 -21.01
CA ASN D 360 -3.16 -41.37 -21.52
C ASN D 360 -2.13 -42.25 -22.20
N ASP D 361 -1.22 -41.65 -22.98
CA ASP D 361 -0.22 -42.43 -23.71
C ASP D 361 0.77 -43.11 -22.79
N TYR D 362 0.96 -42.60 -21.57
CA TYR D 362 1.99 -43.10 -20.67
C TYR D 362 1.42 -43.67 -19.38
N ARG D 363 0.16 -44.12 -19.38
CA ARG D 363 -0.42 -44.74 -18.21
C ARG D 363 0.06 -46.17 -18.06
N ASN D 364 0.34 -46.57 -16.83
CA ASN D 364 0.86 -47.92 -16.56
C ASN D 364 -0.14 -49.00 -16.91
N GLY D 365 -1.43 -48.68 -16.98
CA GLY D 365 -2.45 -49.66 -17.29
C GLY D 365 -2.59 -49.93 -18.77
N ILE D 366 -3.82 -50.00 -19.26
CA ILE D 366 -4.11 -50.29 -20.66
C ILE D 366 -4.48 -48.99 -21.37
N ARG D 367 -4.06 -48.88 -22.63
CA ARG D 367 -4.36 -47.69 -23.42
C ARG D 367 -5.87 -47.52 -23.58
N ARG D 368 -6.32 -46.27 -23.47
CA ARG D 368 -7.74 -45.95 -23.51
C ARG D 368 -7.96 -44.71 -24.36
N MET D 369 -9.18 -44.56 -24.88
CA MET D 369 -9.52 -43.51 -25.84
C MET D 369 -10.34 -42.42 -25.15
N ILE D 370 -9.92 -41.17 -25.33
CA ILE D 370 -10.68 -40.01 -24.89
C ILE D 370 -11.43 -39.47 -26.09
N GLU D 371 -12.76 -39.38 -25.98
CA GLU D 371 -13.61 -38.98 -27.08
C GLU D 371 -14.61 -37.93 -26.63
N ILE D 372 -15.07 -37.13 -27.58
CA ILE D 372 -16.12 -36.14 -27.38
C ILE D 372 -17.40 -36.67 -28.03
N SER D 373 -18.51 -36.57 -27.31
CA SER D 373 -19.78 -37.10 -27.80
C SER D 373 -20.87 -36.05 -27.66
N LEU D 374 -21.83 -36.10 -28.57
CA LEU D 374 -23.01 -35.24 -28.54
C LEU D 374 -24.25 -36.11 -28.47
N ASN D 375 -25.02 -35.94 -27.39
CA ASN D 375 -26.26 -36.69 -27.16
C ASN D 375 -26.03 -38.20 -27.28
N GLY D 376 -24.95 -38.66 -26.66
CA GLY D 376 -24.61 -40.07 -26.62
C GLY D 376 -23.92 -40.59 -27.87
N SER D 377 -23.85 -39.81 -28.93
CA SER D 377 -23.25 -40.23 -30.19
C SER D 377 -21.83 -39.70 -30.29
N LYS D 378 -20.90 -40.56 -30.69
CA LYS D 378 -19.49 -40.20 -30.76
C LYS D 378 -19.25 -39.20 -31.89
N ILE D 379 -18.55 -38.11 -31.56
CA ILE D 379 -18.29 -37.03 -32.50
C ILE D 379 -16.83 -37.03 -32.96
N ALA D 380 -15.89 -37.11 -32.02
CA ALA D 380 -14.48 -37.00 -32.35
C ALA D 380 -13.64 -37.68 -31.28
N GLU D 381 -12.38 -37.93 -31.63
CA GLU D 381 -11.40 -38.49 -30.71
C GLU D 381 -10.24 -37.50 -30.55
N LEU D 382 -9.65 -37.49 -29.35
CA LEU D 382 -8.53 -36.63 -29.05
C LEU D 382 -7.25 -37.47 -28.96
N HIS D 383 -6.23 -37.06 -29.71
CA HIS D 383 -4.98 -37.80 -29.79
C HIS D 383 -3.81 -36.89 -29.46
N SER D 384 -2.86 -37.40 -28.68
CA SER D 384 -1.70 -36.63 -28.29
C SER D 384 -0.76 -36.43 -29.47
N TYR D 385 -0.36 -35.19 -29.71
CA TYR D 385 0.45 -34.81 -30.85
C TYR D 385 1.66 -34.03 -30.33
N TYR D 386 2.86 -34.47 -30.71
CA TYR D 386 4.10 -33.92 -30.17
C TYR D 386 4.89 -33.25 -31.29
N HIS D 387 5.14 -31.96 -31.14
CA HIS D 387 5.98 -31.20 -32.05
C HIS D 387 7.05 -30.45 -31.25
N LEU D 388 8.06 -29.96 -31.97
CA LEU D 388 9.18 -29.30 -31.32
C LEU D 388 8.73 -28.06 -30.55
N GLN D 389 7.85 -27.25 -31.15
CA GLN D 389 7.41 -26.00 -30.55
C GLN D 389 5.91 -25.95 -30.29
N GLU D 390 5.10 -26.45 -31.22
CA GLU D 390 3.66 -26.29 -31.12
C GLU D 390 3.09 -27.07 -29.94
N ARG D 391 1.96 -26.59 -29.43
CA ARG D 391 1.22 -27.21 -28.34
C ARG D 391 -0.18 -27.48 -28.86
N ARG D 392 -0.40 -28.70 -29.36
CA ARG D 392 -1.63 -29.03 -30.07
C ARG D 392 -2.13 -30.40 -29.63
N VAL D 393 -3.41 -30.65 -29.88
CA VAL D 393 -4.02 -31.96 -29.79
C VAL D 393 -4.65 -32.28 -31.13
N LYS D 394 -4.50 -33.53 -31.58
CA LYS D 394 -5.06 -33.96 -32.86
C LYS D 394 -6.49 -34.43 -32.65
N VAL D 395 -7.43 -33.79 -33.35
CA VAL D 395 -8.85 -34.10 -33.26
C VAL D 395 -9.27 -34.78 -34.55
N ARG D 396 -9.78 -36.00 -34.44
CA ARG D 396 -10.29 -36.77 -35.58
C ARG D 396 -11.81 -36.83 -35.47
N VAL D 397 -12.50 -36.11 -36.33
CA VAL D 397 -13.96 -36.03 -36.32
C VAL D 397 -14.51 -37.19 -37.14
N VAL D 398 -15.36 -38.00 -36.54
CA VAL D 398 -16.00 -39.13 -37.21
C VAL D 398 -17.45 -38.87 -37.56
N ASP D 399 -17.95 -37.66 -37.29
CA ASP D 399 -19.31 -37.25 -37.66
C ASP D 399 -19.17 -35.97 -38.47
N LYS D 400 -19.28 -36.10 -39.80
CA LYS D 400 -18.97 -34.99 -40.69
C LYS D 400 -19.93 -33.81 -40.53
N ARG D 401 -21.04 -34.00 -39.83
CA ARG D 401 -21.97 -32.90 -39.58
C ARG D 401 -21.46 -31.93 -38.52
N TYR D 402 -20.41 -32.28 -37.77
CA TYR D 402 -19.94 -31.46 -36.66
C TYR D 402 -18.44 -31.25 -36.71
N ASN D 403 -17.86 -31.18 -37.91
CA ASN D 403 -16.42 -30.98 -38.07
C ASN D 403 -16.07 -29.50 -37.99
N TYR D 404 -16.38 -28.91 -36.83
CA TYR D 404 -16.00 -27.55 -36.48
C TYR D 404 -14.49 -27.37 -36.26
N PRO D 405 -13.75 -28.39 -35.79
CA PRO D 405 -12.29 -28.20 -35.67
C PRO D 405 -11.62 -27.75 -36.95
N LYS D 406 -12.09 -28.22 -38.11
CA LYS D 406 -11.53 -27.77 -39.38
C LYS D 406 -11.72 -26.27 -39.55
N ILE D 407 -12.87 -25.74 -39.13
CA ILE D 407 -13.12 -24.31 -39.21
C ILE D 407 -12.30 -23.55 -38.19
N LEU D 408 -12.22 -24.06 -36.96
CA LEU D 408 -11.39 -23.41 -35.94
C LEU D 408 -9.92 -23.46 -36.32
N GLU D 409 -9.49 -24.51 -37.00
CA GLU D 409 -8.13 -24.58 -37.50
C GLU D 409 -7.86 -23.45 -38.49
N ILE D 410 -8.79 -23.21 -39.41
CA ILE D 410 -8.63 -22.13 -40.38
C ILE D 410 -8.63 -20.78 -39.67
N LEU D 411 -9.56 -20.59 -38.72
CA LEU D 411 -9.67 -19.31 -38.03
C LEU D 411 -8.43 -19.00 -37.20
N SER D 412 -7.83 -20.03 -36.59
CA SER D 412 -6.61 -19.82 -35.83
C SER D 412 -5.49 -19.29 -36.72
N GLU D 413 -5.40 -19.80 -37.94
CA GLU D 413 -4.43 -19.28 -38.91
C GLU D 413 -4.65 -17.80 -39.16
N ILE D 414 -5.90 -17.40 -39.42
CA ILE D 414 -6.19 -16.02 -39.79
C ILE D 414 -5.89 -15.08 -38.63
N LEU D 415 -6.13 -15.53 -37.40
CA LEU D 415 -5.82 -14.69 -36.24
C LEU D 415 -4.33 -14.60 -35.99
N ALA D 416 -3.58 -15.66 -36.30
CA ALA D 416 -2.13 -15.64 -36.11
C ALA D 416 -1.47 -14.64 -37.05
N THR D 417 -2.11 -14.31 -38.18
CA THR D 417 -1.54 -13.36 -39.12
C THR D 417 -1.44 -11.96 -38.52
N ALA D 418 -2.12 -11.70 -37.40
CA ALA D 418 -1.99 -10.44 -36.69
C ALA D 418 -0.55 -10.20 -36.24
N MET E 1 -26.78 24.94 -13.53
CA MET E 1 -27.84 24.48 -14.42
C MET E 1 -27.30 23.50 -15.46
N LEU E 2 -26.08 23.76 -15.93
CA LEU E 2 -25.50 23.01 -17.03
C LEU E 2 -25.29 21.55 -16.64
N ILE E 3 -25.94 20.65 -17.37
CA ILE E 3 -25.86 19.21 -17.12
C ILE E 3 -25.07 18.57 -18.26
N LEU E 4 -24.03 17.84 -17.89
CA LEU E 4 -23.20 17.10 -18.85
C LEU E 4 -23.30 15.62 -18.50
N ALA E 5 -23.76 14.82 -19.45
CA ALA E 5 -23.93 13.39 -19.24
C ALA E 5 -22.87 12.61 -20.00
N THR E 6 -22.64 11.38 -19.54
CA THR E 6 -21.74 10.46 -20.22
C THR E 6 -22.12 9.04 -19.79
N LEU E 7 -21.33 8.08 -20.25
CA LEU E 7 -21.57 6.67 -19.97
C LEU E 7 -20.49 6.12 -19.06
N GLY E 8 -20.89 5.22 -18.15
CA GLY E 8 -19.95 4.64 -17.20
C GLY E 8 -19.47 3.26 -17.60
N SER E 9 -18.23 3.18 -18.04
CA SER E 9 -17.65 1.91 -18.46
C SER E 9 -17.16 1.13 -17.24
N ASP E 10 -16.90 -0.16 -17.47
CA ASP E 10 -16.11 -0.91 -16.49
C ASP E 10 -14.72 -0.31 -16.33
N LYS E 11 -14.20 0.28 -17.40
CA LYS E 11 -12.99 1.10 -17.32
C LYS E 11 -13.32 2.44 -16.68
N SER E 12 -12.56 2.82 -15.66
CA SER E 12 -12.71 4.15 -15.09
C SER E 12 -12.06 5.22 -15.96
N VAL E 13 -10.99 4.86 -16.67
CA VAL E 13 -10.17 5.87 -17.34
C VAL E 13 -10.92 6.51 -18.51
N THR E 14 -11.71 5.72 -19.25
CA THR E 14 -12.42 6.28 -20.39
C THR E 14 -13.50 7.26 -19.94
N THR E 15 -14.28 6.88 -18.93
CA THR E 15 -15.27 7.80 -18.38
C THR E 15 -14.61 9.04 -17.80
N ILE E 16 -13.52 8.86 -17.07
CA ILE E 16 -12.80 10.01 -16.51
C ILE E 16 -12.27 10.88 -17.64
N ASN E 17 -11.52 10.29 -18.58
CA ASN E 17 -10.89 11.08 -19.63
C ASN E 17 -11.92 11.72 -20.56
N ALA E 18 -13.07 11.09 -20.76
CA ALA E 18 -14.12 11.72 -21.56
C ALA E 18 -14.65 12.97 -20.88
N ILE E 19 -14.89 12.90 -19.56
CA ILE E 19 -15.34 14.07 -18.82
C ILE E 19 -14.27 15.16 -18.86
N LEU E 20 -13.02 14.79 -18.59
CA LEU E 20 -11.94 15.77 -18.51
C LEU E 20 -11.71 16.45 -19.85
N THR E 21 -11.80 15.69 -20.95
CA THR E 21 -11.64 16.28 -22.27
C THR E 21 -12.73 17.30 -22.55
N GLU E 22 -13.96 17.00 -22.13
CA GLU E 22 -15.06 17.95 -22.35
C GLU E 22 -14.85 19.24 -21.55
N ILE E 23 -14.31 19.13 -20.33
CA ILE E 23 -14.04 20.32 -19.53
C ILE E 23 -13.00 21.21 -20.22
N PHE E 24 -12.13 20.62 -21.04
CA PHE E 24 -11.09 21.36 -21.73
C PHE E 24 -11.55 21.95 -23.05
N THR E 25 -12.86 21.96 -23.31
CA THR E 25 -13.44 22.73 -24.39
C THR E 25 -14.19 23.95 -23.87
N GLY E 26 -13.94 24.34 -22.61
CA GLY E 26 -14.56 25.49 -22.00
C GLY E 26 -15.82 25.22 -21.22
N LEU E 27 -16.34 23.99 -21.27
CA LEU E 27 -17.61 23.70 -20.60
C LEU E 27 -17.43 23.68 -19.09
N ASN E 28 -18.38 24.30 -18.39
CA ASN E 28 -18.39 24.32 -16.92
C ASN E 28 -19.72 23.72 -16.45
N PRO E 29 -19.78 22.40 -16.31
CA PRO E 29 -21.02 21.76 -15.86
C PRO E 29 -21.31 22.07 -14.39
N ASN E 30 -22.59 22.01 -14.06
CA ASN E 30 -23.03 22.04 -12.66
C ASN E 30 -23.59 20.70 -12.19
N LYS E 31 -23.85 19.77 -13.12
CA LYS E 31 -24.20 18.41 -12.78
C LYS E 31 -23.66 17.49 -13.86
N ILE E 32 -23.07 16.37 -13.44
CA ILE E 32 -22.55 15.36 -14.35
C ILE E 32 -23.24 14.04 -14.04
N ILE E 33 -23.79 13.41 -15.07
CA ILE E 33 -24.56 12.18 -14.94
C ILE E 33 -23.80 11.05 -15.60
N ILE E 34 -23.64 9.94 -14.89
CA ILE E 34 -22.96 8.76 -15.40
C ILE E 34 -23.99 7.64 -15.46
N PHE E 35 -24.36 7.24 -16.68
CA PHE E 35 -25.32 6.17 -16.88
C PHE E 35 -24.56 4.85 -16.95
N ARG E 36 -24.89 3.94 -16.04
CA ARG E 36 -24.14 2.71 -15.85
C ARG E 36 -25.00 1.49 -16.14
N GLU E 37 -24.36 0.44 -16.66
CA GLU E 37 -25.01 -0.85 -16.80
C GLU E 37 -24.99 -1.61 -15.47
N ASP E 38 -23.79 -1.84 -14.94
CA ASP E 38 -23.59 -2.46 -13.64
C ASP E 38 -23.06 -1.44 -12.65
N PRO E 39 -23.32 -1.62 -11.35
CA PRO E 39 -22.72 -0.73 -10.35
C PRO E 39 -21.20 -0.74 -10.43
N GLN E 40 -20.60 0.39 -10.07
CA GLN E 40 -19.15 0.54 -10.13
C GLN E 40 -18.50 -0.08 -8.91
N LYS E 41 -17.31 -0.66 -9.11
CA LYS E 41 -16.55 -1.26 -8.03
C LYS E 41 -16.44 -0.30 -6.84
N LYS E 42 -15.73 0.81 -7.03
CA LYS E 42 -15.76 1.93 -6.07
C LYS E 42 -15.19 3.20 -6.70
N ASP E 43 -15.98 4.27 -6.75
CA ASP E 43 -15.46 5.56 -7.19
C ASP E 43 -14.97 6.36 -6.00
N ILE E 44 -14.51 7.59 -6.27
CA ILE E 44 -14.09 8.50 -5.22
C ILE E 44 -14.58 9.92 -5.55
N LYS E 45 -14.71 10.74 -4.51
CA LYS E 45 -15.00 12.15 -4.64
C LYS E 45 -13.76 12.94 -5.06
N GLY E 46 -12.59 12.30 -5.15
CA GLY E 46 -11.41 12.96 -5.66
C GLY E 46 -11.58 13.48 -7.08
N MET E 47 -12.51 12.88 -7.85
CA MET E 47 -12.89 13.46 -9.12
C MET E 47 -13.49 14.85 -8.94
N GLU E 48 -14.29 15.04 -7.89
CA GLU E 48 -14.84 16.35 -7.60
C GLU E 48 -13.74 17.35 -7.24
N LYS E 49 -12.76 16.92 -6.45
CA LYS E 49 -11.67 17.81 -6.08
C LYS E 49 -10.79 18.15 -7.28
N ALA E 50 -10.51 17.16 -8.14
CA ALA E 50 -9.72 17.42 -9.33
C ALA E 50 -10.44 18.38 -10.27
N LEU E 51 -11.74 18.20 -10.44
CA LEU E 51 -12.53 19.15 -11.22
C LEU E 51 -12.59 20.52 -10.55
N GLU E 52 -12.60 20.55 -9.22
CA GLU E 52 -12.60 21.82 -8.50
C GLU E 52 -11.34 22.62 -8.82
N TYR E 53 -10.19 21.95 -8.90
CA TYR E 53 -8.95 22.64 -9.20
C TYR E 53 -8.92 23.23 -10.60
N LEU E 54 -9.88 22.87 -11.47
CA LEU E 54 -10.00 23.44 -12.80
C LEU E 54 -11.07 24.53 -12.87
N GLY E 55 -11.62 24.94 -11.74
CA GLY E 55 -12.68 25.94 -11.74
C GLY E 55 -14.06 25.40 -11.98
N VAL E 56 -14.30 24.13 -11.68
CA VAL E 56 -15.58 23.48 -11.95
C VAL E 56 -16.10 22.89 -10.64
N ASN E 57 -17.31 23.29 -10.26
CA ASN E 57 -18.05 22.68 -9.16
C ASN E 57 -19.23 21.94 -9.74
N THR E 58 -19.40 20.67 -9.36
CA THR E 58 -20.38 19.82 -10.03
C THR E 58 -20.80 18.69 -9.12
N LEU E 59 -22.09 18.33 -9.17
CA LEU E 59 -22.57 17.09 -8.59
C LEU E 59 -22.35 15.95 -9.58
N ILE E 60 -21.86 14.83 -9.08
CA ILE E 60 -21.54 13.66 -9.91
C ILE E 60 -22.49 12.54 -9.49
N GLU E 61 -23.55 12.33 -10.26
CA GLU E 61 -24.58 11.35 -9.95
C GLU E 61 -24.45 10.15 -10.89
N GLU E 62 -24.44 8.96 -10.31
CA GLU E 62 -24.41 7.71 -11.05
C GLU E 62 -25.80 7.09 -11.06
N LYS E 63 -26.29 6.73 -12.24
CA LYS E 63 -27.62 6.14 -12.40
C LYS E 63 -27.46 4.74 -12.98
N VAL E 64 -27.73 3.73 -12.14
CA VAL E 64 -27.61 2.33 -12.57
C VAL E 64 -28.90 1.91 -13.25
N ILE E 65 -28.77 1.23 -14.39
CA ILE E 65 -29.93 0.91 -15.22
C ILE E 65 -30.09 -0.59 -15.39
N GLY E 66 -29.11 -1.25 -16.02
CA GLY E 66 -29.17 -2.68 -16.24
C GLY E 66 -28.86 -3.02 -17.69
N GLU E 67 -29.26 -4.22 -18.09
CA GLU E 67 -28.95 -4.72 -19.42
C GLU E 67 -29.94 -4.24 -20.47
N GLY E 68 -31.21 -4.17 -20.13
CA GLY E 68 -32.28 -3.99 -21.09
C GLY E 68 -32.18 -2.79 -22.01
N ILE E 69 -32.39 -3.01 -23.31
CA ILE E 69 -32.41 -1.91 -24.27
C ILE E 69 -33.61 -1.01 -24.03
N LYS E 70 -34.77 -1.60 -23.77
CA LYS E 70 -35.94 -0.77 -23.44
C LYS E 70 -35.81 -0.10 -22.07
N LEU E 71 -35.09 -0.71 -21.14
CA LEU E 71 -34.83 -0.03 -19.87
C LEU E 71 -33.91 1.16 -20.07
N TRP E 72 -32.91 1.02 -20.93
CA TRP E 72 -32.07 2.15 -21.30
C TRP E 72 -32.86 3.19 -22.06
N ARG E 73 -33.76 2.75 -22.93
CA ARG E 73 -34.65 3.63 -23.68
C ARG E 73 -35.32 4.65 -22.75
N GLU E 74 -36.04 4.15 -21.76
CA GLU E 74 -36.93 4.98 -20.95
C GLU E 74 -36.14 5.96 -20.07
N LYS E 75 -35.13 5.45 -19.36
CA LYS E 75 -34.43 6.30 -18.39
C LYS E 75 -33.57 7.34 -19.08
N ILE E 76 -33.00 7.03 -20.24
CA ILE E 76 -32.27 8.03 -21.01
C ILE E 76 -33.22 9.12 -21.49
N ARG E 77 -34.39 8.73 -21.99
CA ARG E 77 -35.26 9.67 -22.69
C ARG E 77 -35.72 10.80 -21.78
N ASN E 78 -36.29 10.48 -20.62
CA ASN E 78 -36.90 11.48 -19.76
C ASN E 78 -35.95 11.98 -18.67
N GLU E 79 -34.66 12.05 -18.99
CA GLU E 79 -33.67 12.70 -18.14
C GLU E 79 -33.26 14.01 -18.79
N GLU E 80 -33.30 15.09 -18.02
CA GLU E 80 -32.97 16.41 -18.53
C GLU E 80 -31.45 16.52 -18.66
N ILE E 81 -30.96 16.64 -19.89
CA ILE E 81 -29.53 16.67 -20.17
C ILE E 81 -29.27 17.75 -21.22
N ASP E 82 -28.16 18.47 -21.06
CA ASP E 82 -27.76 19.50 -22.01
C ASP E 82 -26.69 19.04 -22.99
N ILE E 83 -25.68 18.30 -22.51
CA ILE E 83 -24.61 17.79 -23.36
C ILE E 83 -24.35 16.34 -22.95
N PHE E 84 -24.16 15.47 -23.95
CA PHE E 84 -24.04 14.04 -23.73
C PHE E 84 -22.82 13.51 -24.48
N ASP E 85 -21.78 13.14 -23.75
CA ASP E 85 -20.63 12.47 -24.33
C ASP E 85 -20.86 10.97 -24.34
N ILE E 86 -20.54 10.33 -25.46
CA ILE E 86 -20.82 8.91 -25.64
C ILE E 86 -19.57 8.10 -25.95
N THR E 87 -18.39 8.67 -25.70
CA THR E 87 -17.14 7.93 -25.95
C THR E 87 -17.04 6.66 -25.12
N PRO E 88 -17.27 6.65 -23.81
CA PRO E 88 -17.10 5.42 -23.03
C PRO E 88 -18.28 4.47 -23.23
N GLY E 89 -18.10 3.25 -22.72
CA GLY E 89 -19.20 2.31 -22.60
C GLY E 89 -19.44 1.46 -23.83
N ARG E 90 -20.40 0.54 -23.68
CA ARG E 90 -20.75 -0.36 -24.76
C ARG E 90 -21.45 0.38 -25.89
N LYS E 91 -21.45 -0.24 -27.07
CA LYS E 91 -22.03 0.39 -28.25
C LYS E 91 -23.52 0.65 -28.08
N TYR E 92 -24.24 -0.30 -27.45
CA TYR E 92 -25.67 -0.12 -27.28
C TYR E 92 -25.99 1.02 -26.32
N MET E 93 -25.09 1.32 -25.39
CA MET E 93 -25.29 2.47 -24.51
C MET E 93 -25.18 3.78 -25.28
N ALA E 94 -24.18 3.88 -26.17
CA ALA E 94 -24.04 5.09 -26.99
C ALA E 94 -25.20 5.24 -27.96
N LEU E 95 -25.66 4.13 -28.54
CA LEU E 95 -26.82 4.16 -29.43
C LEU E 95 -28.05 4.67 -28.69
N SER E 96 -28.30 4.12 -27.50
CA SER E 96 -29.48 4.54 -26.74
C SER E 96 -29.41 6.01 -26.39
N ALA E 97 -28.25 6.50 -25.98
CA ALA E 97 -28.09 7.92 -25.68
C ALA E 97 -28.29 8.77 -26.93
N THR E 98 -27.65 8.39 -28.03
CA THR E 98 -27.67 9.23 -29.23
C THR E 98 -29.10 9.42 -29.74
N TYR E 99 -29.82 8.32 -29.94
CA TYR E 99 -31.15 8.43 -30.53
C TYR E 99 -32.15 9.08 -29.61
N TYR E 100 -32.04 8.86 -28.29
CA TYR E 100 -33.14 9.12 -27.38
C TYR E 100 -32.84 10.11 -26.26
N SER E 101 -31.64 10.67 -26.19
CA SER E 101 -31.38 11.69 -25.18
C SER E 101 -31.95 13.02 -25.64
N ARG E 102 -32.53 13.75 -24.71
CA ARG E 102 -33.06 15.08 -24.97
C ARG E 102 -31.97 16.15 -24.99
N ALA E 103 -30.71 15.73 -25.13
CA ALA E 103 -29.59 16.65 -25.07
C ALA E 103 -29.56 17.57 -26.27
N GLU E 104 -29.20 18.84 -26.02
CA GLU E 104 -29.01 19.80 -27.10
C GLU E 104 -27.86 19.38 -28.00
N GLU E 105 -26.77 18.87 -27.41
CA GLU E 105 -25.60 18.43 -28.15
C GLU E 105 -25.19 17.04 -27.68
N ILE E 106 -24.75 16.23 -28.63
CA ILE E 106 -24.15 14.93 -28.34
C ILE E 106 -22.75 14.93 -28.95
N ARG E 107 -21.76 14.53 -28.17
CA ARG E 107 -20.36 14.68 -28.54
C ARG E 107 -19.64 13.34 -28.40
N TYR E 108 -18.47 13.27 -29.02
CA TYR E 108 -17.71 12.02 -29.12
C TYR E 108 -16.24 12.37 -29.26
N VAL E 109 -15.42 11.88 -28.34
CA VAL E 109 -13.98 12.12 -28.40
C VAL E 109 -13.38 11.10 -29.35
N TYR E 110 -12.76 11.59 -30.42
CA TYR E 110 -12.24 10.74 -31.49
C TYR E 110 -10.73 10.59 -31.31
N LEU E 111 -10.29 9.38 -31.03
CA LEU E 111 -8.88 9.05 -30.84
C LEU E 111 -8.41 8.29 -32.07
N LYS E 112 -7.57 8.94 -32.89
CA LYS E 112 -7.16 8.35 -34.16
C LYS E 112 -6.35 7.07 -33.95
N ASP E 113 -5.40 7.10 -33.03
CA ASP E 113 -4.53 5.96 -32.76
C ASP E 113 -4.92 5.39 -31.40
N GLU E 114 -5.71 4.33 -31.42
CA GLU E 114 -6.19 3.71 -30.17
C GLU E 114 -5.07 3.09 -29.36
N ARG E 115 -3.91 2.83 -29.97
CA ARG E 115 -2.78 2.28 -29.22
C ARG E 115 -2.27 3.23 -28.15
N GLU E 116 -2.58 4.52 -28.27
CA GLU E 116 -2.22 5.51 -27.27
C GLU E 116 -3.33 5.77 -26.26
N GLY E 117 -4.44 5.04 -26.35
CA GLY E 117 -5.56 5.26 -25.47
C GLY E 117 -5.38 4.60 -24.11
N TYR E 118 -6.38 4.83 -23.25
CA TYR E 118 -6.48 4.18 -21.94
C TYR E 118 -5.30 4.54 -21.05
N ASN E 119 -4.79 5.76 -21.18
CA ASN E 119 -3.75 6.29 -20.31
C ASN E 119 -4.27 7.54 -19.61
N ILE E 120 -3.44 8.08 -18.71
CA ILE E 120 -3.85 9.26 -17.95
C ILE E 120 -4.16 10.42 -18.89
N PHE E 121 -5.13 11.24 -18.50
CA PHE E 121 -5.55 12.35 -19.34
C PHE E 121 -4.39 13.27 -19.66
N GLY E 122 -4.29 13.66 -20.93
CA GLY E 122 -3.19 14.46 -21.43
C GLY E 122 -2.03 13.67 -21.99
N TYR E 123 -2.02 12.34 -21.82
CA TYR E 123 -0.91 11.55 -22.32
C TYR E 123 -0.81 11.62 -23.85
N VAL E 124 -1.93 11.41 -24.53
CA VAL E 124 -1.94 11.52 -25.99
C VAL E 124 -1.84 12.99 -26.38
N PRO E 125 -0.95 13.37 -27.30
CA PRO E 125 -0.85 14.78 -27.70
C PRO E 125 -2.20 15.29 -28.20
N PHE E 126 -2.54 16.51 -27.79
CA PHE E 126 -3.88 17.03 -28.02
C PHE E 126 -4.17 17.30 -29.48
N GLU E 127 -3.14 17.36 -30.33
CA GLU E 127 -3.38 17.48 -31.77
C GLU E 127 -3.90 16.18 -32.38
N GLN E 128 -3.67 15.05 -31.71
CA GLN E 128 -4.13 13.76 -32.19
C GLN E 128 -5.40 13.30 -31.49
N LEU E 129 -6.04 14.19 -30.72
CA LEU E 129 -7.31 13.89 -30.05
C LEU E 129 -8.33 14.92 -30.49
N LYS E 130 -9.52 14.45 -30.89
CA LYS E 130 -10.53 15.31 -31.48
C LYS E 130 -11.86 15.14 -30.77
N VAL E 131 -12.48 16.27 -30.40
CA VAL E 131 -13.83 16.29 -29.86
C VAL E 131 -14.77 16.64 -31.00
N ILE E 132 -15.78 15.79 -31.23
CA ILE E 132 -16.61 15.86 -32.41
C ILE E 132 -18.08 15.95 -32.00
N ASN E 133 -18.80 16.89 -32.61
CA ASN E 133 -20.26 16.84 -32.58
C ASN E 133 -20.74 15.75 -33.52
N VAL E 134 -21.35 14.70 -32.98
CA VAL E 134 -21.73 13.56 -33.81
C VAL E 134 -22.88 13.92 -34.74
N ARG E 135 -23.74 14.87 -34.35
CA ARG E 135 -24.89 15.22 -35.17
C ARG E 135 -24.50 16.02 -36.41
N ILE E 136 -23.47 16.87 -36.31
CA ILE E 136 -23.03 17.66 -37.44
C ILE E 136 -21.69 17.21 -37.99
N GLY E 137 -20.77 16.71 -37.15
CA GLY E 137 -19.50 16.23 -37.62
C GLY E 137 -18.38 17.24 -37.60
N ASP E 138 -18.41 18.21 -36.69
CA ASP E 138 -17.46 19.30 -36.67
C ASP E 138 -16.44 19.10 -35.55
N GLU E 139 -15.17 19.24 -35.88
CA GLU E 139 -14.14 19.32 -34.86
C GLU E 139 -14.33 20.57 -34.02
N ILE E 140 -14.22 20.43 -32.70
CA ILE E 140 -14.56 21.48 -31.77
C ILE E 140 -13.32 21.79 -30.92
N PRO E 141 -12.86 23.04 -30.89
CA PRO E 141 -11.52 23.33 -30.37
C PRO E 141 -11.44 23.23 -28.86
N TYR E 142 -10.20 23.12 -28.38
CA TYR E 142 -9.93 23.07 -26.95
C TYR E 142 -9.87 24.47 -26.38
N ASP E 143 -10.47 24.64 -25.20
CA ASP E 143 -10.39 25.89 -24.42
C ASP E 143 -9.84 25.51 -23.05
N PRO E 144 -8.52 25.43 -22.91
CA PRO E 144 -7.93 24.86 -21.70
C PRO E 144 -8.09 25.79 -20.51
N PRO E 145 -8.74 25.32 -19.45
CA PRO E 145 -8.87 26.14 -18.24
C PRO E 145 -7.60 26.14 -17.41
N LEU E 146 -7.43 27.20 -16.63
CA LEU E 146 -6.33 27.31 -15.69
C LEU E 146 -6.70 26.65 -14.37
N THR E 147 -5.68 26.41 -13.53
CA THR E 147 -5.90 25.81 -12.23
C THR E 147 -6.21 26.89 -11.19
N GLN E 148 -7.01 26.52 -10.19
CA GLN E 148 -7.47 27.45 -9.18
C GLN E 148 -7.51 26.76 -7.82
N ASN E 149 -7.25 27.54 -6.77
CA ASN E 149 -7.34 27.09 -5.38
C ASN E 149 -6.34 25.99 -5.05
N VAL E 150 -5.29 25.83 -5.84
CA VAL E 150 -4.31 24.76 -5.62
C VAL E 150 -3.35 25.23 -4.53
N ASN E 151 -3.53 24.72 -3.31
CA ASN E 151 -2.69 25.13 -2.20
C ASN E 151 -1.30 24.49 -2.26
N GLU E 152 -1.24 23.21 -2.62
CA GLU E 152 0.02 22.46 -2.60
C GLU E 152 0.75 22.64 -3.92
N ALA E 153 2.01 23.08 -3.84
CA ALA E 153 2.83 23.28 -5.02
C ALA E 153 3.52 22.01 -5.49
N GLU E 154 3.84 21.09 -4.58
CA GLU E 154 4.61 19.90 -4.92
C GLU E 154 3.69 18.72 -5.23
N SER E 155 4.09 17.94 -6.23
CA SER E 155 3.40 16.70 -6.57
C SER E 155 4.43 15.67 -7.00
N LEU E 156 4.02 14.40 -7.00
CA LEU E 156 4.84 13.32 -7.51
C LEU E 156 4.22 12.80 -8.79
N LEU E 157 5.01 12.75 -9.87
CA LEU E 157 4.52 12.40 -11.19
C LEU E 157 5.33 11.24 -11.75
N ASP E 158 4.64 10.26 -12.34
CA ASP E 158 5.33 9.22 -13.07
C ASP E 158 5.66 9.71 -14.48
N VAL E 159 6.31 8.85 -15.27
CA VAL E 159 6.79 9.26 -16.58
C VAL E 159 5.63 9.62 -17.50
N ASP E 160 4.57 8.82 -17.47
CA ASP E 160 3.43 9.09 -18.35
C ASP E 160 2.71 10.38 -17.96
N SER E 161 2.58 10.65 -16.66
CA SER E 161 1.91 11.87 -16.24
C SER E 161 2.77 13.10 -16.46
N LEU E 162 4.09 12.95 -16.39
CA LEU E 162 4.98 14.07 -16.73
C LEU E 162 4.81 14.47 -18.18
N ARG E 163 4.73 13.49 -19.08
CA ARG E 163 4.44 13.78 -20.48
C ARG E 163 3.05 14.39 -20.63
N ALA E 164 2.08 13.90 -19.85
CA ALA E 164 0.74 14.49 -19.86
C ALA E 164 0.77 15.94 -19.39
N PHE E 165 1.64 16.26 -18.43
CA PHE E 165 1.79 17.64 -17.97
C PHE E 165 2.27 18.54 -19.11
N ILE E 166 3.23 18.06 -19.90
CA ILE E 166 3.77 18.85 -21.00
C ILE E 166 2.71 19.08 -22.07
N ASN E 167 1.94 18.04 -22.40
CA ASN E 167 0.90 18.18 -23.42
C ASN E 167 -0.19 19.14 -22.98
N ILE E 168 -0.64 19.03 -21.73
CA ILE E 168 -1.67 19.94 -21.22
C ILE E 168 -1.15 21.37 -21.21
N LEU E 169 0.10 21.57 -20.76
CA LEU E 169 0.71 22.89 -20.81
C LEU E 169 0.85 23.39 -22.25
N GLY E 170 1.08 22.49 -23.20
CA GLY E 170 1.25 22.88 -24.59
C GLY E 170 0.00 23.47 -25.21
N LEU E 171 -1.16 23.25 -24.61
CA LEU E 171 -2.38 23.90 -25.08
C LEU E 171 -2.33 25.41 -24.89
N HIS E 172 -1.52 25.90 -23.97
CA HIS E 172 -1.43 27.33 -23.67
C HIS E 172 -0.31 28.03 -24.40
N GLY E 173 0.55 27.32 -25.12
CA GLY E 173 1.63 27.97 -25.83
C GLY E 173 2.83 27.05 -25.94
N LYS E 174 4.01 27.68 -26.04
CA LYS E 174 5.26 26.98 -26.30
C LYS E 174 5.88 26.52 -24.99
N VAL E 175 6.01 25.20 -24.83
CA VAL E 175 6.66 24.60 -23.67
C VAL E 175 8.12 24.38 -23.99
N GLU E 176 8.99 24.69 -23.03
CA GLU E 176 10.43 24.56 -23.23
C GLU E 176 11.08 23.93 -22.02
N ILE E 177 12.17 23.22 -22.26
CA ILE E 177 12.94 22.55 -21.21
C ILE E 177 14.21 23.34 -20.99
N ASN E 178 14.39 23.84 -19.76
CA ASN E 178 15.59 24.56 -19.38
C ASN E 178 16.48 23.67 -18.51
N GLY E 179 17.78 23.96 -18.52
CA GLY E 179 18.75 23.17 -17.81
C GLY E 179 19.54 22.21 -18.67
N ILE E 180 19.13 22.01 -19.92
CA ILE E 180 19.86 21.17 -20.87
C ILE E 180 20.17 22.00 -22.09
N ASP E 181 21.42 21.93 -22.55
CA ASP E 181 21.88 22.65 -23.75
C ASP E 181 21.88 21.64 -24.89
N LEU E 182 20.77 21.62 -25.64
CA LEU E 182 20.54 20.58 -26.64
C LEU E 182 21.58 20.57 -27.75
N GLU E 183 22.26 21.69 -27.99
CA GLU E 183 23.28 21.76 -29.03
C GLU E 183 24.67 21.33 -28.56
N ASN E 184 24.89 21.25 -27.24
CA ASN E 184 26.20 20.86 -26.69
C ASN E 184 26.01 20.01 -25.45
N PRO E 185 25.42 18.82 -25.58
CA PRO E 185 25.25 17.96 -24.42
C PRO E 185 26.55 17.30 -24.01
N ASP E 186 26.77 17.20 -22.70
CA ASP E 186 27.93 16.47 -22.21
C ASP E 186 27.66 14.97 -22.30
N GLN E 187 28.62 14.16 -21.83
CA GLN E 187 28.56 12.72 -22.03
C GLN E 187 27.28 12.12 -21.45
N VAL E 188 26.94 12.50 -20.21
CA VAL E 188 25.74 11.95 -19.60
C VAL E 188 24.49 12.51 -20.26
N GLU E 189 24.50 13.79 -20.61
CA GLU E 189 23.34 14.39 -21.27
C GLU E 189 23.08 13.73 -22.62
N GLU E 190 24.14 13.44 -23.38
CA GLU E 190 23.98 12.66 -24.61
C GLU E 190 23.39 11.29 -24.31
N ILE E 191 23.85 10.65 -23.22
CA ILE E 191 23.33 9.35 -22.83
C ILE E 191 21.83 9.44 -22.53
N CYS E 192 21.42 10.47 -21.78
CA CYS E 192 20.00 10.63 -21.47
C CYS E 192 19.17 10.82 -22.72
N LEU E 193 19.71 11.50 -23.73
CA LEU E 193 18.97 11.69 -24.98
C LEU E 193 18.72 10.37 -25.70
N PHE E 194 19.73 9.49 -25.72
CA PHE E 194 19.51 8.15 -26.27
C PHE E 194 18.52 7.36 -25.43
N ARG E 195 18.63 7.46 -24.09
CA ARG E 195 17.75 6.70 -23.21
C ARG E 195 16.29 7.09 -23.40
N SER E 196 16.02 8.34 -23.75
CA SER E 196 14.66 8.80 -23.97
C SER E 196 14.15 8.53 -25.38
N GLY E 197 15.02 8.11 -26.30
CA GLY E 197 14.62 7.90 -27.67
C GLY E 197 14.67 9.12 -28.55
N LYS E 198 15.06 10.29 -28.02
CA LYS E 198 15.26 11.46 -28.85
C LYS E 198 16.32 11.18 -29.92
N TYR E 199 17.37 10.46 -29.55
CA TYR E 199 18.34 9.91 -30.48
C TYR E 199 18.29 8.40 -30.39
N LYS E 200 18.28 7.75 -31.55
CA LYS E 200 18.23 6.30 -31.62
C LYS E 200 19.34 5.78 -32.52
N TYR E 201 19.61 4.50 -32.42
CA TYR E 201 20.49 3.80 -33.34
C TYR E 201 19.65 3.07 -34.37
N GLU E 202 20.07 3.16 -35.64
CA GLU E 202 19.36 2.46 -36.70
C GLU E 202 19.32 0.96 -36.45
N GLU E 203 20.38 0.41 -35.86
CA GLU E 203 20.48 -1.02 -35.64
C GLU E 203 19.56 -1.52 -34.53
N GLU E 204 18.89 -0.62 -33.81
CA GLU E 204 17.84 -1.05 -32.90
C GLU E 204 16.78 -1.87 -33.63
N LYS E 205 16.49 -1.50 -34.88
CA LYS E 205 15.54 -2.26 -35.68
C LYS E 205 16.05 -3.66 -35.99
N ASP E 206 17.37 -3.86 -35.98
CA ASP E 206 17.91 -5.22 -36.11
C ASP E 206 17.69 -6.04 -34.85
N ILE E 207 17.71 -5.40 -33.68
CA ILE E 207 17.37 -6.09 -32.44
C ILE E 207 15.93 -6.59 -32.51
N ILE E 208 15.02 -5.74 -33.00
CA ILE E 208 13.62 -6.14 -33.15
C ILE E 208 13.51 -7.33 -34.09
N LYS E 209 14.18 -7.26 -35.24
CA LYS E 209 14.10 -8.32 -36.23
C LYS E 209 14.61 -9.64 -35.67
N GLU E 210 15.74 -9.62 -34.98
CA GLU E 210 16.27 -10.84 -34.40
C GLU E 210 15.37 -11.38 -33.30
N ALA E 211 14.64 -10.50 -32.61
CA ALA E 211 13.68 -10.95 -31.61
C ALA E 211 12.55 -11.74 -32.25
N GLU E 212 12.09 -11.31 -33.43
CA GLU E 212 11.06 -12.07 -34.14
C GLU E 212 11.55 -13.45 -34.55
N ARG E 213 12.85 -13.59 -34.80
CA ARG E 213 13.43 -14.87 -35.18
C ARG E 213 13.76 -15.76 -33.99
N GLY E 214 13.51 -15.30 -32.77
CA GLY E 214 13.71 -16.12 -31.60
C GLY E 214 15.14 -16.31 -31.16
N SER E 215 16.04 -15.41 -31.54
CA SER E 215 17.40 -15.48 -31.06
C SER E 215 17.49 -14.97 -29.62
N LEU E 216 18.56 -15.36 -28.94
CA LEU E 216 18.87 -14.86 -27.61
C LEU E 216 19.95 -13.78 -27.71
N PHE E 217 19.92 -12.85 -26.76
CA PHE E 217 20.80 -11.69 -26.79
C PHE E 217 21.69 -11.64 -25.55
N LEU E 218 22.90 -11.13 -25.75
CA LEU E 218 23.75 -10.65 -24.67
C LEU E 218 24.26 -9.27 -25.05
N ALA E 219 24.20 -8.34 -24.12
CA ALA E 219 24.57 -6.95 -24.37
C ALA E 219 25.70 -6.54 -23.45
N ASP E 220 26.58 -5.67 -23.96
CA ASP E 220 27.64 -5.13 -23.12
C ASP E 220 27.14 -3.91 -22.35
N THR E 221 28.04 -3.27 -21.62
CA THR E 221 27.64 -2.24 -20.67
C THR E 221 26.92 -1.08 -21.34
N ASN E 222 27.49 -0.59 -22.45
CA ASN E 222 26.98 0.64 -23.04
C ASN E 222 25.59 0.49 -23.65
N VAL E 223 25.17 -0.73 -23.99
CA VAL E 223 23.80 -0.92 -24.44
C VAL E 223 22.83 -0.60 -23.31
N TYR E 224 23.13 -1.06 -22.09
CA TYR E 224 22.29 -0.72 -20.94
C TYR E 224 22.36 0.76 -20.61
N ILE E 225 23.54 1.37 -20.76
CA ILE E 225 23.69 2.79 -20.47
C ILE E 225 22.91 3.64 -21.47
N ARG E 226 23.08 3.34 -22.77
CA ARG E 226 22.55 4.23 -23.80
C ARG E 226 21.10 3.91 -24.16
N LEU E 227 20.70 2.65 -24.17
CA LEU E 227 19.32 2.30 -24.51
C LEU E 227 18.38 2.37 -23.32
N GLY E 228 18.90 2.11 -22.11
CA GLY E 228 18.11 2.28 -20.91
C GLY E 228 16.90 1.39 -20.88
N ASN E 229 15.79 1.94 -20.36
CA ASN E 229 14.55 1.19 -20.26
C ASN E 229 13.97 0.84 -21.62
N ARG E 230 14.34 1.57 -22.67
CA ARG E 230 13.83 1.29 -24.02
C ARG E 230 14.26 -0.10 -24.50
N LEU E 231 15.32 -0.66 -23.93
CA LEU E 231 15.79 -1.98 -24.36
C LEU E 231 14.76 -3.07 -24.09
N ARG E 232 13.87 -2.86 -23.13
CA ARG E 232 12.86 -3.85 -22.81
C ARG E 232 11.94 -4.12 -24.00
N SER E 233 11.50 -3.06 -24.67
CA SER E 233 10.61 -3.23 -25.83
C SER E 233 11.33 -3.87 -27.01
N LEU E 234 12.59 -3.46 -27.23
CA LEU E 234 13.32 -3.95 -28.40
C LEU E 234 13.55 -5.45 -28.33
N VAL E 235 13.81 -5.99 -27.13
CA VAL E 235 14.17 -7.39 -26.99
C VAL E 235 12.98 -8.27 -26.62
N TYR E 236 11.78 -7.70 -26.50
CA TYR E 236 10.59 -8.49 -26.19
C TYR E 236 9.81 -8.77 -27.47
N ASN E 237 9.46 -10.04 -27.66
CA ASN E 237 8.68 -10.48 -28.81
C ASN E 237 7.49 -11.28 -28.30
N ARG E 238 6.31 -11.00 -28.83
CA ARG E 238 5.08 -11.56 -28.28
C ARG E 238 5.09 -13.09 -28.31
N LYS E 239 5.67 -13.67 -29.36
CA LYS E 239 5.68 -15.13 -29.50
C LYS E 239 6.84 -15.79 -28.77
N TYR E 240 7.99 -15.13 -28.67
CA TYR E 240 9.18 -15.73 -28.08
C TYR E 240 9.53 -15.19 -26.70
N GLY E 241 8.88 -14.12 -26.25
CA GLY E 241 9.10 -13.63 -24.90
C GLY E 241 10.34 -12.74 -24.77
N PHE E 242 10.92 -12.75 -23.59
CA PHE E 242 12.06 -11.89 -23.24
C PHE E 242 13.34 -12.57 -23.67
N ARG E 243 13.98 -12.04 -24.71
CA ARG E 243 15.11 -12.70 -25.35
C ARG E 243 16.47 -12.25 -24.82
N LEU E 244 16.51 -11.22 -23.98
CA LEU E 244 17.79 -10.72 -23.48
C LEU E 244 18.24 -11.56 -22.29
N LEU E 245 19.38 -12.24 -22.45
CA LEU E 245 20.00 -12.95 -21.34
C LEU E 245 20.73 -11.98 -20.42
N SER E 246 20.81 -12.32 -19.15
CA SER E 246 21.47 -11.50 -18.14
C SER E 246 22.96 -11.82 -18.16
N SER E 247 23.74 -11.01 -18.86
CA SER E 247 25.16 -11.28 -19.01
C SER E 247 25.89 -11.15 -17.69
N LYS E 248 26.71 -12.14 -17.37
CA LYS E 248 27.55 -12.07 -16.18
C LYS E 248 28.65 -11.02 -16.36
N ASN E 249 29.25 -10.97 -17.55
CA ASN E 249 30.33 -10.03 -17.79
C ASN E 249 29.85 -8.58 -17.73
N THR E 250 28.66 -8.32 -18.26
CA THR E 250 28.14 -6.95 -18.22
C THR E 250 27.85 -6.50 -16.78
N PHE E 251 27.26 -7.39 -15.97
CA PHE E 251 27.01 -7.02 -14.58
C PHE E 251 28.32 -6.80 -13.83
N ASN E 252 29.33 -7.62 -14.08
CA ASN E 252 30.60 -7.47 -13.39
C ASN E 252 31.23 -6.11 -13.68
N GLU E 253 31.19 -5.68 -14.94
CA GLU E 253 31.72 -4.37 -15.29
C GLU E 253 30.93 -3.24 -14.64
N LEU E 254 29.59 -3.35 -14.66
CA LEU E 254 28.77 -2.35 -13.99
C LEU E 254 28.99 -2.36 -12.49
N TYR E 255 29.13 -3.55 -11.90
CA TYR E 255 29.37 -3.65 -10.46
C TYR E 255 30.70 -3.02 -10.07
N ASN E 256 31.76 -3.28 -10.86
CA ASN E 256 33.08 -2.77 -10.51
C ASN E 256 33.14 -1.24 -10.56
N HIS E 257 32.31 -0.62 -11.39
CA HIS E 257 32.30 0.82 -11.52
C HIS E 257 31.34 1.51 -10.55
N THR E 258 30.52 0.76 -9.84
CA THR E 258 29.50 1.39 -9.00
C THR E 258 29.49 0.87 -7.56
N ALA E 259 29.75 -0.42 -7.35
CA ALA E 259 29.48 -1.07 -6.07
C ALA E 259 30.71 -1.42 -5.25
N GLN E 260 31.92 -1.36 -5.83
CA GLN E 260 33.10 -1.77 -5.09
C GLN E 260 33.45 -0.78 -3.98
N ASP E 261 33.18 0.50 -4.17
CA ASP E 261 33.56 1.52 -3.20
C ASP E 261 32.56 2.66 -3.23
N THR E 262 32.76 3.60 -2.31
CA THR E 262 31.95 4.82 -2.23
C THR E 262 32.71 6.01 -2.79
N GLN E 263 33.44 5.79 -3.89
CA GLN E 263 34.17 6.87 -4.55
C GLN E 263 33.23 8.04 -4.83
N LYS E 264 33.80 9.23 -4.75
CA LYS E 264 33.06 10.46 -5.00
C LYS E 264 32.50 10.42 -6.42
N ILE E 265 31.36 11.07 -6.60
CA ILE E 265 30.59 10.95 -7.83
C ILE E 265 31.15 11.91 -8.88
N ASP E 266 31.63 11.35 -9.99
CA ASP E 266 31.94 12.11 -11.19
C ASP E 266 31.03 11.63 -12.33
N GLU E 267 31.26 12.16 -13.52
CA GLU E 267 30.36 11.88 -14.64
C GLU E 267 30.34 10.40 -14.99
N ASN E 268 31.49 9.72 -14.88
CA ASN E 268 31.55 8.33 -15.30
C ASN E 268 30.87 7.40 -14.30
N LYS E 269 30.79 7.78 -13.02
CA LYS E 269 30.02 6.96 -12.08
C LYS E 269 28.52 7.11 -12.30
N VAL E 270 28.08 8.33 -12.62
CA VAL E 270 26.67 8.54 -12.95
C VAL E 270 26.29 7.75 -14.20
N LYS E 271 27.19 7.73 -15.19
CA LYS E 271 26.92 6.98 -16.42
C LYS E 271 26.78 5.49 -16.13
N PHE E 272 27.71 4.93 -15.34
CA PHE E 272 27.64 3.51 -15.04
C PHE E 272 26.51 3.18 -14.07
N ILE E 273 26.12 4.14 -13.23
CA ILE E 273 24.97 3.94 -12.36
C ILE E 273 23.68 3.87 -13.17
N LEU E 274 23.58 4.68 -14.23
CA LEU E 274 22.43 4.59 -15.12
C LEU E 274 22.36 3.22 -15.79
N GLY E 275 23.51 2.69 -16.21
CA GLY E 275 23.51 1.34 -16.76
C GLY E 275 23.16 0.28 -15.73
N MET E 276 23.68 0.43 -14.51
CA MET E 276 23.41 -0.56 -13.46
C MET E 276 21.93 -0.61 -13.11
N LEU E 277 21.29 0.56 -12.97
CA LEU E 277 19.87 0.60 -12.67
C LEU E 277 19.04 0.02 -13.82
N SER E 278 19.41 0.34 -15.06
CA SER E 278 18.72 -0.25 -16.20
C SER E 278 18.92 -1.77 -16.25
N TYR E 279 20.13 -2.23 -15.95
CA TYR E 279 20.37 -3.67 -15.88
C TYR E 279 19.49 -4.33 -14.82
N ARG E 280 19.40 -3.70 -13.64
CA ARG E 280 18.58 -4.27 -12.57
C ARG E 280 17.10 -4.22 -12.91
N SER E 281 16.67 -3.20 -13.67
CA SER E 281 15.27 -3.13 -14.08
C SER E 281 14.88 -4.28 -15.00
N LEU E 282 15.85 -4.92 -15.65
CA LEU E 282 15.57 -5.98 -16.61
C LEU E 282 15.96 -7.37 -16.12
N HIS E 283 17.00 -7.47 -15.29
CA HIS E 283 17.48 -8.76 -14.82
C HIS E 283 17.68 -8.74 -13.31
N VAL E 284 17.37 -9.86 -12.68
CA VAL E 284 17.99 -10.13 -11.39
C VAL E 284 19.49 -10.32 -11.61
N PRO E 285 20.36 -9.79 -10.76
CA PRO E 285 21.80 -10.00 -10.95
C PRO E 285 22.13 -11.48 -11.06
N PRO E 286 22.56 -11.92 -12.24
CA PRO E 286 22.88 -13.35 -12.41
C PRO E 286 24.08 -13.78 -11.59
N ILE E 287 24.92 -12.84 -11.18
CA ILE E 287 26.10 -13.15 -10.37
C ILE E 287 25.64 -13.33 -8.93
N THR E 288 25.33 -14.58 -8.56
CA THR E 288 25.19 -14.89 -7.15
C THR E 288 26.54 -14.84 -6.46
N SER E 289 27.60 -15.26 -7.16
CA SER E 289 28.97 -15.04 -6.71
C SER E 289 29.91 -15.23 -7.90
N GLN E 290 30.55 -14.15 -8.35
CA GLN E 290 31.67 -14.20 -9.28
C GLN E 290 32.25 -12.79 -9.41
N VAL E 291 33.57 -12.71 -9.48
CA VAL E 291 34.25 -11.43 -9.67
C VAL E 291 35.44 -11.63 -10.60
N ARG E 292 35.27 -11.24 -11.87
CA ARG E 292 36.32 -11.40 -12.88
C ARG E 292 36.12 -10.32 -13.93
N SER E 293 37.15 -9.48 -14.12
CA SER E 293 37.04 -8.26 -14.91
C SER E 293 37.80 -8.44 -16.23
N SER E 294 37.06 -8.58 -17.32
CA SER E 294 37.65 -8.75 -18.64
C SER E 294 37.19 -7.73 -19.67
N GLY E 295 35.90 -7.40 -19.70
CA GLY E 295 35.38 -6.35 -20.54
C GLY E 295 35.17 -6.72 -21.99
N ASP E 296 36.24 -6.79 -22.77
CA ASP E 296 36.12 -7.07 -24.19
C ASP E 296 36.00 -8.57 -24.46
N MET E 297 37.03 -9.34 -24.10
CA MET E 297 37.01 -10.77 -24.36
C MET E 297 36.03 -11.50 -23.45
N GLY E 298 35.67 -10.91 -22.30
CA GLY E 298 34.78 -11.60 -21.38
C GLY E 298 33.39 -11.81 -21.96
N LEU E 299 32.81 -10.77 -22.56
CA LEU E 299 31.49 -10.90 -23.15
C LEU E 299 31.48 -11.87 -24.31
N ILE E 300 32.50 -11.80 -25.18
CA ILE E 300 32.57 -12.72 -26.33
C ILE E 300 32.70 -14.15 -25.84
N ASN E 301 33.57 -14.39 -24.86
CA ASN E 301 33.74 -15.74 -24.33
C ASN E 301 32.47 -16.24 -23.67
N GLU E 302 31.78 -15.36 -22.92
CA GLU E 302 30.51 -15.75 -22.33
C GLU E 302 29.48 -16.10 -23.39
N ALA E 303 29.45 -15.34 -24.48
CA ALA E 303 28.54 -15.65 -25.58
C ALA E 303 28.91 -16.98 -26.24
N LEU E 304 30.21 -17.27 -26.36
CA LEU E 304 30.64 -18.53 -26.95
C LEU E 304 30.24 -19.71 -26.07
N GLU E 305 30.45 -19.59 -24.76
CA GLU E 305 30.10 -20.68 -23.86
C GLU E 305 28.59 -20.95 -23.88
N ILE E 306 27.79 -19.90 -24.03
CA ILE E 306 26.35 -20.08 -24.17
C ILE E 306 26.02 -20.68 -25.52
N LYS E 307 26.71 -20.22 -26.58
CA LYS E 307 26.45 -20.72 -27.93
C LYS E 307 26.62 -22.24 -28.00
N LYS E 308 27.59 -22.78 -27.27
CA LYS E 308 27.84 -24.21 -27.29
C LYS E 308 26.74 -25.03 -26.64
N ASN E 309 25.88 -24.41 -25.82
CA ASN E 309 25.00 -25.16 -24.94
C ASN E 309 23.51 -24.84 -25.09
N VAL E 310 23.12 -24.06 -26.09
CA VAL E 310 21.71 -23.81 -26.36
C VAL E 310 21.46 -23.96 -27.86
N GLU E 311 20.21 -24.32 -28.19
CA GLU E 311 19.83 -24.49 -29.59
C GLU E 311 19.66 -23.17 -30.31
N ASP E 312 19.23 -22.12 -29.61
CA ASP E 312 18.95 -20.85 -30.25
C ASP E 312 20.24 -20.14 -30.66
N ASN E 313 20.13 -19.31 -31.69
CA ASN E 313 21.25 -18.46 -32.07
C ASN E 313 21.45 -17.37 -31.04
N VAL E 314 22.70 -17.06 -30.74
CA VAL E 314 23.07 -16.04 -29.77
C VAL E 314 23.59 -14.83 -30.53
N VAL E 315 22.90 -13.70 -30.38
CA VAL E 315 23.29 -12.45 -30.99
C VAL E 315 23.88 -11.55 -29.92
N LEU E 316 25.05 -10.99 -30.22
CA LEU E 316 25.73 -10.08 -29.31
C LEU E 316 25.41 -8.64 -29.71
N ILE E 317 25.00 -7.83 -28.73
CA ILE E 317 24.69 -6.42 -28.94
C ILE E 317 25.76 -5.58 -28.25
N THR E 318 26.36 -4.66 -28.99
CA THR E 318 27.35 -3.77 -28.42
C THR E 318 27.35 -2.45 -29.19
N ALA E 319 27.85 -1.41 -28.54
CA ALA E 319 28.11 -0.12 -29.16
C ALA E 319 29.58 0.06 -29.50
N ASP E 320 30.40 -0.97 -29.29
CA ASP E 320 31.84 -0.92 -29.52
C ASP E 320 32.14 -1.67 -30.81
N LYS E 321 32.76 -0.97 -31.77
CA LYS E 321 33.06 -1.59 -33.06
C LYS E 321 34.19 -2.61 -32.94
N ALA E 322 35.23 -2.30 -32.16
CA ALA E 322 36.35 -3.22 -32.01
C ALA E 322 35.92 -4.54 -31.40
N LEU E 323 35.08 -4.48 -30.35
CA LEU E 323 34.53 -5.70 -29.77
C LEU E 323 33.64 -6.42 -30.78
N GLY E 324 32.83 -5.68 -31.52
CA GLY E 324 31.94 -6.30 -32.48
C GLY E 324 32.70 -7.03 -33.58
N LEU E 325 33.79 -6.44 -34.06
CA LEU E 325 34.61 -7.13 -35.06
C LEU E 325 35.24 -8.39 -34.50
N THR E 326 35.78 -8.30 -33.28
CA THR E 326 36.39 -9.48 -32.66
C THR E 326 35.37 -10.59 -32.44
N ALA E 327 34.14 -10.22 -32.08
CA ALA E 327 33.08 -11.22 -31.91
C ALA E 327 32.74 -11.88 -33.24
N GLN E 328 32.66 -11.09 -34.31
CA GLN E 328 32.35 -11.66 -35.63
C GLN E 328 33.45 -12.61 -36.09
N SER E 329 34.71 -12.27 -35.81
CA SER E 329 35.82 -13.11 -36.23
C SER E 329 35.73 -14.49 -35.59
N LYS E 330 35.32 -14.56 -34.33
CA LYS E 330 35.13 -15.82 -33.63
C LYS E 330 33.77 -16.46 -33.91
N GLY E 331 33.07 -16.02 -34.96
CA GLY E 331 31.83 -16.64 -35.39
C GLY E 331 30.64 -16.35 -34.51
N LEU E 332 30.30 -15.07 -34.35
CA LEU E 332 29.18 -14.66 -33.51
C LEU E 332 28.31 -13.68 -34.28
N ARG E 333 26.99 -13.92 -34.28
CA ARG E 333 26.06 -12.93 -34.80
C ARG E 333 26.13 -11.68 -33.94
N THR E 334 26.25 -10.53 -34.59
CA THR E 334 26.55 -9.29 -33.88
C THR E 334 25.67 -8.16 -34.40
N ILE E 335 25.18 -7.34 -33.47
CA ILE E 335 24.52 -6.08 -33.78
C ILE E 335 25.34 -4.97 -33.16
N ILE E 336 25.86 -4.08 -34.01
CA ILE E 336 26.74 -3.00 -33.57
C ILE E 336 25.95 -1.70 -33.69
N LEU E 337 25.66 -1.09 -32.54
CA LEU E 337 24.98 0.21 -32.51
C LEU E 337 25.96 1.26 -33.02
N SER E 338 25.77 1.70 -34.25
CA SER E 338 26.68 2.71 -34.80
C SER E 338 25.98 3.91 -35.40
N LYS E 339 24.87 3.72 -36.10
CA LYS E 339 24.28 4.79 -36.90
C LYS E 339 23.27 5.56 -36.06
N VAL E 340 23.60 6.80 -35.76
CA VAL E 340 22.73 7.67 -34.96
C VAL E 340 21.73 8.36 -35.88
N ARG E 341 20.47 8.38 -35.45
CA ARG E 341 19.44 9.19 -36.10
C ARG E 341 18.65 9.93 -35.03
N LYS E 342 18.30 11.18 -35.32
CA LYS E 342 17.53 11.99 -34.40
C LYS E 342 16.04 11.78 -34.69
N GLU E 343 15.27 11.52 -33.64
CA GLU E 343 13.88 11.12 -33.80
C GLU E 343 13.03 12.32 -34.17
N ILE E 344 12.35 12.24 -35.31
CA ILE E 344 11.33 13.21 -35.68
C ILE E 344 9.94 12.78 -35.27
N GLY E 345 9.77 11.52 -34.86
CA GLY E 345 8.49 11.03 -34.40
C GLY E 345 8.35 11.09 -32.90
N GLU E 346 7.73 10.06 -32.30
CA GLU E 346 7.45 10.05 -30.87
C GLU E 346 8.65 9.53 -30.08
N TRP E 347 8.88 10.15 -28.93
CA TRP E 347 9.91 9.72 -27.99
C TRP E 347 9.40 10.02 -26.58
N ASP E 348 10.22 9.71 -25.58
CA ASP E 348 9.81 9.78 -24.17
C ASP E 348 10.40 11.02 -23.53
N ILE E 349 9.64 12.12 -23.56
CA ILE E 349 10.08 13.35 -22.91
C ILE E 349 10.17 13.17 -21.41
N GLY E 350 9.24 12.38 -20.84
CA GLY E 350 9.30 12.12 -19.40
C GLY E 350 10.55 11.39 -18.99
N GLU E 351 10.96 10.39 -19.77
CA GLU E 351 12.20 9.68 -19.48
C GLU E 351 13.41 10.60 -19.52
N LEU E 352 13.44 11.52 -20.50
CA LEU E 352 14.53 12.48 -20.59
C LEU E 352 14.60 13.34 -19.34
N LEU E 353 13.44 13.84 -18.88
CA LEU E 353 13.42 14.69 -17.69
C LEU E 353 13.81 13.90 -16.44
N PHE E 354 13.37 12.64 -16.34
CA PHE E 354 13.80 11.79 -15.25
C PHE E 354 15.32 11.62 -15.26
N CYS E 355 15.89 11.32 -16.43
CA CYS E 355 17.33 11.08 -16.53
C CYS E 355 18.12 12.34 -16.23
N LEU E 356 17.65 13.50 -16.69
CA LEU E 356 18.38 14.75 -16.46
C LEU E 356 18.25 15.20 -15.02
N SER E 357 17.08 15.01 -14.40
CA SER E 357 16.93 15.33 -12.99
C SER E 357 17.84 14.47 -12.13
N PHE E 358 17.94 13.18 -12.46
CA PHE E 358 18.86 12.30 -11.76
C PHE E 358 20.30 12.76 -11.92
N TYR E 359 20.68 13.13 -13.15
CA TYR E 359 22.06 13.54 -13.42
C TYR E 359 22.44 14.77 -12.62
N ASN E 360 21.57 15.78 -12.63
CA ASN E 360 21.92 17.05 -11.99
C ASN E 360 21.79 17.01 -10.47
N ASP E 361 21.00 16.09 -9.93
CA ASP E 361 20.86 15.98 -8.49
C ASP E 361 22.03 15.27 -7.82
N TYR E 362 22.90 14.61 -8.59
CA TYR E 362 24.00 13.86 -8.02
C TYR E 362 25.35 14.15 -8.66
N ARG E 363 25.41 14.92 -9.75
CA ARG E 363 26.67 15.24 -10.39
C ARG E 363 27.52 16.13 -9.50
N ASN E 364 28.82 16.11 -9.75
CA ASN E 364 29.72 17.07 -9.16
C ASN E 364 29.71 18.35 -10.01
N GLY E 365 30.64 19.26 -9.75
CA GLY E 365 30.74 20.45 -10.58
C GLY E 365 29.52 21.36 -10.46
N ILE E 366 29.36 22.19 -11.48
CA ILE E 366 28.27 23.17 -11.52
C ILE E 366 27.04 22.47 -12.09
N ARG E 367 26.10 22.11 -11.21
CA ARG E 367 24.87 21.48 -11.63
C ARG E 367 23.93 22.50 -12.26
N ARG E 368 22.82 22.01 -12.80
CA ARG E 368 21.82 22.85 -13.42
C ARG E 368 20.43 22.50 -12.88
N MET E 369 19.56 23.50 -12.84
CA MET E 369 18.17 23.28 -12.48
C MET E 369 17.39 22.86 -13.73
N ILE E 370 16.60 21.79 -13.59
CA ILE E 370 15.73 21.33 -14.66
C ILE E 370 14.37 21.98 -14.47
N GLU E 371 13.96 22.80 -15.45
CA GLU E 371 12.77 23.62 -15.32
C GLU E 371 11.91 23.48 -16.57
N ILE E 372 10.62 23.73 -16.39
CA ILE E 372 9.64 23.72 -17.47
C ILE E 372 9.02 25.11 -17.55
N SER E 373 9.04 25.70 -18.75
CA SER E 373 8.56 27.05 -18.95
C SER E 373 7.49 27.07 -20.03
N LEU E 374 6.55 28.01 -19.88
CA LEU E 374 5.48 28.21 -20.85
C LEU E 374 5.53 29.66 -21.33
N ASN E 375 5.73 29.83 -22.64
CA ASN E 375 5.83 31.16 -23.25
C ASN E 375 6.94 31.99 -22.60
N GLY E 376 8.06 31.33 -22.28
CA GLY E 376 9.23 32.01 -21.75
C GLY E 376 9.28 32.14 -20.24
N SER E 377 8.16 31.91 -19.55
CA SER E 377 8.10 32.08 -18.10
C SER E 377 8.12 30.72 -17.41
N LYS E 378 8.92 30.62 -16.35
CA LYS E 378 9.08 29.36 -15.63
C LYS E 378 7.76 28.92 -15.01
N ILE E 379 7.44 27.64 -15.17
CA ILE E 379 6.23 27.06 -14.62
C ILE E 379 6.52 26.12 -13.46
N ALA E 380 7.56 25.30 -13.58
CA ALA E 380 7.85 24.31 -12.55
C ALA E 380 9.31 23.90 -12.61
N GLU E 381 9.77 23.26 -11.54
CA GLU E 381 11.11 22.70 -11.44
C GLU E 381 11.00 21.24 -11.03
N LEU E 382 12.04 20.47 -11.33
CA LEU E 382 12.02 19.02 -11.20
C LEU E 382 13.12 18.54 -10.25
N HIS E 383 12.77 17.58 -9.41
CA HIS E 383 13.72 17.01 -8.44
C HIS E 383 13.56 15.49 -8.41
N SER E 384 14.69 14.79 -8.31
CA SER E 384 14.67 13.34 -8.31
C SER E 384 13.96 12.82 -7.06
N TYR E 385 13.53 11.56 -7.14
CA TYR E 385 12.78 10.91 -6.07
C TYR E 385 13.47 9.60 -5.70
N TYR E 386 13.49 9.30 -4.40
CA TYR E 386 14.32 8.20 -3.90
C TYR E 386 13.85 6.85 -4.44
N HIS E 387 12.54 6.66 -4.61
CA HIS E 387 11.98 5.34 -4.86
C HIS E 387 12.16 5.00 -6.34
N LEU E 388 13.06 4.05 -6.63
CA LEU E 388 13.39 3.68 -8.00
C LEU E 388 12.44 2.66 -8.61
N GLN E 389 11.56 2.04 -7.81
CA GLN E 389 10.67 1.03 -8.34
C GLN E 389 9.33 1.61 -8.77
N GLU E 390 8.72 2.45 -7.93
CA GLU E 390 7.58 3.28 -8.35
C GLU E 390 8.19 4.62 -8.75
N ARG E 391 8.61 4.70 -10.02
CA ARG E 391 9.46 5.80 -10.45
C ARG E 391 8.67 7.09 -10.57
N ARG E 392 9.05 8.08 -9.77
CA ARG E 392 8.41 9.38 -9.77
C ARG E 392 9.47 10.48 -9.86
N VAL E 393 9.03 11.66 -10.23
CA VAL E 393 9.82 12.87 -10.11
C VAL E 393 8.98 13.87 -9.30
N LYS E 394 9.66 14.75 -8.57
CA LYS E 394 8.98 15.75 -7.76
C LYS E 394 8.89 17.04 -8.55
N VAL E 395 7.66 17.48 -8.82
CA VAL E 395 7.40 18.71 -9.56
C VAL E 395 6.97 19.78 -8.57
N ARG E 396 7.75 20.86 -8.50
CA ARG E 396 7.40 22.03 -7.72
C ARG E 396 6.94 23.12 -8.70
N VAL E 397 5.65 23.44 -8.66
CA VAL E 397 5.06 24.39 -9.59
C VAL E 397 5.16 25.79 -8.99
N VAL E 398 5.73 26.73 -9.75
CA VAL E 398 5.92 28.10 -9.29
C VAL E 398 4.88 29.04 -9.88
N ASP E 399 3.87 28.52 -10.58
CA ASP E 399 2.79 29.32 -11.15
C ASP E 399 1.47 28.68 -10.75
N LYS E 400 0.74 29.33 -9.85
CA LYS E 400 -0.51 28.76 -9.33
C LYS E 400 -1.55 28.55 -10.43
N ARG E 401 -1.43 29.25 -11.56
CA ARG E 401 -2.40 29.13 -12.64
C ARG E 401 -2.23 27.87 -13.47
N TYR E 402 -1.13 27.14 -13.31
CA TYR E 402 -0.80 26.02 -14.18
C TYR E 402 -0.36 24.80 -13.38
N ASN E 403 -1.05 24.50 -12.29
CA ASN E 403 -0.69 23.37 -11.44
C ASN E 403 -1.51 22.13 -11.80
N TYR E 404 -1.34 21.69 -13.04
CA TYR E 404 -1.91 20.44 -13.53
C TYR E 404 -1.31 19.18 -12.90
N PRO E 405 -0.04 19.19 -12.45
CA PRO E 405 0.48 18.00 -11.76
C PRO E 405 -0.35 17.56 -10.56
N LYS E 406 -0.92 18.49 -9.80
CA LYS E 406 -1.75 18.08 -8.66
C LYS E 406 -3.00 17.34 -9.12
N ILE E 407 -3.61 17.78 -10.22
CA ILE E 407 -4.72 17.04 -10.79
C ILE E 407 -4.27 15.68 -11.29
N LEU E 408 -3.12 15.65 -11.99
CA LEU E 408 -2.60 14.38 -12.49
C LEU E 408 -2.22 13.44 -11.35
N GLU E 409 -1.73 14.00 -10.23
CA GLU E 409 -1.44 13.19 -9.06
C GLU E 409 -2.71 12.54 -8.53
N ILE E 410 -3.79 13.32 -8.40
CA ILE E 410 -5.06 12.78 -7.93
C ILE E 410 -5.61 11.75 -8.91
N LEU E 411 -5.55 12.06 -10.22
CA LEU E 411 -6.04 11.14 -11.23
C LEU E 411 -5.27 9.83 -11.21
N SER E 412 -3.94 9.91 -11.02
CA SER E 412 -3.13 8.69 -10.96
C SER E 412 -3.56 7.81 -9.79
N GLU E 413 -3.93 8.43 -8.66
CA GLU E 413 -4.41 7.65 -7.53
C GLU E 413 -5.73 6.96 -7.85
N ILE E 414 -6.62 7.63 -8.59
CA ILE E 414 -7.88 7.01 -9.01
C ILE E 414 -7.62 5.83 -9.92
N LEU E 415 -6.76 6.02 -10.92
CA LEU E 415 -6.48 4.94 -11.87
C LEU E 415 -5.79 3.76 -11.20
N ALA E 416 -4.97 4.02 -10.18
CA ALA E 416 -4.18 2.96 -9.57
C ALA E 416 -5.04 1.99 -8.77
N THR E 417 -6.19 2.45 -8.24
CA THR E 417 -7.01 1.58 -7.41
C THR E 417 -7.69 0.48 -8.21
N ALA E 418 -7.91 0.70 -9.50
CA ALA E 418 -8.62 -0.25 -10.34
C ALA E 418 -7.95 -1.62 -10.37
#